data_5YHV
#
_entry.id   5YHV
#
_cell.length_a   93.277
_cell.length_b   98.224
_cell.length_c   198.774
_cell.angle_alpha   90.00
_cell.angle_beta   90.00
_cell.angle_gamma   90.00
#
_symmetry.space_group_name_H-M   'P 21 21 21'
#
loop_
_entity.id
_entity.type
_entity.pdbx_description
1 polymer Aminotransferase
2 non-polymer 'GLUTAMIC ACID'
3 non-polymer GLYCEROL
4 non-polymer "PYRIDOXAL-5'-PHOSPHATE"
5 non-polymer '2-OXOGLUTARIC ACID'
6 water water
#
_entity_poly.entity_id   1
_entity_poly.type   'polypeptide(L)'
_entity_poly.pdbx_seq_one_letter_code
;HHHHHHMTDRVALRAGVPPFYVMDVWLAAAERQRTHGDLVNLSAGQPSAGAPEPVRAAAAAALHLNQLGYSVALGIPELR
DAIAADYQRRHGITVEPDAVVITTGSSGGFLLAFLACFDAGDRVAMASPGYPCYRNILSALGCEVVEIPCGPQTRFQPTA
QMLAEIDPPLRGVVVASPANPTGTVIPPEELAAIASWCDASDVRLISDEVYHGLVYQGAPQTSCAWQTSRNAVVVNSFSK
YYAMTGWRLGWLLVPTVLRRAVDCLTGNFTICPPVLSQIAAVSAFTPEATAEADGNLASYAINRSLLLDGLRRIGIDRLA
PTDGAFYVYADVSDFTSDSLAFCSKLLADTGVAIAPGIDFDTARGGSFVRISFAGPSGDIEEALRRIGSWLPSQ
;
_entity_poly.pdbx_strand_id   A,B,C,D
#
# COMPACT_ATOMS: atom_id res chain seq x y z
N HIS A 1 29.94 -37.95 35.79
CA HIS A 1 30.72 -39.21 36.00
C HIS A 1 29.86 -40.45 35.75
N HIS A 2 28.75 -40.58 36.48
CA HIS A 2 27.83 -41.70 36.31
C HIS A 2 26.72 -41.41 35.31
N HIS A 3 26.52 -42.36 34.40
CA HIS A 3 25.39 -42.35 33.49
C HIS A 3 24.13 -42.68 34.25
N HIS A 4 22.98 -42.29 33.70
CA HIS A 4 21.67 -42.59 34.30
C HIS A 4 20.56 -42.51 33.26
N HIS A 5 19.51 -43.29 33.49
CA HIS A 5 18.25 -43.23 32.73
C HIS A 5 17.73 -41.79 32.65
N HIS A 6 17.32 -41.40 31.46
CA HIS A 6 16.66 -40.10 31.25
C HIS A 6 15.18 -40.34 31.15
N MET A 7 14.41 -39.52 31.86
CA MET A 7 12.95 -39.60 31.86
C MET A 7 12.42 -39.44 30.44
N THR A 8 11.46 -40.29 30.08
CA THR A 8 10.86 -40.25 28.73
C THR A 8 10.32 -38.85 28.45
N ASP A 9 10.79 -38.28 27.33
CA ASP A 9 10.35 -36.97 26.85
C ASP A 9 8.93 -37.11 26.27
N ARG A 10 7.98 -36.38 26.87
CA ARG A 10 6.56 -36.60 26.60
C ARG A 10 6.03 -35.79 25.42
N VAL A 11 5.39 -36.49 24.50
CA VAL A 11 4.60 -35.93 23.41
C VAL A 11 3.19 -36.50 23.61
N ALA A 12 2.17 -35.64 23.48
CA ALA A 12 0.78 -36.06 23.63
C ALA A 12 0.39 -37.10 22.58
N LEU A 13 -0.43 -38.06 23.00
CA LEU A 13 -0.92 -39.11 22.10
C LEU A 13 -1.85 -38.57 21.02
N ARG A 14 -2.70 -37.62 21.42
CA ARG A 14 -3.62 -36.91 20.52
C ARG A 14 -2.91 -36.08 19.44
N ALA A 15 -1.70 -35.65 19.75
CA ALA A 15 -0.83 -34.93 18.80
C ALA A 15 -0.35 -35.82 17.66
N GLY A 16 -0.24 -37.12 17.93
CA GLY A 16 0.16 -38.11 16.93
C GLY A 16 -0.91 -38.37 15.89
N VAL A 17 -1.23 -37.34 15.12
CA VAL A 17 -2.16 -37.42 13.99
C VAL A 17 -1.37 -37.49 12.68
N PRO A 18 -1.98 -38.03 11.59
CA PRO A 18 -1.34 -37.94 10.27
C PRO A 18 -1.14 -36.49 9.83
N PRO A 19 -0.07 -36.21 9.05
CA PRO A 19 0.07 -34.87 8.44
C PRO A 19 -0.96 -34.60 7.34
N PHE A 20 -1.10 -33.33 6.96
CA PHE A 20 -1.90 -32.92 5.81
C PHE A 20 -1.00 -33.25 4.64
N TYR A 21 -1.18 -34.44 4.06
CA TYR A 21 -0.21 -34.98 3.08
C TYR A 21 -0.16 -34.23 1.74
N VAL A 22 -1.20 -33.44 1.47
CA VAL A 22 -1.25 -32.62 0.27
C VAL A 22 -0.06 -31.63 0.23
N MET A 23 0.32 -31.10 1.40
CA MET A 23 1.56 -30.32 1.56
C MET A 23 2.83 -31.08 1.19
N ASP A 24 2.89 -32.37 1.56
CA ASP A 24 4.05 -33.24 1.29
C ASP A 24 4.32 -33.44 -0.21
N VAL A 25 3.25 -33.59 -0.98
CA VAL A 25 3.34 -33.66 -2.44
C VAL A 25 3.83 -32.34 -3.03
N TRP A 26 3.39 -31.23 -2.45
CA TRP A 26 3.81 -29.89 -2.87
C TRP A 26 5.32 -29.67 -2.73
N LEU A 27 5.89 -30.24 -1.67
CA LEU A 27 7.34 -30.25 -1.45
C LEU A 27 8.07 -31.04 -2.54
N ALA A 28 7.53 -32.22 -2.88
CA ALA A 28 8.09 -33.09 -3.92
C ALA A 28 8.14 -32.41 -5.30
N ALA A 29 7.06 -31.70 -5.63
CA ALA A 29 6.96 -30.92 -6.87
C ALA A 29 8.02 -29.83 -6.93
N ALA A 30 8.19 -29.10 -5.83
CA ALA A 30 9.15 -28.00 -5.71
C ALA A 30 10.58 -28.43 -6.05
N GLU A 31 10.98 -29.62 -5.59
CA GLU A 31 12.30 -30.20 -5.87
C GLU A 31 12.55 -30.43 -7.36
N ARG A 32 11.51 -30.85 -8.09
CA ARG A 32 11.59 -31.10 -9.55
C ARG A 32 11.95 -29.82 -10.33
N GLN A 33 11.38 -28.69 -9.93
CA GLN A 33 11.71 -27.41 -10.56
C GLN A 33 13.16 -26.97 -10.28
N ARG A 34 13.61 -27.14 -9.05
CA ARG A 34 15.00 -26.84 -8.66
C ARG A 34 16.05 -27.73 -9.34
N THR A 35 15.74 -29.02 -9.48
CA THR A 35 16.67 -30.01 -10.06
C THR A 35 16.56 -30.17 -11.59
N HIS A 36 15.34 -30.10 -12.11
CA HIS A 36 15.07 -30.40 -13.53
C HIS A 36 14.47 -29.22 -14.31
N GLY A 37 13.61 -28.45 -13.66
CA GLY A 37 12.99 -27.25 -14.25
C GLY A 37 11.89 -27.48 -15.28
N ASP A 38 11.37 -28.70 -15.33
CA ASP A 38 10.34 -29.10 -16.27
C ASP A 38 8.98 -29.35 -15.61
N LEU A 39 8.73 -28.72 -14.46
CA LEU A 39 7.54 -28.98 -13.65
C LEU A 39 6.26 -28.44 -14.28
N VAL A 40 5.31 -29.34 -14.48
CA VAL A 40 3.91 -28.99 -14.71
C VAL A 40 3.17 -29.43 -13.45
N ASN A 41 2.58 -28.48 -12.74
CA ASN A 41 1.94 -28.75 -11.45
C ASN A 41 0.41 -28.78 -11.54
N LEU A 42 -0.13 -29.97 -11.32
CA LEU A 42 -1.58 -30.19 -11.26
C LEU A 42 -1.96 -30.82 -9.92
N SER A 43 -1.14 -30.57 -8.91
CA SER A 43 -1.30 -31.16 -7.57
C SER A 43 -1.76 -30.15 -6.50
N ALA A 44 -1.90 -28.89 -6.88
CA ALA A 44 -2.21 -27.81 -5.91
C ALA A 44 -3.66 -27.82 -5.42
N GLY A 45 -3.85 -27.46 -4.16
CA GLY A 45 -5.18 -27.36 -3.54
C GLY A 45 -5.59 -25.92 -3.35
N GLN A 46 -5.16 -25.06 -4.28
CA GLN A 46 -5.40 -23.62 -4.20
C GLN A 46 -5.44 -22.99 -5.60
N PRO A 47 -6.13 -21.83 -5.75
CA PRO A 47 -6.06 -21.09 -7.01
C PRO A 47 -4.67 -20.56 -7.31
N SER A 48 -4.37 -20.43 -8.61
CA SER A 48 -3.12 -19.81 -9.04
C SER A 48 -3.22 -18.29 -9.00
N ALA A 49 -4.44 -17.77 -9.09
CA ALA A 49 -4.73 -16.35 -8.94
C ALA A 49 -4.69 -15.91 -7.48
N GLY A 50 -4.40 -14.63 -7.25
CA GLY A 50 -4.46 -14.02 -5.93
C GLY A 50 -5.79 -13.32 -5.69
N ALA A 51 -5.83 -12.51 -4.64
CA ALA A 51 -7.02 -11.74 -4.26
C ALA A 51 -7.44 -10.77 -5.37
N PRO A 52 -8.75 -10.49 -5.51
CA PRO A 52 -9.18 -9.52 -6.52
C PRO A 52 -8.65 -8.12 -6.21
N GLU A 53 -8.46 -7.31 -7.25
CA GLU A 53 -7.88 -5.97 -7.10
C GLU A 53 -8.62 -5.01 -6.14
N PRO A 54 -9.97 -5.05 -6.09
CA PRO A 54 -10.65 -4.23 -5.07
C PRO A 54 -10.32 -4.62 -3.63
N VAL A 55 -10.09 -5.92 -3.39
CA VAL A 55 -9.69 -6.42 -2.08
C VAL A 55 -8.28 -5.91 -1.74
N ARG A 56 -7.36 -6.03 -2.70
CA ARG A 56 -5.99 -5.54 -2.54
C ARG A 56 -5.93 -4.03 -2.31
N ALA A 57 -6.76 -3.30 -3.05
CA ALA A 57 -6.87 -1.84 -2.92
C ALA A 57 -7.37 -1.41 -1.54
N ALA A 58 -8.36 -2.14 -1.03
CA ALA A 58 -8.92 -1.88 0.30
C ALA A 58 -7.90 -2.13 1.40
N ALA A 59 -7.09 -3.17 1.25
CA ALA A 59 -6.00 -3.48 2.18
C ALA A 59 -4.91 -2.40 2.16
N ALA A 60 -4.53 -1.98 0.95
CA ALA A 60 -3.53 -0.92 0.73
C ALA A 60 -3.94 0.40 1.39
N ALA A 61 -5.22 0.75 1.25
CA ALA A 61 -5.79 1.94 1.89
C ALA A 61 -5.87 1.81 3.41
N ALA A 62 -6.25 0.62 3.89
CA ALA A 62 -6.38 0.34 5.32
C ALA A 62 -5.05 0.44 6.07
N LEU A 63 -3.95 0.09 5.39
CA LEU A 63 -2.60 0.24 5.96
C LEU A 63 -2.24 1.70 6.30
N HIS A 64 -2.88 2.63 5.60
CA HIS A 64 -2.72 4.05 5.84
C HIS A 64 -3.77 4.60 6.80
N LEU A 65 -5.01 4.14 6.68
CA LEU A 65 -6.15 4.71 7.41
C LEU A 65 -6.52 4.04 8.74
N ASN A 66 -6.12 2.78 8.90
CA ASN A 66 -6.53 2.00 10.06
C ASN A 66 -5.34 1.53 10.91
N GLN A 67 -5.53 1.61 12.23
CA GLN A 67 -4.56 1.16 13.24
C GLN A 67 -4.28 -0.34 13.13
N LEU A 68 -5.29 -1.09 12.69
CA LEU A 68 -5.27 -2.55 12.62
C LEU A 68 -5.04 -3.20 13.99
N GLY A 69 -5.77 -2.70 14.99
CA GLY A 69 -5.85 -3.33 16.30
C GLY A 69 -6.80 -4.50 16.26
N TYR A 70 -7.03 -5.14 17.41
CA TYR A 70 -8.02 -6.21 17.52
C TYR A 70 -9.41 -5.70 17.15
N SER A 71 -10.12 -6.48 16.33
CA SER A 71 -11.53 -6.23 16.09
C SER A 71 -12.35 -6.93 17.19
N VAL A 72 -13.66 -6.71 17.19
CA VAL A 72 -14.57 -7.51 18.00
C VAL A 72 -14.45 -8.98 17.59
N ALA A 73 -14.55 -9.89 18.54
CA ALA A 73 -14.28 -11.33 18.35
C ALA A 73 -14.99 -11.96 17.16
N LEU A 74 -16.27 -11.63 17.00
CA LEU A 74 -17.12 -12.23 15.95
C LEU A 74 -16.85 -11.65 14.55
N GLY A 75 -16.08 -10.57 14.49
CA GLY A 75 -15.75 -9.92 13.22
C GLY A 75 -16.44 -8.60 13.03
N ILE A 76 -15.85 -7.74 12.19
CA ILE A 76 -16.37 -6.38 11.94
C ILE A 76 -17.80 -6.40 11.36
N PRO A 77 -18.68 -5.49 11.84
CA PRO A 77 -20.06 -5.42 11.36
C PRO A 77 -20.19 -5.34 9.83
N GLU A 78 -19.32 -4.54 9.19
CA GLU A 78 -19.37 -4.32 7.75
C GLU A 78 -19.24 -5.60 6.92
N LEU A 79 -18.31 -6.47 7.34
CA LEU A 79 -18.07 -7.75 6.67
C LEU A 79 -19.20 -8.74 6.95
N ARG A 80 -19.69 -8.74 8.18
CA ARG A 80 -20.84 -9.56 8.59
C ARG A 80 -22.10 -9.17 7.80
N ASP A 81 -22.34 -7.87 7.68
CA ASP A 81 -23.45 -7.32 6.90
C ASP A 81 -23.35 -7.70 5.42
N ALA A 82 -22.14 -7.62 4.86
CA ALA A 82 -21.88 -7.92 3.46
C ALA A 82 -22.13 -9.40 3.12
N ILE A 83 -21.70 -10.29 4.01
CA ILE A 83 -21.89 -11.74 3.86
C ILE A 83 -23.38 -12.10 3.93
N ALA A 84 -24.07 -11.58 4.94
CA ALA A 84 -25.52 -11.77 5.11
C ALA A 84 -26.32 -11.29 3.88
N ALA A 85 -25.94 -10.14 3.34
CA ALA A 85 -26.57 -9.56 2.15
C ALA A 85 -26.27 -10.36 0.87
N ASP A 86 -25.14 -11.07 0.85
CA ASP A 86 -24.74 -11.89 -0.30
C ASP A 86 -25.61 -13.14 -0.44
N TYR A 87 -26.01 -13.72 0.69
CA TYR A 87 -26.94 -14.86 0.72
C TYR A 87 -28.30 -14.52 0.13
N GLN A 88 -28.76 -13.29 0.38
CA GLN A 88 -29.99 -12.77 -0.21
C GLN A 88 -29.83 -12.46 -1.69
N ARG A 89 -28.88 -11.56 -2.00
CA ARG A 89 -28.68 -11.02 -3.35
C ARG A 89 -28.36 -12.07 -4.42
N ARG A 90 -27.65 -13.12 -4.04
CA ARG A 90 -27.22 -14.15 -4.96
C ARG A 90 -28.03 -15.46 -4.89
N HIS A 91 -28.51 -15.81 -3.70
CA HIS A 91 -29.14 -17.13 -3.47
C HIS A 91 -30.53 -17.10 -2.81
N GLY A 92 -31.05 -15.90 -2.57
CA GLY A 92 -32.43 -15.70 -2.10
C GLY A 92 -32.79 -16.28 -0.75
N ILE A 93 -31.81 -16.40 0.14
CA ILE A 93 -32.04 -16.85 1.52
C ILE A 93 -31.76 -15.69 2.47
N THR A 94 -32.68 -15.45 3.41
CA THR A 94 -32.56 -14.37 4.39
C THR A 94 -31.72 -14.84 5.58
N VAL A 95 -30.58 -14.19 5.76
CA VAL A 95 -29.66 -14.49 6.86
C VAL A 95 -29.43 -13.20 7.65
N GLU A 96 -29.66 -13.30 8.97
CA GLU A 96 -29.39 -12.20 9.89
C GLU A 96 -27.87 -12.05 10.09
N PRO A 97 -27.36 -10.79 10.14
CA PRO A 97 -25.93 -10.54 10.40
C PRO A 97 -25.38 -11.26 11.63
N ASP A 98 -26.20 -11.43 12.67
CA ASP A 98 -25.82 -12.12 13.91
C ASP A 98 -25.55 -13.62 13.73
N ALA A 99 -26.10 -14.20 12.66
CA ALA A 99 -25.84 -15.60 12.29
C ALA A 99 -24.41 -15.79 11.78
N VAL A 100 -23.86 -14.75 11.16
CA VAL A 100 -22.52 -14.78 10.59
C VAL A 100 -21.47 -14.54 11.68
N VAL A 101 -20.47 -15.43 11.73
CA VAL A 101 -19.31 -15.29 12.59
C VAL A 101 -18.08 -15.39 11.71
N ILE A 102 -17.24 -14.36 11.72
CA ILE A 102 -16.00 -14.33 10.93
C ILE A 102 -14.94 -15.18 11.63
N THR A 103 -14.20 -15.96 10.84
CA THR A 103 -13.20 -16.91 11.36
C THR A 103 -11.87 -16.80 10.61
N THR A 104 -10.80 -17.28 11.25
CA THR A 104 -9.46 -17.35 10.64
C THR A 104 -9.40 -18.53 9.66
N GLY A 105 -9.92 -18.29 8.45
CA GLY A 105 -10.14 -19.33 7.45
C GLY A 105 -11.27 -20.26 7.86
N SER A 106 -11.62 -21.18 6.96
CA SER A 106 -12.56 -22.25 7.30
C SER A 106 -11.94 -23.24 8.28
N SER A 107 -10.61 -23.39 8.21
CA SER A 107 -9.83 -24.16 9.18
C SER A 107 -10.05 -23.71 10.61
N GLY A 108 -10.09 -22.39 10.82
CA GLY A 108 -10.43 -21.80 12.11
C GLY A 108 -11.89 -22.02 12.45
N GLY A 109 -12.74 -21.97 11.42
CA GLY A 109 -14.17 -22.22 11.54
C GLY A 109 -14.49 -23.64 11.99
N PHE A 110 -13.77 -24.61 11.43
CA PHE A 110 -13.92 -26.02 11.83
C PHE A 110 -13.53 -26.27 13.28
N LEU A 111 -12.45 -25.62 13.73
CA LEU A 111 -12.02 -25.69 15.13
C LEU A 111 -13.12 -25.22 16.07
N LEU A 112 -13.75 -24.10 15.73
CA LEU A 112 -14.86 -23.54 16.52
C LEU A 112 -16.09 -24.44 16.46
N ALA A 113 -16.45 -24.87 15.24
CA ALA A 113 -17.61 -25.74 15.03
C ALA A 113 -17.50 -27.06 15.78
N PHE A 114 -16.33 -27.69 15.73
CA PHE A 114 -16.13 -28.99 16.39
C PHE A 114 -16.11 -28.89 17.92
N LEU A 115 -15.51 -27.81 18.44
CA LEU A 115 -15.47 -27.58 19.90
C LEU A 115 -16.83 -27.17 20.48
N ALA A 116 -17.61 -26.41 19.71
CA ALA A 116 -18.93 -25.95 20.15
C ALA A 116 -20.00 -27.05 20.06
N CYS A 117 -19.89 -27.91 19.05
CA CYS A 117 -20.91 -28.93 18.78
C CYS A 117 -20.67 -30.27 19.45
N PHE A 118 -19.41 -30.67 19.58
CA PHE A 118 -19.06 -32.02 20.02
C PHE A 118 -18.16 -32.07 21.24
N ASP A 119 -18.45 -33.01 22.12
CA ASP A 119 -17.57 -33.37 23.23
C ASP A 119 -16.61 -34.47 22.79
N ALA A 120 -15.55 -34.70 23.57
CA ALA A 120 -14.61 -35.80 23.33
C ALA A 120 -15.36 -37.13 23.41
N GLY A 121 -15.12 -38.00 22.43
CA GLY A 121 -15.77 -39.31 22.36
C GLY A 121 -17.01 -39.36 21.47
N ASP A 122 -17.48 -38.20 21.02
CA ASP A 122 -18.62 -38.12 20.12
C ASP A 122 -18.32 -38.68 18.74
N ARG A 123 -19.30 -39.38 18.17
CA ARG A 123 -19.17 -40.01 16.87
C ARG A 123 -19.58 -39.01 15.79
N VAL A 124 -18.60 -38.68 14.94
CA VAL A 124 -18.81 -37.75 13.82
C VAL A 124 -18.47 -38.47 12.51
N ALA A 125 -19.42 -38.44 11.58
CA ALA A 125 -19.30 -39.13 10.30
C ALA A 125 -18.94 -38.19 9.14
N MET A 126 -18.23 -38.75 8.16
CA MET A 126 -17.79 -38.03 6.95
C MET A 126 -17.54 -38.99 5.79
N ALA A 127 -17.70 -38.49 4.58
CA ALA A 127 -17.44 -39.26 3.37
C ALA A 127 -15.96 -39.56 3.19
N SER A 128 -15.69 -40.74 2.66
CA SER A 128 -14.36 -41.14 2.21
C SER A 128 -14.51 -41.62 0.75
N PRO A 129 -13.79 -41.01 -0.21
CA PRO A 129 -12.76 -39.99 0.04
C PRO A 129 -13.29 -38.62 0.43
N GLY A 130 -12.45 -37.87 1.14
CA GLY A 130 -12.76 -36.50 1.55
C GLY A 130 -11.52 -35.72 1.92
N TYR A 131 -11.76 -34.50 2.41
CA TYR A 131 -10.70 -33.62 2.87
C TYR A 131 -10.08 -34.21 4.14
N PRO A 132 -8.77 -34.53 4.10
CA PRO A 132 -8.10 -35.25 5.20
C PRO A 132 -8.13 -34.55 6.56
N CYS A 133 -8.15 -33.21 6.54
CA CYS A 133 -8.05 -32.39 7.74
C CYS A 133 -9.24 -32.50 8.72
N TYR A 134 -10.44 -32.80 8.21
CA TYR A 134 -11.60 -33.03 9.11
C TYR A 134 -11.31 -34.18 10.07
N ARG A 135 -10.83 -35.31 9.54
CA ARG A 135 -10.46 -36.48 10.31
C ARG A 135 -9.41 -36.13 11.37
N ASN A 136 -8.36 -35.42 10.91
CA ASN A 136 -7.21 -35.10 11.76
C ASN A 136 -7.50 -34.08 12.85
N ILE A 137 -8.35 -33.09 12.57
CA ILE A 137 -8.80 -32.13 13.57
C ILE A 137 -9.67 -32.82 14.62
N LEU A 138 -10.67 -33.58 14.16
CA LEU A 138 -11.59 -34.30 15.04
C LEU A 138 -10.90 -35.33 15.91
N SER A 139 -9.92 -36.04 15.34
CA SER A 139 -9.10 -37.01 16.09
C SER A 139 -8.31 -36.34 17.20
N ALA A 140 -7.64 -35.23 16.87
CA ALA A 140 -6.86 -34.46 17.83
C ALA A 140 -7.72 -33.85 18.93
N LEU A 141 -8.95 -33.46 18.58
CA LEU A 141 -9.92 -32.92 19.55
C LEU A 141 -10.67 -34.02 20.32
N GLY A 142 -10.26 -35.27 20.14
CA GLY A 142 -10.76 -36.40 20.93
C GLY A 142 -12.08 -37.02 20.50
N CYS A 143 -12.55 -36.66 19.31
CA CYS A 143 -13.78 -37.25 18.74
C CYS A 143 -13.52 -38.59 18.07
N GLU A 144 -14.59 -39.37 17.88
CA GLU A 144 -14.53 -40.63 17.16
C GLU A 144 -14.99 -40.40 15.72
N VAL A 145 -14.07 -40.63 14.78
CA VAL A 145 -14.33 -40.39 13.35
C VAL A 145 -14.89 -41.64 12.69
N VAL A 146 -16.07 -41.49 12.09
CA VAL A 146 -16.75 -42.57 11.38
C VAL A 146 -16.66 -42.32 9.88
N GLU A 147 -15.80 -43.08 9.21
CA GLU A 147 -15.66 -43.01 7.75
C GLU A 147 -16.90 -43.65 7.10
N ILE A 148 -17.45 -42.98 6.11
CA ILE A 148 -18.50 -43.54 5.25
C ILE A 148 -17.89 -43.70 3.86
N PRO A 149 -17.52 -44.94 3.47
CA PRO A 149 -16.96 -45.15 2.14
C PRO A 149 -18.00 -44.85 1.06
N CYS A 150 -17.63 -43.97 0.14
CA CYS A 150 -18.52 -43.55 -0.94
C CYS A 150 -17.85 -43.78 -2.28
N GLY A 151 -18.65 -44.15 -3.28
CA GLY A 151 -18.15 -44.48 -4.60
C GLY A 151 -19.06 -44.00 -5.71
N PRO A 152 -18.81 -44.46 -6.96
CA PRO A 152 -19.58 -44.04 -8.14
C PRO A 152 -21.10 -44.22 -8.01
N GLN A 153 -21.51 -45.27 -7.29
CA GLN A 153 -22.92 -45.59 -7.07
C GLN A 153 -23.71 -44.40 -6.48
N THR A 154 -23.12 -43.74 -5.48
CA THR A 154 -23.79 -42.64 -4.78
C THR A 154 -23.17 -41.28 -5.06
N ARG A 155 -22.51 -41.12 -6.21
CA ARG A 155 -21.88 -39.84 -6.61
C ARG A 155 -20.78 -39.33 -5.67
N PHE A 156 -20.17 -40.26 -4.95
CA PHE A 156 -19.03 -40.03 -4.02
C PHE A 156 -19.44 -39.18 -2.82
N GLN A 157 -20.74 -39.07 -2.63
CA GLN A 157 -21.34 -38.29 -1.57
C GLN A 157 -22.27 -39.18 -0.76
N PRO A 158 -22.35 -38.94 0.57
CA PRO A 158 -23.28 -39.66 1.45
C PRO A 158 -24.74 -39.43 1.10
N THR A 159 -25.59 -40.34 1.57
CA THR A 159 -27.05 -40.19 1.45
C THR A 159 -27.67 -40.30 2.85
N ALA A 160 -28.89 -39.80 2.99
CA ALA A 160 -29.70 -39.93 4.22
C ALA A 160 -29.84 -41.40 4.66
N GLN A 161 -30.20 -42.25 3.70
CA GLN A 161 -30.31 -43.70 3.88
C GLN A 161 -29.00 -44.30 4.40
N MET A 162 -27.88 -43.92 3.78
CA MET A 162 -26.56 -44.35 4.21
C MET A 162 -26.27 -43.97 5.65
N LEU A 163 -26.67 -42.75 6.03
CA LEU A 163 -26.55 -42.28 7.41
C LEU A 163 -27.45 -43.08 8.34
N ALA A 164 -28.69 -43.34 7.89
CA ALA A 164 -29.69 -44.08 8.68
C ALA A 164 -29.21 -45.46 9.11
N GLU A 165 -28.43 -46.11 8.23
CA GLU A 165 -27.91 -47.46 8.46
C GLU A 165 -26.78 -47.55 9.48
N ILE A 166 -26.17 -46.42 9.84
CA ILE A 166 -25.00 -46.39 10.71
C ILE A 166 -25.35 -46.72 12.16
N ASP A 167 -24.57 -47.64 12.75
CA ASP A 167 -24.74 -48.08 14.13
C ASP A 167 -23.35 -48.33 14.74
N PRO A 168 -23.07 -47.85 15.98
CA PRO A 168 -24.00 -47.10 16.85
C PRO A 168 -24.34 -45.68 16.36
N PRO A 169 -25.34 -45.00 16.98
CA PRO A 169 -25.75 -43.66 16.53
C PRO A 169 -24.63 -42.63 16.45
N LEU A 170 -24.84 -41.62 15.61
CA LEU A 170 -23.90 -40.53 15.41
C LEU A 170 -24.33 -39.29 16.18
N ARG A 171 -23.35 -38.46 16.55
CA ARG A 171 -23.61 -37.14 17.12
C ARG A 171 -23.48 -36.04 16.06
N GLY A 172 -22.64 -36.29 15.05
CA GLY A 172 -22.38 -35.33 13.98
C GLY A 172 -22.15 -35.91 12.61
N VAL A 173 -22.45 -35.11 11.59
CA VAL A 173 -22.16 -35.45 10.18
C VAL A 173 -21.52 -34.24 9.50
N VAL A 174 -20.40 -34.47 8.81
CA VAL A 174 -19.75 -33.46 7.99
C VAL A 174 -19.93 -33.81 6.50
N VAL A 175 -20.55 -32.89 5.75
CA VAL A 175 -20.65 -33.01 4.30
C VAL A 175 -19.97 -31.82 3.60
N ALA A 176 -19.42 -32.07 2.42
CA ALA A 176 -18.75 -31.04 1.62
C ALA A 176 -19.26 -31.07 0.18
N SER A 177 -19.75 -29.93 -0.29
CA SER A 177 -20.32 -29.80 -1.63
C SER A 177 -20.06 -28.39 -2.16
N PRO A 178 -19.25 -28.23 -3.22
CA PRO A 178 -18.44 -29.29 -3.85
C PRO A 178 -17.33 -29.78 -2.93
N ALA A 179 -16.90 -31.02 -3.13
CA ALA A 179 -15.92 -31.65 -2.25
C ALA A 179 -14.50 -31.69 -2.81
N ASN A 180 -13.52 -31.66 -1.91
CA ASN A 180 -12.15 -32.06 -2.19
C ASN A 180 -12.10 -33.52 -1.73
N PRO A 181 -11.72 -34.47 -2.60
CA PRO A 181 -11.04 -34.25 -3.89
C PRO A 181 -11.85 -34.50 -5.16
N THR A 182 -13.13 -34.85 -5.00
CA THR A 182 -13.95 -35.33 -6.10
C THR A 182 -14.41 -34.21 -7.02
N GLY A 183 -14.77 -33.08 -6.42
CA GLY A 183 -15.42 -31.98 -7.12
C GLY A 183 -16.93 -32.16 -7.26
N THR A 184 -17.47 -33.26 -6.72
CA THR A 184 -18.90 -33.56 -6.86
C THR A 184 -19.68 -32.68 -5.90
N VAL A 185 -20.87 -32.25 -6.35
CA VAL A 185 -21.82 -31.59 -5.47
C VAL A 185 -22.93 -32.55 -5.03
N ILE A 186 -23.33 -32.45 -3.77
CA ILE A 186 -24.52 -33.14 -3.29
C ILE A 186 -25.72 -32.42 -3.95
N PRO A 187 -26.58 -33.17 -4.67
CA PRO A 187 -27.78 -32.58 -5.27
C PRO A 187 -28.71 -31.96 -4.20
N PRO A 188 -29.37 -30.82 -4.53
CA PRO A 188 -30.20 -30.09 -3.55
C PRO A 188 -31.16 -30.97 -2.75
N GLU A 189 -31.85 -31.90 -3.44
CA GLU A 189 -32.77 -32.84 -2.81
C GLU A 189 -32.08 -33.71 -1.75
N GLU A 190 -30.92 -34.26 -2.11
CA GLU A 190 -30.18 -35.16 -1.22
C GLU A 190 -29.64 -34.45 0.02
N LEU A 191 -29.10 -33.24 -0.18
CA LEU A 191 -28.62 -32.42 0.94
C LEU A 191 -29.74 -32.05 1.91
N ALA A 192 -30.90 -31.68 1.34
CA ALA A 192 -32.12 -31.41 2.10
C ALA A 192 -32.55 -32.63 2.92
N ALA A 193 -32.51 -33.79 2.26
CA ALA A 193 -32.83 -35.07 2.90
C ALA A 193 -31.87 -35.34 4.06
N ILE A 194 -30.56 -35.18 3.79
CA ILE A 194 -29.51 -35.31 4.80
C ILE A 194 -29.74 -34.32 5.96
N ALA A 195 -30.08 -33.08 5.61
CA ALA A 195 -30.37 -32.04 6.59
C ALA A 195 -31.58 -32.40 7.45
N SER A 196 -32.66 -32.84 6.80
CA SER A 196 -33.90 -33.25 7.48
C SER A 196 -33.67 -34.44 8.41
N TRP A 197 -32.96 -35.45 7.91
CA TRP A 197 -32.62 -36.63 8.69
C TRP A 197 -31.93 -36.25 10.00
N CYS A 198 -30.92 -35.39 9.89
CA CYS A 198 -30.13 -34.91 11.02
C CYS A 198 -31.00 -34.30 12.13
N ASP A 199 -31.91 -33.41 11.75
CA ASP A 199 -32.87 -32.80 12.69
C ASP A 199 -33.67 -33.88 13.44
N ALA A 200 -34.26 -34.80 12.67
CA ALA A 200 -35.07 -35.88 13.20
C ALA A 200 -34.27 -36.80 14.14
N SER A 201 -33.02 -37.06 13.77
CA SER A 201 -32.16 -37.97 14.51
C SER A 201 -31.37 -37.28 15.64
N ASP A 202 -31.59 -35.98 15.81
CA ASP A 202 -30.85 -35.13 16.78
C ASP A 202 -29.32 -35.19 16.57
N VAL A 203 -28.92 -35.14 15.30
CA VAL A 203 -27.51 -35.19 14.88
C VAL A 203 -27.14 -33.82 14.30
N ARG A 204 -25.97 -33.30 14.70
CA ARG A 204 -25.52 -32.01 14.20
C ARG A 204 -24.90 -32.12 12.81
N LEU A 205 -25.37 -31.29 11.87
CA LEU A 205 -24.78 -31.24 10.53
C LEU A 205 -23.79 -30.09 10.35
N ILE A 206 -22.60 -30.44 9.88
CA ILE A 206 -21.58 -29.47 9.51
C ILE A 206 -21.49 -29.48 7.98
N SER A 207 -21.97 -28.39 7.38
CA SER A 207 -22.00 -28.26 5.93
C SER A 207 -20.83 -27.41 5.43
N ASP A 208 -19.82 -28.09 4.87
CA ASP A 208 -18.71 -27.42 4.21
C ASP A 208 -19.18 -26.93 2.85
N GLU A 209 -19.21 -25.61 2.72
CA GLU A 209 -19.70 -24.93 1.53
C GLU A 209 -18.60 -24.01 0.95
N VAL A 210 -17.36 -24.39 1.22
CA VAL A 210 -16.14 -23.65 0.88
C VAL A 210 -15.98 -23.41 -0.63
N TYR A 211 -16.35 -24.39 -1.45
CA TYR A 211 -16.19 -24.29 -2.90
C TYR A 211 -17.41 -23.74 -3.66
N HIS A 212 -18.42 -23.28 -2.92
CA HIS A 212 -19.57 -22.57 -3.50
C HIS A 212 -19.11 -21.39 -4.34
N GLY A 213 -19.76 -21.21 -5.49
CA GLY A 213 -19.35 -20.19 -6.46
C GLY A 213 -18.49 -20.76 -7.57
N LEU A 214 -17.87 -21.90 -7.31
CA LEU A 214 -17.05 -22.59 -8.31
C LEU A 214 -17.76 -23.86 -8.75
N VAL A 215 -18.72 -23.68 -9.66
CA VAL A 215 -19.56 -24.75 -10.21
C VAL A 215 -19.61 -24.69 -11.73
N TYR A 216 -19.76 -25.85 -12.37
CA TYR A 216 -19.69 -25.94 -13.82
C TYR A 216 -21.05 -26.15 -14.47
N GLN A 217 -21.17 -25.78 -15.75
CA GLN A 217 -22.45 -25.90 -16.47
C GLN A 217 -22.90 -27.36 -16.59
N GLY A 218 -24.18 -27.59 -16.28
CA GLY A 218 -24.80 -28.92 -16.40
C GLY A 218 -24.61 -29.81 -15.18
N ALA A 219 -23.93 -29.28 -14.17
CA ALA A 219 -23.77 -29.92 -12.87
C ALA A 219 -25.05 -29.69 -12.09
N PRO A 220 -25.35 -30.54 -11.07
CA PRO A 220 -26.41 -30.23 -10.09
C PRO A 220 -26.15 -28.85 -9.43
N GLN A 221 -27.23 -28.16 -9.11
CA GLN A 221 -27.15 -26.83 -8.51
C GLN A 221 -26.62 -26.95 -7.08
N THR A 222 -25.93 -25.90 -6.63
CA THR A 222 -25.38 -25.87 -5.30
C THR A 222 -26.44 -25.21 -4.40
N SER A 223 -26.48 -25.61 -3.13
CA SER A 223 -27.47 -25.13 -2.19
C SER A 223 -26.90 -25.04 -0.79
N CYS A 224 -27.42 -24.09 -0.02
CA CYS A 224 -27.01 -23.91 1.36
C CYS A 224 -27.86 -24.81 2.25
N ALA A 225 -27.23 -25.39 3.27
CA ALA A 225 -27.91 -26.22 4.27
C ALA A 225 -29.06 -25.48 4.96
N TRP A 226 -28.91 -24.15 5.11
CA TRP A 226 -29.91 -23.29 5.72
C TRP A 226 -31.18 -23.04 4.88
N GLN A 227 -31.20 -23.58 3.65
CA GLN A 227 -32.41 -23.62 2.85
C GLN A 227 -33.41 -24.63 3.43
N THR A 228 -32.90 -25.68 4.06
CA THR A 228 -33.72 -26.72 4.68
C THR A 228 -33.78 -26.55 6.20
N SER A 229 -32.62 -26.56 6.84
CA SER A 229 -32.51 -26.55 8.29
C SER A 229 -31.49 -25.53 8.77
N ARG A 230 -31.89 -24.76 9.78
CA ARG A 230 -31.00 -23.76 10.40
C ARG A 230 -30.30 -24.34 11.63
N ASN A 231 -30.51 -25.64 11.87
CA ASN A 231 -29.83 -26.34 12.95
C ASN A 231 -28.40 -26.71 12.55
N ALA A 232 -28.16 -26.80 11.25
CA ALA A 232 -26.84 -27.12 10.69
C ALA A 232 -25.86 -25.95 10.81
N VAL A 233 -24.57 -26.28 10.94
CA VAL A 233 -23.50 -25.28 10.92
C VAL A 233 -22.93 -25.21 9.50
N VAL A 234 -22.94 -24.01 8.93
CA VAL A 234 -22.41 -23.77 7.59
C VAL A 234 -20.99 -23.24 7.72
N VAL A 235 -20.07 -23.86 7.00
CA VAL A 235 -18.67 -23.44 6.97
C VAL A 235 -18.35 -22.96 5.55
N ASN A 236 -17.79 -21.77 5.45
CA ASN A 236 -17.40 -21.19 4.16
C ASN A 236 -16.12 -20.36 4.31
N SER A 237 -15.54 -19.96 3.17
CA SER A 237 -14.23 -19.30 3.15
C SER A 237 -14.08 -18.31 2.02
N PHE A 238 -13.10 -17.42 2.16
CA PHE A 238 -12.68 -16.51 1.09
C PHE A 238 -11.54 -17.11 0.27
N SER A 239 -11.09 -18.30 0.66
CA SER A 239 -9.87 -18.91 0.11
C SER A 239 -9.96 -19.37 -1.33
N LYS A 240 -11.12 -19.88 -1.74
CA LYS A 240 -11.21 -20.55 -3.02
C LYS A 240 -11.92 -19.74 -4.10
N TYR A 241 -13.16 -19.34 -3.83
CA TYR A 241 -13.89 -18.56 -4.81
C TYR A 241 -13.29 -17.17 -4.98
N TYR A 242 -12.95 -16.53 -3.86
CA TYR A 242 -12.35 -15.21 -3.87
C TYR A 242 -10.82 -15.21 -3.89
N ALA A 243 -10.23 -16.41 -4.00
CA ALA A 243 -8.78 -16.62 -4.11
C ALA A 243 -7.91 -15.89 -3.04
N MET A 244 -8.49 -15.74 -1.84
CA MET A 244 -7.82 -15.06 -0.73
C MET A 244 -7.20 -16.07 0.24
N THR A 245 -6.60 -17.10 -0.35
CA THR A 245 -6.09 -18.28 0.34
C THR A 245 -5.14 -18.00 1.53
N GLY A 246 -4.13 -17.14 1.31
CA GLY A 246 -3.17 -16.78 2.36
C GLY A 246 -3.62 -15.69 3.31
N TRP A 247 -4.79 -15.12 3.05
CA TRP A 247 -5.37 -14.06 3.91
C TRP A 247 -5.98 -14.64 5.18
N ARG A 248 -6.19 -15.96 5.19
CA ARG A 248 -6.76 -16.73 6.31
C ARG A 248 -8.06 -16.13 6.84
N LEU A 249 -9.06 -16.05 5.97
CA LEU A 249 -10.36 -15.51 6.33
C LEU A 249 -11.52 -16.35 5.81
N GLY A 250 -12.46 -16.62 6.71
CA GLY A 250 -13.69 -17.34 6.38
C GLY A 250 -14.82 -16.96 7.31
N TRP A 251 -15.96 -17.64 7.18
CA TRP A 251 -17.10 -17.42 8.07
C TRP A 251 -17.91 -18.67 8.36
N LEU A 252 -18.69 -18.59 9.44
CA LEU A 252 -19.66 -19.59 9.82
C LEU A 252 -21.07 -18.99 9.86
N LEU A 253 -22.06 -19.78 9.45
CA LEU A 253 -23.44 -19.48 9.82
C LEU A 253 -23.75 -20.34 11.05
N VAL A 254 -23.91 -19.67 12.20
CA VAL A 254 -24.05 -20.34 13.48
C VAL A 254 -25.52 -20.37 13.91
N PRO A 255 -26.05 -21.57 14.25
CA PRO A 255 -27.39 -21.69 14.84
C PRO A 255 -27.48 -20.92 16.16
N THR A 256 -28.66 -20.35 16.42
CA THR A 256 -28.91 -19.47 17.58
C THR A 256 -28.41 -20.06 18.90
N VAL A 257 -28.67 -21.36 19.11
CA VAL A 257 -28.31 -22.07 20.34
C VAL A 257 -26.78 -22.14 20.56
N LEU A 258 -26.02 -22.15 19.47
CA LEU A 258 -24.56 -22.30 19.53
C LEU A 258 -23.77 -20.99 19.52
N ARG A 259 -24.48 -19.86 19.37
CA ARG A 259 -23.85 -18.55 19.24
C ARG A 259 -23.03 -18.09 20.44
N ARG A 260 -23.57 -18.32 21.64
CA ARG A 260 -22.86 -17.99 22.88
C ARG A 260 -21.57 -18.81 23.01
N ALA A 261 -21.66 -20.11 22.73
CA ALA A 261 -20.51 -21.02 22.79
C ALA A 261 -19.41 -20.63 21.79
N VAL A 262 -19.82 -20.31 20.56
CA VAL A 262 -18.89 -19.91 19.49
C VAL A 262 -18.19 -18.58 19.84
N ASP A 263 -18.96 -17.63 20.36
CA ASP A 263 -18.44 -16.32 20.81
C ASP A 263 -17.36 -16.46 21.88
N CYS A 264 -17.62 -17.28 22.89
CA CYS A 264 -16.69 -17.49 24.00
C CYS A 264 -15.41 -18.21 23.57
N LEU A 265 -15.58 -19.22 22.69
CA LEU A 265 -14.45 -19.99 22.18
C LEU A 265 -13.53 -19.15 21.29
N THR A 266 -14.12 -18.38 20.36
CA THR A 266 -13.35 -17.59 19.40
C THR A 266 -12.49 -16.50 20.06
N GLY A 267 -13.05 -15.83 21.07
CA GLY A 267 -12.35 -14.81 21.83
C GLY A 267 -11.15 -15.35 22.59
N ASN A 268 -11.31 -16.54 23.17
CA ASN A 268 -10.23 -17.19 23.90
C ASN A 268 -9.17 -17.82 22.97
N PHE A 269 -9.62 -18.48 21.91
CA PHE A 269 -8.73 -19.22 21.01
C PHE A 269 -8.00 -18.39 19.97
N THR A 270 -8.67 -17.34 19.46
CA THR A 270 -8.12 -16.53 18.34
C THR A 270 -8.06 -15.02 18.63
N ILE A 271 -8.79 -14.58 19.66
CA ILE A 271 -9.09 -13.15 19.95
C ILE A 271 -9.99 -12.53 18.87
N CYS A 272 -9.50 -12.49 17.63
CA CYS A 272 -10.27 -12.04 16.47
C CYS A 272 -9.61 -12.57 15.18
N PRO A 273 -10.36 -12.59 14.03
CA PRO A 273 -9.74 -12.93 12.74
C PRO A 273 -8.79 -11.84 12.23
N PRO A 274 -7.93 -12.14 11.24
CA PRO A 274 -7.02 -11.10 10.69
C PRO A 274 -7.76 -9.85 10.22
N VAL A 275 -7.44 -8.72 10.85
CA VAL A 275 -8.20 -7.48 10.72
C VAL A 275 -8.02 -6.81 9.36
N LEU A 276 -6.78 -6.84 8.84
CA LEU A 276 -6.51 -6.35 7.49
C LEU A 276 -7.28 -7.18 6.44
N SER A 277 -7.35 -8.49 6.65
CA SER A 277 -8.13 -9.40 5.80
C SER A 277 -9.63 -9.09 5.87
N GLN A 278 -10.12 -8.81 7.08
CA GLN A 278 -11.52 -8.43 7.31
C GLN A 278 -11.93 -7.16 6.57
N ILE A 279 -11.16 -6.08 6.76
CA ILE A 279 -11.42 -4.78 6.14
C ILE A 279 -11.39 -4.91 4.61
N ALA A 280 -10.39 -5.62 4.10
CA ALA A 280 -10.20 -5.86 2.68
C ALA A 280 -11.33 -6.68 2.05
N ALA A 281 -11.83 -7.68 2.79
CA ALA A 281 -12.83 -8.62 2.26
C ALA A 281 -14.23 -8.02 2.04
N VAL A 282 -14.51 -6.88 2.67
CA VAL A 282 -15.74 -6.12 2.39
C VAL A 282 -15.81 -5.77 0.90
N SER A 283 -14.67 -5.43 0.30
CA SER A 283 -14.57 -5.14 -1.13
C SER A 283 -14.65 -6.36 -2.06
N ALA A 284 -14.73 -7.57 -1.50
CA ALA A 284 -14.95 -8.79 -2.31
C ALA A 284 -16.36 -8.83 -2.89
N PHE A 285 -17.29 -8.12 -2.26
CA PHE A 285 -18.69 -8.12 -2.66
C PHE A 285 -19.06 -6.98 -3.61
N THR A 286 -18.03 -6.38 -4.22
CA THR A 286 -18.19 -5.38 -5.28
C THR A 286 -18.42 -6.09 -6.62
N PRO A 287 -19.06 -5.39 -7.61
CA PRO A 287 -19.18 -5.94 -8.97
C PRO A 287 -17.85 -6.29 -9.64
N GLU A 288 -16.83 -5.46 -9.44
CA GLU A 288 -15.50 -5.67 -10.03
C GLU A 288 -14.80 -6.93 -9.51
N ALA A 289 -14.87 -7.14 -8.19
CA ALA A 289 -14.27 -8.33 -7.56
C ALA A 289 -14.98 -9.62 -7.99
N THR A 290 -16.30 -9.56 -8.08
CA THR A 290 -17.14 -10.68 -8.54
C THR A 290 -16.84 -11.05 -9.99
N ALA A 291 -16.60 -10.04 -10.83
CA ALA A 291 -16.22 -10.25 -12.23
C ALA A 291 -14.87 -10.96 -12.36
N GLU A 292 -13.90 -10.57 -11.52
CA GLU A 292 -12.58 -11.19 -11.48
C GLU A 292 -12.63 -12.62 -10.97
N ALA A 293 -13.48 -12.86 -9.96
CA ALA A 293 -13.73 -14.20 -9.41
C ALA A 293 -14.36 -15.12 -10.45
N ASP A 294 -15.40 -14.63 -11.12
CA ASP A 294 -16.08 -15.36 -12.20
C ASP A 294 -15.18 -15.55 -13.41
N GLY A 295 -14.28 -14.58 -13.64
CA GLY A 295 -13.24 -14.68 -14.67
C GLY A 295 -12.30 -15.85 -14.45
N ASN A 296 -11.91 -16.07 -13.19
CA ASN A 296 -11.13 -17.25 -12.79
C ASN A 296 -11.88 -18.54 -13.10
N LEU A 297 -13.17 -18.57 -12.77
CA LEU A 297 -14.04 -19.73 -13.04
C LEU A 297 -14.14 -20.05 -14.53
N ALA A 298 -14.25 -19.01 -15.36
CA ALA A 298 -14.28 -19.16 -16.82
C ALA A 298 -13.00 -19.83 -17.34
N SER A 299 -11.87 -19.43 -16.78
CA SER A 299 -10.57 -20.03 -17.07
C SER A 299 -10.52 -21.49 -16.63
N TYR A 300 -11.15 -21.80 -15.49
CA TYR A 300 -11.22 -23.16 -14.97
C TYR A 300 -12.09 -24.04 -15.86
N ALA A 301 -13.22 -23.51 -16.32
CA ALA A 301 -14.18 -24.24 -17.19
C ALA A 301 -13.53 -24.71 -18.48
N ILE A 302 -12.78 -23.80 -19.12
CA ILE A 302 -11.96 -24.10 -20.30
C ILE A 302 -10.98 -25.21 -19.97
N ASN A 303 -10.28 -25.06 -18.84
CA ASN A 303 -9.30 -26.04 -18.36
C ASN A 303 -9.93 -27.40 -18.09
N ARG A 304 -11.13 -27.39 -17.50
CA ARG A 304 -11.89 -28.61 -17.20
C ARG A 304 -12.18 -29.39 -18.49
N SER A 305 -12.75 -28.70 -19.48
CA SER A 305 -13.09 -29.30 -20.77
C SER A 305 -11.88 -29.96 -21.44
N LEU A 306 -10.76 -29.24 -21.49
CA LEU A 306 -9.52 -29.77 -22.05
C LEU A 306 -9.06 -31.01 -21.30
N LEU A 307 -9.14 -30.98 -19.97
CA LEU A 307 -8.67 -32.08 -19.13
C LEU A 307 -9.52 -33.34 -19.26
N LEU A 308 -10.84 -33.19 -19.14
CA LEU A 308 -11.78 -34.31 -19.28
C LEU A 308 -11.67 -34.98 -20.65
N ASP A 309 -11.73 -34.17 -21.71
CA ASP A 309 -11.63 -34.65 -23.09
C ASP A 309 -10.27 -35.33 -23.34
N GLY A 310 -9.21 -34.74 -22.81
CA GLY A 310 -7.87 -35.30 -22.89
C GLY A 310 -7.74 -36.63 -22.16
N LEU A 311 -8.36 -36.73 -20.99
CA LEU A 311 -8.28 -37.93 -20.17
C LEU A 311 -8.90 -39.15 -20.84
N ARG A 312 -10.05 -38.96 -21.50
CA ARG A 312 -10.73 -40.03 -22.25
C ARG A 312 -9.84 -40.60 -23.35
N ARG A 313 -9.21 -39.70 -24.11
CA ARG A 313 -8.30 -40.03 -25.21
C ARG A 313 -7.12 -40.89 -24.77
N ILE A 314 -6.56 -40.59 -23.61
CA ILE A 314 -5.40 -41.35 -23.07
C ILE A 314 -5.84 -42.63 -22.37
N GLY A 315 -7.14 -42.75 -22.07
CA GLY A 315 -7.73 -43.98 -21.56
C GLY A 315 -8.26 -43.98 -20.14
N ILE A 316 -8.29 -42.81 -19.50
CA ILE A 316 -8.80 -42.64 -18.15
C ILE A 316 -10.20 -42.03 -18.23
N ASP A 317 -11.22 -42.89 -18.17
CA ASP A 317 -12.60 -42.47 -18.42
C ASP A 317 -13.57 -42.64 -17.24
N ARG A 318 -13.12 -43.32 -16.20
CA ARG A 318 -13.89 -43.48 -14.95
C ARG A 318 -13.49 -42.38 -13.95
N LEU A 319 -14.33 -41.35 -13.88
CA LEU A 319 -14.07 -40.18 -13.05
C LEU A 319 -15.26 -39.84 -12.17
N ALA A 320 -14.97 -39.32 -10.98
CA ALA A 320 -15.97 -38.68 -10.12
C ALA A 320 -16.53 -37.43 -10.84
N PRO A 321 -17.87 -37.21 -10.78
CA PRO A 321 -18.47 -36.07 -11.48
C PRO A 321 -17.84 -34.73 -11.10
N THR A 322 -17.16 -34.10 -12.05
CA THR A 322 -16.52 -32.79 -11.86
C THR A 322 -17.57 -31.68 -11.93
N ASP A 323 -18.26 -31.47 -10.80
CA ASP A 323 -19.38 -30.53 -10.71
C ASP A 323 -18.93 -29.12 -10.31
N GLY A 324 -17.87 -29.08 -9.52
CA GLY A 324 -17.35 -27.84 -8.97
C GLY A 324 -15.94 -28.01 -8.48
N ALA A 325 -15.50 -27.07 -7.64
CA ALA A 325 -14.10 -26.94 -7.22
C ALA A 325 -13.19 -26.81 -8.44
N PHE A 326 -11.97 -27.35 -8.37
CA PHE A 326 -11.08 -27.40 -9.52
C PHE A 326 -10.27 -28.70 -9.53
N TYR A 327 -10.97 -29.81 -9.28
CA TYR A 327 -10.34 -31.14 -9.23
C TYR A 327 -11.05 -32.17 -10.09
N VAL A 328 -10.25 -33.05 -10.69
CA VAL A 328 -10.73 -34.28 -11.29
C VAL A 328 -10.23 -35.45 -10.45
N TYR A 329 -11.17 -36.27 -9.98
CA TYR A 329 -10.84 -37.46 -9.20
C TYR A 329 -10.94 -38.66 -10.12
N ALA A 330 -9.78 -39.22 -10.46
CA ALA A 330 -9.65 -40.19 -11.54
C ALA A 330 -9.32 -41.59 -11.03
N ASP A 331 -10.09 -42.56 -11.52
CA ASP A 331 -9.84 -43.97 -11.27
C ASP A 331 -8.71 -44.47 -12.18
N VAL A 332 -7.54 -44.70 -11.59
CA VAL A 332 -6.38 -45.12 -12.36
C VAL A 332 -6.04 -46.60 -12.16
N SER A 333 -6.99 -47.41 -11.67
CA SER A 333 -6.70 -48.80 -11.26
C SER A 333 -6.19 -49.70 -12.39
N ASP A 334 -6.75 -49.51 -13.60
CA ASP A 334 -6.32 -50.25 -14.79
C ASP A 334 -4.82 -50.11 -15.09
N PHE A 335 -4.28 -48.94 -14.80
CA PHE A 335 -2.88 -48.65 -15.07
C PHE A 335 -1.95 -49.00 -13.92
N THR A 336 -2.49 -49.15 -12.70
CA THR A 336 -1.67 -49.40 -11.50
C THR A 336 -2.41 -49.99 -10.29
N SER A 337 -1.73 -50.88 -9.59
CA SER A 337 -2.20 -51.39 -8.30
C SER A 337 -2.04 -50.36 -7.17
N ASP A 338 -0.96 -49.56 -7.23
CA ASP A 338 -0.68 -48.53 -6.24
C ASP A 338 -0.56 -47.14 -6.87
N SER A 339 -1.47 -46.25 -6.48
CA SER A 339 -1.52 -44.87 -6.98
C SER A 339 -0.34 -44.01 -6.51
N LEU A 340 0.15 -44.27 -5.29
CA LEU A 340 1.30 -43.54 -4.73
C LEU A 340 2.53 -43.73 -5.60
N ALA A 341 2.78 -44.98 -6.02
CA ALA A 341 3.88 -45.32 -6.92
C ALA A 341 3.72 -44.65 -8.29
N PHE A 342 2.51 -44.70 -8.81
CA PHE A 342 2.14 -44.09 -10.11
C PHE A 342 2.55 -42.62 -10.17
N CYS A 343 2.09 -41.83 -9.18
CA CYS A 343 2.37 -40.39 -9.09
C CYS A 343 3.85 -40.07 -8.94
N SER A 344 4.55 -40.83 -8.09
CA SER A 344 5.99 -40.66 -7.88
C SER A 344 6.76 -40.86 -9.19
N LYS A 345 6.40 -41.91 -9.93
CA LYS A 345 7.05 -42.25 -11.20
C LYS A 345 6.84 -41.17 -12.27
N LEU A 346 5.58 -40.72 -12.44
CA LEU A 346 5.22 -39.69 -13.42
C LEU A 346 6.02 -38.39 -13.23
N LEU A 347 6.17 -37.98 -11.97
CA LEU A 347 7.00 -36.82 -11.62
C LEU A 347 8.46 -37.06 -11.99
N ALA A 348 9.00 -38.22 -11.60
CA ALA A 348 10.38 -38.59 -11.92
C ALA A 348 10.63 -38.69 -13.43
N ASP A 349 9.63 -39.20 -14.16
CA ASP A 349 9.75 -39.43 -15.60
C ASP A 349 9.39 -38.22 -16.47
N THR A 350 8.23 -37.62 -16.23
CA THR A 350 7.73 -36.53 -17.09
C THR A 350 7.82 -35.15 -16.44
N GLY A 351 7.79 -35.11 -15.11
CA GLY A 351 7.76 -33.85 -14.37
C GLY A 351 6.36 -33.32 -14.10
N VAL A 352 5.34 -34.04 -14.58
CA VAL A 352 3.94 -33.72 -14.29
C VAL A 352 3.64 -34.15 -12.86
N ALA A 353 3.13 -33.21 -12.05
CA ALA A 353 2.85 -33.44 -10.64
C ALA A 353 1.35 -33.57 -10.37
N ILE A 354 0.95 -34.73 -9.85
CA ILE A 354 -0.43 -35.03 -9.49
C ILE A 354 -0.48 -35.62 -8.07
N ALA A 355 -1.64 -35.50 -7.41
CA ALA A 355 -1.82 -35.98 -6.03
C ALA A 355 -2.37 -37.41 -5.96
N PRO A 356 -1.71 -38.28 -5.16
CA PRO A 356 -2.22 -39.64 -4.96
C PRO A 356 -3.47 -39.67 -4.08
N GLY A 357 -4.39 -40.57 -4.39
CA GLY A 357 -5.64 -40.71 -3.65
C GLY A 357 -5.54 -41.20 -2.22
N ILE A 358 -4.37 -41.76 -1.85
CA ILE A 358 -4.11 -42.25 -0.49
C ILE A 358 -4.28 -41.17 0.58
N ASP A 359 -3.88 -39.94 0.23
CA ASP A 359 -4.01 -38.75 1.08
C ASP A 359 -5.45 -38.44 1.49
N PHE A 360 -6.40 -38.85 0.64
CA PHE A 360 -7.81 -38.54 0.84
C PHE A 360 -8.60 -39.76 1.31
N ASP A 361 -8.11 -40.95 0.96
CA ASP A 361 -8.73 -42.21 1.33
C ASP A 361 -7.64 -43.24 1.65
N THR A 362 -7.57 -43.63 2.93
CA THR A 362 -6.58 -44.61 3.38
C THR A 362 -6.91 -46.04 2.90
N ALA A 363 -8.20 -46.36 2.86
CA ALA A 363 -8.65 -47.70 2.46
C ALA A 363 -8.63 -47.93 0.95
N ARG A 364 -9.25 -47.04 0.18
CA ARG A 364 -9.50 -47.27 -1.25
C ARG A 364 -8.76 -46.32 -2.20
N GLY A 365 -7.98 -45.38 -1.64
CA GLY A 365 -7.32 -44.33 -2.41
C GLY A 365 -6.22 -44.75 -3.38
N GLY A 366 -5.68 -45.95 -3.18
CA GLY A 366 -4.60 -46.48 -4.01
C GLY A 366 -5.02 -46.80 -5.43
N SER A 367 -6.32 -46.74 -5.69
CA SER A 367 -6.87 -46.87 -7.04
C SER A 367 -7.07 -45.49 -7.69
N PHE A 368 -6.85 -44.42 -6.91
CA PHE A 368 -7.29 -43.10 -7.33
C PHE A 368 -6.22 -42.00 -7.37
N VAL A 369 -6.54 -40.94 -8.12
CA VAL A 369 -5.62 -39.82 -8.37
C VAL A 369 -6.43 -38.53 -8.43
N ARG A 370 -5.85 -37.44 -7.93
CA ARG A 370 -6.48 -36.12 -7.98
C ARG A 370 -5.67 -35.14 -8.83
N ILE A 371 -6.31 -34.59 -9.87
CA ILE A 371 -5.69 -33.67 -10.80
C ILE A 371 -6.34 -32.29 -10.67
N SER A 372 -5.52 -31.26 -10.50
CA SER A 372 -5.99 -29.88 -10.34
C SER A 372 -5.86 -29.10 -11.64
N PHE A 373 -6.93 -28.36 -11.98
CA PHE A 373 -6.95 -27.58 -13.21
C PHE A 373 -7.09 -26.07 -13.00
N ALA A 374 -6.57 -25.58 -11.88
CA ALA A 374 -6.64 -24.16 -11.51
C ALA A 374 -5.48 -23.32 -12.04
N GLY A 375 -4.53 -23.95 -12.72
CA GLY A 375 -3.38 -23.21 -13.31
C GLY A 375 -3.68 -22.76 -14.74
N PRO A 376 -2.62 -22.41 -15.51
CA PRO A 376 -2.80 -22.04 -16.92
C PRO A 376 -3.16 -23.24 -17.82
N SER A 377 -3.87 -22.97 -18.91
CA SER A 377 -4.27 -23.98 -19.89
C SER A 377 -3.08 -24.70 -20.54
N GLY A 378 -1.99 -23.95 -20.74
CA GLY A 378 -0.71 -24.49 -21.22
C GLY A 378 -0.26 -25.69 -20.41
N ASP A 379 -0.30 -25.55 -19.08
CA ASP A 379 0.03 -26.63 -18.15
C ASP A 379 -0.81 -27.89 -18.40
N ILE A 380 -2.13 -27.72 -18.50
CA ILE A 380 -3.05 -28.82 -18.82
C ILE A 380 -2.66 -29.49 -20.14
N GLU A 381 -2.51 -28.67 -21.19
CA GLU A 381 -2.20 -29.13 -22.54
C GLU A 381 -0.88 -29.90 -22.62
N GLU A 382 0.16 -29.33 -22.00
CA GLU A 382 1.49 -29.94 -21.95
C GLU A 382 1.50 -31.23 -21.13
N ALA A 383 0.76 -31.20 -20.01
CA ALA A 383 0.61 -32.38 -19.14
C ALA A 383 -0.02 -33.53 -19.91
N LEU A 384 -1.08 -33.22 -20.68
CA LEU A 384 -1.75 -34.22 -21.49
C LEU A 384 -0.83 -34.85 -22.55
N ARG A 385 0.02 -34.04 -23.17
CA ARG A 385 1.03 -34.54 -24.12
C ARG A 385 2.00 -35.51 -23.47
N ARG A 386 2.44 -35.17 -22.26
CA ARG A 386 3.46 -35.96 -21.56
C ARG A 386 2.92 -37.29 -21.01
N ILE A 387 1.72 -37.27 -20.46
CA ILE A 387 1.06 -38.49 -19.94
C ILE A 387 0.75 -39.45 -21.09
N GLY A 388 0.24 -38.91 -22.20
CA GLY A 388 -0.05 -39.67 -23.41
C GLY A 388 1.11 -40.47 -24.00
N SER A 389 2.32 -39.91 -23.90
CA SER A 389 3.54 -40.59 -24.38
C SER A 389 4.06 -41.60 -23.36
N TRP A 390 3.84 -41.31 -22.08
CA TRP A 390 4.41 -42.07 -20.97
C TRP A 390 3.56 -43.29 -20.56
N LEU A 391 2.23 -43.09 -20.50
CA LEU A 391 1.31 -44.10 -19.99
C LEU A 391 1.28 -45.47 -20.71
N PRO A 392 1.28 -45.49 -22.08
CA PRO A 392 1.17 -46.80 -22.76
C PRO A 392 2.35 -47.76 -22.49
N SER A 393 3.51 -47.23 -22.10
CA SER A 393 4.66 -48.05 -21.77
C SER A 393 4.80 -48.34 -20.26
N GLN A 394 3.72 -48.26 -19.49
CA GLN A 394 3.80 -48.50 -18.04
C GLN A 394 3.51 -49.93 -17.60
N THR B 8 -33.64 -32.50 22.42
CA THR B 8 -32.74 -31.51 23.06
C THR B 8 -31.68 -31.05 22.07
N ASP B 9 -31.63 -29.74 21.84
CA ASP B 9 -30.61 -29.11 20.97
C ASP B 9 -29.26 -29.12 21.71
N ARG B 10 -28.27 -29.80 21.15
CA ARG B 10 -27.03 -30.10 21.87
C ARG B 10 -25.95 -29.02 21.72
N VAL B 11 -25.43 -28.58 22.85
CA VAL B 11 -24.22 -27.76 22.93
C VAL B 11 -23.22 -28.59 23.75
N ALA B 12 -21.98 -28.67 23.28
CA ALA B 12 -20.91 -29.40 23.98
C ALA B 12 -20.66 -28.83 25.37
N LEU B 13 -20.37 -29.71 26.32
CA LEU B 13 -20.07 -29.33 27.70
C LEU B 13 -18.76 -28.56 27.80
N ARG B 14 -17.76 -29.02 27.04
CA ARG B 14 -16.43 -28.37 26.95
C ARG B 14 -16.48 -26.96 26.36
N ALA B 15 -17.50 -26.69 25.53
CA ALA B 15 -17.75 -25.37 24.96
C ALA B 15 -18.20 -24.36 26.01
N GLY B 16 -18.85 -24.86 27.07
CA GLY B 16 -19.34 -24.04 28.18
C GLY B 16 -18.22 -23.54 29.06
N VAL B 17 -17.33 -22.73 28.49
CA VAL B 17 -16.25 -22.07 29.21
C VAL B 17 -16.63 -20.60 29.44
N PRO B 18 -15.96 -19.93 30.40
CA PRO B 18 -16.12 -18.46 30.53
C PRO B 18 -15.67 -17.73 29.26
N PRO B 19 -16.30 -16.57 28.96
CA PRO B 19 -15.79 -15.73 27.86
C PRO B 19 -14.45 -15.06 28.19
N PHE B 20 -13.78 -14.53 27.16
CA PHE B 20 -12.61 -13.68 27.34
C PHE B 20 -13.23 -12.34 27.73
N TYR B 21 -13.35 -12.11 29.05
CA TYR B 21 -14.17 -11.00 29.53
C TYR B 21 -13.59 -9.61 29.28
N VAL B 22 -12.30 -9.56 28.94
CA VAL B 22 -11.64 -8.32 28.53
C VAL B 22 -12.37 -7.66 27.36
N MET B 23 -12.83 -8.48 26.40
CA MET B 23 -13.69 -8.05 25.30
C MET B 23 -15.03 -7.45 25.77
N ASP B 24 -15.64 -8.05 26.80
CA ASP B 24 -16.93 -7.61 27.36
C ASP B 24 -16.88 -6.19 27.94
N VAL B 25 -15.77 -5.86 28.61
CA VAL B 25 -15.52 -4.52 29.12
C VAL B 25 -15.36 -3.52 27.97
N TRP B 26 -14.69 -3.96 26.89
CA TRP B 26 -14.49 -3.14 25.68
C TRP B 26 -15.80 -2.73 25.03
N LEU B 27 -16.79 -3.63 25.05
CA LEU B 27 -18.15 -3.35 24.59
C LEU B 27 -18.82 -2.28 25.44
N ALA B 28 -18.69 -2.40 26.76
CA ALA B 28 -19.25 -1.44 27.72
C ALA B 28 -18.71 -0.02 27.52
N ALA B 29 -17.41 0.07 27.30
CA ALA B 29 -16.73 1.33 27.01
C ALA B 29 -17.26 1.99 25.75
N ALA B 30 -17.42 1.19 24.69
CA ALA B 30 -17.91 1.64 23.39
C ALA B 30 -19.25 2.35 23.46
N GLU B 31 -20.16 1.82 24.28
CA GLU B 31 -21.49 2.40 24.51
C GLU B 31 -21.43 3.80 25.12
N ARG B 32 -20.48 4.02 26.04
CA ARG B 32 -20.28 5.31 26.69
C ARG B 32 -19.92 6.43 25.69
N GLN B 33 -19.09 6.11 24.71
CA GLN B 33 -18.73 7.08 23.65
C GLN B 33 -19.93 7.43 22.76
N ARG B 34 -20.72 6.41 22.38
CA ARG B 34 -21.93 6.62 21.57
C ARG B 34 -23.02 7.42 22.29
N THR B 35 -23.21 7.15 23.60
CA THR B 35 -24.26 7.79 24.41
C THR B 35 -23.84 9.10 25.08
N HIS B 36 -22.58 9.18 25.54
CA HIS B 36 -22.09 10.32 26.34
C HIS B 36 -20.93 11.07 25.70
N GLY B 37 -20.02 10.34 25.04
CA GLY B 37 -18.88 10.92 24.33
C GLY B 37 -17.72 11.42 25.18
N ASP B 38 -17.71 11.02 26.45
CA ASP B 38 -16.70 11.45 27.42
C ASP B 38 -15.74 10.31 27.83
N LEU B 39 -15.58 9.32 26.97
CA LEU B 39 -14.80 8.12 27.28
C LEU B 39 -13.30 8.36 27.37
N VAL B 40 -12.74 8.02 28.53
CA VAL B 40 -11.31 7.83 28.68
C VAL B 40 -11.13 6.33 28.90
N ASN B 41 -10.41 5.69 27.97
CA ASN B 41 -10.24 4.23 28.00
C ASN B 41 -8.87 3.79 28.50
N LEU B 42 -8.87 3.14 29.66
CA LEU B 42 -7.67 2.56 30.25
C LEU B 42 -7.89 1.06 30.50
N SER B 43 -8.78 0.46 29.72
CA SER B 43 -9.18 -0.94 29.87
C SER B 43 -8.67 -1.86 28.75
N ALA B 44 -7.97 -1.28 27.78
CA ALA B 44 -7.51 -2.01 26.58
C ALA B 44 -6.36 -2.98 26.86
N GLY B 45 -6.37 -4.12 26.18
CA GLY B 45 -5.30 -5.12 26.27
C GLY B 45 -4.41 -5.10 25.03
N GLN B 46 -4.25 -3.92 24.46
CA GLN B 46 -3.52 -3.75 23.21
C GLN B 46 -2.88 -2.35 23.11
N PRO B 47 -1.81 -2.20 22.30
CA PRO B 47 -1.27 -0.86 22.03
C PRO B 47 -2.24 0.01 21.25
N SER B 48 -2.15 1.33 21.47
CA SER B 48 -2.92 2.29 20.69
C SER B 48 -2.27 2.56 19.34
N ALA B 49 -0.96 2.32 19.26
CA ALA B 49 -0.20 2.41 18.00
C ALA B 49 -0.44 1.17 17.13
N GLY B 50 -0.28 1.36 15.82
CA GLY B 50 -0.33 0.26 14.85
C GLY B 50 1.05 -0.27 14.52
N ALA B 51 1.13 -1.07 13.47
CA ALA B 51 2.38 -1.67 12.99
C ALA B 51 3.39 -0.60 12.59
N PRO B 52 4.71 -0.88 12.74
CA PRO B 52 5.71 0.10 12.31
C PRO B 52 5.68 0.30 10.80
N GLU B 53 6.07 1.48 10.35
CA GLU B 53 6.02 1.84 8.93
C GLU B 53 6.78 0.90 7.97
N PRO B 54 7.97 0.37 8.36
CA PRO B 54 8.61 -0.64 7.48
C PRO B 54 7.79 -1.91 7.28
N VAL B 55 7.05 -2.32 8.31
CA VAL B 55 6.15 -3.48 8.24
C VAL B 55 4.99 -3.18 7.26
N ARG B 56 4.39 -2.00 7.42
CA ARG B 56 3.29 -1.56 6.54
C ARG B 56 3.74 -1.41 5.09
N ALA B 57 4.95 -0.88 4.89
CA ALA B 57 5.55 -0.73 3.56
C ALA B 57 5.79 -2.07 2.88
N ALA B 58 6.27 -3.05 3.64
CA ALA B 58 6.51 -4.40 3.14
C ALA B 58 5.22 -5.09 2.71
N ALA B 59 4.15 -4.88 3.48
CA ALA B 59 2.82 -5.41 3.15
C ALA B 59 2.25 -4.76 1.89
N ALA B 60 2.40 -3.44 1.80
CA ALA B 60 1.94 -2.66 0.64
C ALA B 60 2.62 -3.11 -0.66
N ALA B 61 3.92 -3.37 -0.58
CA ALA B 61 4.69 -3.89 -1.71
C ALA B 61 4.31 -5.34 -2.07
N ALA B 62 4.09 -6.17 -1.03
CA ALA B 62 3.71 -7.57 -1.20
C ALA B 62 2.36 -7.75 -1.90
N LEU B 63 1.43 -6.82 -1.67
CA LEU B 63 0.13 -6.80 -2.35
C LEU B 63 0.24 -6.68 -3.88
N HIS B 64 1.35 -6.07 -4.33
CA HIS B 64 1.67 -5.95 -5.75
C HIS B 64 2.54 -7.10 -6.26
N LEU B 65 3.51 -7.51 -5.45
CA LEU B 65 4.55 -8.47 -5.89
C LEU B 65 4.28 -9.95 -5.60
N ASN B 66 3.42 -10.22 -4.62
CA ASN B 66 3.17 -11.59 -4.18
C ASN B 66 1.71 -12.01 -4.36
N GLN B 67 1.55 -13.26 -4.81
CA GLN B 67 0.24 -13.91 -5.00
C GLN B 67 -0.54 -14.02 -3.69
N LEU B 68 0.20 -14.16 -2.59
CA LEU B 68 -0.34 -14.39 -1.24
C LEU B 68 -1.15 -15.68 -1.17
N GLY B 69 -0.58 -16.75 -1.73
CA GLY B 69 -1.11 -18.11 -1.54
C GLY B 69 -0.69 -18.65 -0.19
N TYR B 70 -1.02 -19.91 0.08
CA TYR B 70 -0.56 -20.60 1.29
C TYR B 70 0.96 -20.66 1.31
N SER B 71 1.53 -20.35 2.47
CA SER B 71 2.95 -20.59 2.70
C SER B 71 3.14 -22.01 3.21
N VAL B 72 4.39 -22.43 3.37
CA VAL B 72 4.70 -23.68 4.08
C VAL B 72 4.18 -23.57 5.52
N ALA B 73 3.68 -24.68 6.04
CA ALA B 73 2.96 -24.71 7.33
C ALA B 73 3.69 -24.03 8.49
N LEU B 74 4.99 -24.26 8.59
CA LEU B 74 5.80 -23.76 9.71
C LEU B 74 6.16 -22.29 9.59
N GLY B 75 5.89 -21.70 8.42
CA GLY B 75 6.16 -20.29 8.16
C GLY B 75 7.32 -20.09 7.21
N ILE B 76 7.34 -18.94 6.53
CA ILE B 76 8.37 -18.61 5.54
C ILE B 76 9.78 -18.59 6.14
N PRO B 77 10.78 -19.15 5.41
CA PRO B 77 12.17 -19.20 5.89
C PRO B 77 12.72 -17.85 6.34
N GLU B 78 12.41 -16.79 5.59
CA GLU B 78 12.91 -15.43 5.86
C GLU B 78 12.54 -14.92 7.25
N LEU B 79 11.29 -15.14 7.65
CA LEU B 79 10.78 -14.72 8.95
C LEU B 79 11.35 -15.59 10.07
N ARG B 80 11.46 -16.88 9.80
CA ARG B 80 12.07 -17.84 10.75
C ARG B 80 13.55 -17.49 11.00
N ASP B 81 14.27 -17.20 9.92
CA ASP B 81 15.67 -16.75 9.98
C ASP B 81 15.84 -15.46 10.78
N ALA B 82 14.94 -14.51 10.55
CA ALA B 82 14.96 -13.20 11.20
C ALA B 82 14.73 -13.29 12.71
N ILE B 83 13.78 -14.15 13.11
CA ILE B 83 13.47 -14.37 14.54
C ILE B 83 14.65 -15.05 15.25
N ALA B 84 15.19 -16.10 14.64
CA ALA B 84 16.37 -16.82 15.15
C ALA B 84 17.57 -15.88 15.34
N ALA B 85 17.80 -15.01 14.36
CA ALA B 85 18.89 -14.03 14.40
C ALA B 85 18.67 -12.93 15.45
N ASP B 86 17.41 -12.66 15.78
CA ASP B 86 17.05 -11.65 16.78
C ASP B 86 17.42 -12.08 18.20
N TYR B 87 17.26 -13.38 18.47
CA TYR B 87 17.66 -13.98 19.76
C TYR B 87 19.16 -13.86 20.02
N GLN B 88 19.95 -13.99 18.96
CA GLN B 88 21.40 -13.80 19.00
C GLN B 88 21.76 -12.33 19.15
N ARG B 89 21.32 -11.51 18.18
CA ARG B 89 21.71 -10.10 18.06
C ARG B 89 21.33 -9.23 19.25
N ARG B 90 20.20 -9.56 19.89
CA ARG B 90 19.69 -8.76 21.01
C ARG B 90 19.91 -9.40 22.39
N HIS B 91 19.89 -10.73 22.45
CA HIS B 91 19.90 -11.44 23.75
C HIS B 91 20.98 -12.52 23.92
N GLY B 92 21.83 -12.68 22.89
CA GLY B 92 23.00 -13.56 22.94
C GLY B 92 22.75 -15.05 23.15
N ILE B 93 21.59 -15.53 22.70
CA ILE B 93 21.26 -16.95 22.71
C ILE B 93 21.19 -17.48 21.28
N THR B 94 21.84 -18.61 21.02
CA THR B 94 21.87 -19.22 19.70
C THR B 94 20.63 -20.10 19.52
N VAL B 95 19.81 -19.72 18.54
CA VAL B 95 18.59 -20.46 18.20
C VAL B 95 18.64 -20.84 16.73
N GLU B 96 18.45 -22.13 16.45
CA GLU B 96 18.38 -22.64 15.09
C GLU B 96 17.04 -22.24 14.46
N PRO B 97 17.03 -21.85 13.17
CA PRO B 97 15.78 -21.51 12.46
C PRO B 97 14.68 -22.58 12.56
N ASP B 98 15.09 -23.85 12.61
CA ASP B 98 14.17 -25.00 12.73
C ASP B 98 13.42 -25.06 14.08
N ALA B 99 13.98 -24.40 15.09
CA ALA B 99 13.34 -24.27 16.40
C ALA B 99 12.13 -23.33 16.35
N VAL B 100 12.18 -22.35 15.45
CA VAL B 100 11.13 -21.35 15.28
C VAL B 100 9.99 -21.93 14.43
N VAL B 101 8.76 -21.80 14.95
CA VAL B 101 7.55 -22.14 14.22
C VAL B 101 6.64 -20.91 14.26
N ILE B 102 6.26 -20.42 13.07
CA ILE B 102 5.39 -19.26 12.96
C ILE B 102 3.93 -19.68 13.20
N THR B 103 3.21 -18.87 13.95
CA THR B 103 1.83 -19.18 14.38
C THR B 103 0.88 -18.00 14.15
N THR B 104 -0.43 -18.30 14.08
CA THR B 104 -1.48 -17.28 13.96
C THR B 104 -1.69 -16.61 15.33
N GLY B 105 -0.83 -15.66 15.66
CA GLY B 105 -0.75 -15.05 16.98
C GLY B 105 -0.19 -16.03 18.00
N SER B 106 0.03 -15.54 19.22
CA SER B 106 0.39 -16.40 20.34
C SER B 106 -0.80 -17.29 20.75
N SER B 107 -2.02 -16.79 20.54
CA SER B 107 -3.26 -17.56 20.70
C SER B 107 -3.26 -18.85 19.89
N GLY B 108 -2.80 -18.76 18.64
CA GLY B 108 -2.61 -19.92 17.78
C GLY B 108 -1.48 -20.81 18.29
N GLY B 109 -0.44 -20.16 18.81
CA GLY B 109 0.72 -20.83 19.40
C GLY B 109 0.36 -21.66 20.63
N PHE B 110 -0.50 -21.11 21.48
CA PHE B 110 -1.00 -21.82 22.68
C PHE B 110 -1.82 -23.06 22.31
N LEU B 111 -2.66 -22.95 21.28
CA LEU B 111 -3.42 -24.08 20.76
C LEU B 111 -2.50 -25.23 20.34
N LEU B 112 -1.44 -24.90 19.62
CA LEU B 112 -0.45 -25.89 19.17
C LEU B 112 0.33 -26.46 20.34
N ALA B 113 0.81 -25.58 21.22
CA ALA B 113 1.58 -25.98 22.40
C ALA B 113 0.80 -26.92 23.31
N PHE B 114 -0.47 -26.60 23.58
CA PHE B 114 -1.29 -27.41 24.48
C PHE B 114 -1.68 -28.77 23.90
N LEU B 115 -1.97 -28.80 22.59
CA LEU B 115 -2.28 -30.05 21.89
C LEU B 115 -1.07 -30.97 21.73
N ALA B 116 0.10 -30.39 21.50
CA ALA B 116 1.33 -31.16 21.31
C ALA B 116 1.91 -31.70 22.62
N CYS B 117 1.76 -30.92 23.69
CA CYS B 117 2.37 -31.26 24.99
C CYS B 117 1.49 -32.07 25.92
N PHE B 118 0.19 -31.82 25.89
CA PHE B 118 -0.73 -32.40 26.88
C PHE B 118 -1.87 -33.19 26.28
N ASP B 119 -2.20 -34.31 26.93
CA ASP B 119 -3.41 -35.08 26.65
C ASP B 119 -4.55 -34.58 27.54
N ALA B 120 -5.77 -34.96 27.20
CA ALA B 120 -6.94 -34.66 28.02
C ALA B 120 -6.79 -35.30 29.40
N GLY B 121 -7.06 -34.52 30.44
CA GLY B 121 -6.94 -34.97 31.83
C GLY B 121 -5.63 -34.60 32.50
N ASP B 122 -4.67 -34.10 31.72
CA ASP B 122 -3.37 -33.68 32.26
C ASP B 122 -3.49 -32.42 33.12
N ARG B 123 -2.72 -32.41 34.21
CA ARG B 123 -2.73 -31.31 35.16
C ARG B 123 -1.73 -30.25 34.73
N VAL B 124 -2.25 -29.06 34.43
CA VAL B 124 -1.45 -27.92 34.00
C VAL B 124 -1.68 -26.76 34.98
N ALA B 125 -0.57 -26.25 35.51
CA ALA B 125 -0.59 -25.18 36.51
C ALA B 125 -0.28 -23.80 35.93
N MET B 126 -0.86 -22.78 36.55
CA MET B 126 -0.67 -21.38 36.17
C MET B 126 -0.95 -20.44 37.35
N ALA B 127 -0.30 -19.28 37.32
CA ALA B 127 -0.49 -18.25 38.34
C ALA B 127 -1.88 -17.62 38.25
N SER B 128 -2.42 -17.30 39.41
CA SER B 128 -3.65 -16.52 39.54
C SER B 128 -3.34 -15.35 40.47
N PRO B 129 -3.51 -14.09 40.02
CA PRO B 129 -4.11 -13.74 38.73
C PRO B 129 -3.21 -13.98 37.51
N GLY B 130 -3.86 -14.18 36.36
CA GLY B 130 -3.17 -14.38 35.09
C GLY B 130 -4.08 -14.10 33.91
N TYR B 131 -3.56 -14.37 32.71
CA TYR B 131 -4.28 -14.23 31.47
C TYR B 131 -5.39 -15.28 31.41
N PRO B 132 -6.67 -14.86 31.34
CA PRO B 132 -7.82 -15.76 31.43
C PRO B 132 -7.87 -16.86 30.37
N CYS B 133 -7.34 -16.57 29.18
CA CYS B 133 -7.44 -17.48 28.03
C CYS B 133 -6.67 -18.80 28.17
N TYR B 134 -5.58 -18.84 28.95
CA TYR B 134 -4.87 -20.10 29.22
C TYR B 134 -5.81 -21.12 29.87
N ARG B 135 -6.52 -20.69 30.91
CA ARG B 135 -7.49 -21.52 31.62
C ARG B 135 -8.57 -22.02 30.66
N ASN B 136 -9.12 -21.10 29.87
CA ASN B 136 -10.25 -21.39 28.99
C ASN B 136 -9.89 -22.28 27.80
N ILE B 137 -8.70 -22.11 27.24
CA ILE B 137 -8.20 -22.98 26.16
C ILE B 137 -7.97 -24.39 26.72
N LEU B 138 -7.22 -24.48 27.83
CA LEU B 138 -6.92 -25.75 28.47
C LEU B 138 -8.15 -26.53 28.93
N SER B 139 -9.13 -25.81 29.48
CA SER B 139 -10.42 -26.39 29.88
C SER B 139 -11.17 -26.99 28.70
N ALA B 140 -11.26 -26.23 27.61
CA ALA B 140 -11.94 -26.65 26.39
C ALA B 140 -11.23 -27.83 25.72
N LEU B 141 -9.90 -27.87 25.84
CA LEU B 141 -9.10 -28.99 25.31
C LEU B 141 -9.02 -30.18 26.28
N GLY B 142 -9.80 -30.14 27.35
CA GLY B 142 -9.98 -31.27 28.27
C GLY B 142 -8.92 -31.47 29.33
N CYS B 143 -8.05 -30.48 29.52
CA CYS B 143 -7.03 -30.52 30.56
C CYS B 143 -7.58 -30.10 31.93
N GLU B 144 -6.86 -30.48 32.99
CA GLU B 144 -7.18 -30.08 34.36
C GLU B 144 -6.32 -28.88 34.72
N VAL B 145 -6.98 -27.76 35.00
CA VAL B 145 -6.30 -26.48 35.30
C VAL B 145 -6.08 -26.35 36.81
N VAL B 146 -4.81 -26.17 37.18
CA VAL B 146 -4.41 -26.01 38.57
C VAL B 146 -4.01 -24.55 38.81
N GLU B 147 -4.89 -23.80 39.48
CA GLU B 147 -4.59 -22.42 39.87
C GLU B 147 -3.56 -22.40 40.99
N ILE B 148 -2.55 -21.54 40.84
CA ILE B 148 -1.60 -21.25 41.91
C ILE B 148 -1.85 -19.81 42.33
N PRO B 149 -2.54 -19.60 43.48
CA PRO B 149 -2.79 -18.23 43.93
C PRO B 149 -1.48 -17.53 44.30
N CYS B 150 -1.27 -16.36 43.70
CA CYS B 150 -0.05 -15.59 43.91
C CYS B 150 -0.42 -14.18 44.37
N GLY B 151 0.41 -13.65 45.25
CA GLY B 151 0.17 -12.35 45.87
C GLY B 151 1.44 -11.54 46.03
N PRO B 152 1.36 -10.42 46.79
CA PRO B 152 2.49 -9.51 47.01
C PRO B 152 3.74 -10.20 47.57
N GLN B 153 3.54 -11.22 48.41
CA GLN B 153 4.61 -12.00 49.02
C GLN B 153 5.62 -12.53 47.99
N THR B 154 5.10 -13.10 46.90
CA THR B 154 5.94 -13.72 45.88
C THR B 154 5.98 -12.96 44.57
N ARG B 155 5.75 -11.64 44.61
CA ARG B 155 5.76 -10.79 43.42
C ARG B 155 4.73 -11.15 42.32
N PHE B 156 3.66 -11.81 42.75
CA PHE B 156 2.50 -12.20 41.90
C PHE B 156 2.88 -13.25 40.86
N GLN B 157 4.04 -13.85 41.07
CA GLN B 157 4.61 -14.84 40.20
C GLN B 157 4.89 -16.11 41.01
N PRO B 158 4.74 -17.29 40.38
CA PRO B 158 5.06 -18.58 41.01
C PRO B 158 6.55 -18.71 41.34
N THR B 159 6.85 -19.64 42.24
CA THR B 159 8.25 -20.02 42.54
C THR B 159 8.38 -21.53 42.36
N ALA B 160 9.63 -21.99 42.19
CA ALA B 160 9.97 -23.41 42.14
C ALA B 160 9.45 -24.18 43.36
N GLN B 161 9.71 -23.62 44.55
CA GLN B 161 9.24 -24.13 45.83
C GLN B 161 7.72 -24.29 45.85
N MET B 162 7.01 -23.25 45.39
CA MET B 162 5.55 -23.27 45.28
C MET B 162 5.07 -24.40 44.38
N LEU B 163 5.78 -24.62 43.27
CA LEU B 163 5.49 -25.72 42.36
C LEU B 163 5.75 -27.06 43.03
N ALA B 164 6.88 -27.15 43.76
CA ALA B 164 7.30 -28.37 44.44
C ALA B 164 6.26 -28.90 45.43
N GLU B 165 5.54 -27.97 46.08
CA GLU B 165 4.54 -28.29 47.09
C GLU B 165 3.22 -28.86 46.51
N ILE B 166 3.01 -28.72 45.20
CA ILE B 166 1.74 -29.11 44.57
C ILE B 166 1.58 -30.63 44.50
N ASP B 167 0.40 -31.10 44.90
CA ASP B 167 0.03 -32.51 44.91
C ASP B 167 -1.46 -32.64 44.55
N PRO B 168 -1.85 -33.55 43.64
CA PRO B 168 -0.98 -34.51 42.93
C PRO B 168 -0.02 -33.86 41.90
N PRO B 169 0.94 -34.65 41.35
CA PRO B 169 1.92 -34.09 40.40
C PRO B 169 1.31 -33.40 39.18
N LEU B 170 2.09 -32.50 38.60
CA LEU B 170 1.68 -31.74 37.41
C LEU B 170 2.32 -32.33 36.16
N ARG B 171 1.65 -32.14 35.02
CA ARG B 171 2.22 -32.47 33.71
C ARG B 171 2.77 -31.22 33.02
N GLY B 172 2.19 -30.06 33.34
CA GLY B 172 2.58 -28.79 32.75
C GLY B 172 2.53 -27.57 33.65
N VAL B 173 3.35 -26.58 33.35
CA VAL B 173 3.34 -25.28 34.02
C VAL B 173 3.40 -24.17 32.96
N VAL B 174 2.49 -23.20 33.09
CA VAL B 174 2.48 -22.00 32.25
C VAL B 174 2.89 -20.79 33.09
N VAL B 175 3.97 -20.11 32.68
CA VAL B 175 4.40 -18.85 33.29
C VAL B 175 4.42 -17.72 32.26
N ALA B 176 4.13 -16.50 32.71
CA ALA B 176 4.16 -15.32 31.85
C ALA B 176 4.97 -14.20 32.50
N SER B 177 5.96 -13.70 31.75
CA SER B 177 6.85 -12.64 32.24
C SER B 177 7.28 -11.76 31.06
N PRO B 178 6.88 -10.48 31.02
CA PRO B 178 5.92 -9.85 31.95
C PRO B 178 4.51 -10.42 31.78
N ALA B 179 3.72 -10.34 32.85
CA ALA B 179 2.38 -10.94 32.86
C ALA B 179 1.24 -9.94 32.65
N ASN B 180 0.16 -10.43 32.05
CA ASN B 180 -1.14 -9.78 32.10
C ASN B 180 -1.85 -10.50 33.26
N PRO B 181 -2.33 -9.78 34.29
CA PRO B 181 -2.54 -8.32 34.30
C PRO B 181 -1.59 -7.50 35.17
N THR B 182 -0.61 -8.16 35.81
CA THR B 182 0.21 -7.52 36.83
C THR B 182 1.28 -6.61 36.25
N GLY B 183 1.87 -7.04 35.14
CA GLY B 183 3.05 -6.39 34.56
C GLY B 183 4.35 -6.83 35.18
N THR B 184 4.29 -7.73 36.16
CA THR B 184 5.47 -8.18 36.90
C THR B 184 6.28 -9.14 36.02
N VAL B 185 7.60 -9.05 36.13
CA VAL B 185 8.48 -10.04 35.51
C VAL B 185 9.01 -11.03 36.56
N ILE B 186 9.10 -12.30 36.17
CA ILE B 186 9.80 -13.30 36.97
C ILE B 186 11.29 -12.95 36.88
N PRO B 187 11.97 -12.76 38.02
CA PRO B 187 13.42 -12.52 38.03
C PRO B 187 14.20 -13.68 37.37
N PRO B 188 15.29 -13.38 36.63
CA PRO B 188 16.04 -14.40 35.87
C PRO B 188 16.36 -15.66 36.67
N GLU B 189 16.83 -15.49 37.91
CA GLU B 189 17.15 -16.60 38.82
C GLU B 189 15.94 -17.50 39.08
N GLU B 190 14.80 -16.88 39.38
CA GLU B 190 13.57 -17.62 39.71
C GLU B 190 13.01 -18.39 38.51
N LEU B 191 13.02 -17.77 37.33
CA LEU B 191 12.60 -18.43 36.09
C LEU B 191 13.50 -19.62 35.75
N ALA B 192 14.81 -19.45 35.92
CA ALA B 192 15.80 -20.52 35.75
C ALA B 192 15.52 -21.67 36.73
N ALA B 193 15.23 -21.32 37.98
CA ALA B 193 14.88 -22.27 39.01
C ALA B 193 13.62 -23.06 38.62
N ILE B 194 12.58 -22.32 38.21
CA ILE B 194 11.33 -22.88 37.69
C ILE B 194 11.60 -23.81 36.49
N ALA B 195 12.45 -23.34 35.58
CA ALA B 195 12.83 -24.11 34.40
C ALA B 195 13.56 -25.41 34.79
N SER B 196 14.52 -25.29 35.71
CA SER B 196 15.30 -26.43 36.20
C SER B 196 14.43 -27.46 36.92
N TRP B 197 13.54 -26.97 37.79
CA TRP B 197 12.59 -27.81 38.51
C TRP B 197 11.78 -28.68 37.55
N CYS B 198 11.23 -28.04 36.52
CA CYS B 198 10.42 -28.69 35.49
C CYS B 198 11.13 -29.88 34.83
N ASP B 199 12.37 -29.67 34.41
CA ASP B 199 13.21 -30.71 33.84
C ASP B 199 13.34 -31.91 34.78
N ALA B 200 13.71 -31.62 36.03
CA ALA B 200 13.89 -32.63 37.07
C ALA B 200 12.61 -33.40 37.37
N SER B 201 11.48 -32.68 37.36
CA SER B 201 10.18 -33.24 37.70
C SER B 201 9.44 -33.84 36.49
N ASP B 202 10.09 -33.81 35.32
CA ASP B 202 9.50 -34.24 34.03
C ASP B 202 8.16 -33.52 33.72
N VAL B 203 8.15 -32.22 33.98
CA VAL B 203 6.99 -31.35 33.77
C VAL B 203 7.30 -30.40 32.61
N ARG B 204 6.36 -30.25 31.68
CA ARG B 204 6.55 -29.37 30.54
C ARG B 204 6.31 -27.90 30.90
N LEU B 205 7.28 -27.04 30.59
CA LEU B 205 7.14 -25.60 30.83
C LEU B 205 6.72 -24.84 29.57
N ILE B 206 5.65 -24.06 29.71
CA ILE B 206 5.19 -23.16 28.67
C ILE B 206 5.52 -21.74 29.15
N SER B 207 6.50 -21.13 28.49
CA SER B 207 6.96 -19.79 28.86
C SER B 207 6.37 -18.73 27.93
N ASP B 208 5.37 -18.01 28.44
CA ASP B 208 4.78 -16.88 27.74
C ASP B 208 5.74 -15.70 27.86
N GLU B 209 6.29 -15.32 26.72
CA GLU B 209 7.28 -14.25 26.63
C GLU B 209 6.80 -13.15 25.67
N VAL B 210 5.47 -13.03 25.58
CA VAL B 210 4.75 -12.13 24.68
C VAL B 210 5.09 -10.64 24.90
N TYR B 211 5.27 -10.25 26.15
CA TYR B 211 5.54 -8.85 26.49
C TYR B 211 7.03 -8.46 26.58
N HIS B 212 7.91 -9.40 26.21
CA HIS B 212 9.35 -9.13 26.10
C HIS B 212 9.58 -7.94 25.17
N GLY B 213 10.53 -7.09 25.56
CA GLY B 213 10.79 -5.83 24.84
C GLY B 213 10.10 -4.65 25.47
N LEU B 214 9.04 -4.92 26.24
CA LEU B 214 8.31 -3.86 26.94
C LEU B 214 8.58 -3.97 28.43
N VAL B 215 9.73 -3.43 28.84
CA VAL B 215 10.21 -3.44 30.24
C VAL B 215 10.65 -2.04 30.68
N TYR B 216 10.51 -1.76 31.97
CA TYR B 216 10.78 -0.43 32.50
C TYR B 216 12.06 -0.38 33.31
N GLN B 217 12.63 0.82 33.44
CA GLN B 217 13.92 1.01 34.15
C GLN B 217 13.81 0.62 35.63
N GLY B 218 14.79 -0.14 36.09
CA GLY B 218 14.88 -0.55 37.49
C GLY B 218 14.08 -1.81 37.84
N ALA B 219 13.43 -2.37 36.84
CA ALA B 219 12.71 -3.63 36.94
C ALA B 219 13.74 -4.74 36.83
N PRO B 220 13.43 -5.96 37.37
CA PRO B 220 14.24 -7.16 37.06
C PRO B 220 14.35 -7.37 35.54
N GLN B 221 15.48 -7.89 35.09
CA GLN B 221 15.74 -8.14 33.68
C GLN B 221 14.85 -9.28 33.21
N THR B 222 14.52 -9.27 31.92
CA THR B 222 13.75 -10.36 31.34
C THR B 222 14.75 -11.38 30.78
N SER B 223 14.30 -12.62 30.71
CA SER B 223 15.12 -13.72 30.22
C SER B 223 14.26 -14.75 29.49
N CYS B 224 14.87 -15.41 28.52
CA CYS B 224 14.23 -16.48 27.79
C CYS B 224 14.42 -17.80 28.55
N ALA B 225 13.38 -18.62 28.56
CA ALA B 225 13.42 -19.95 29.18
C ALA B 225 14.53 -20.82 28.59
N TRP B 226 14.84 -20.62 27.32
CA TRP B 226 15.91 -21.35 26.61
C TRP B 226 17.33 -20.98 27.02
N GLN B 227 17.47 -20.00 27.89
CA GLN B 227 18.76 -19.71 28.53
C GLN B 227 19.13 -20.80 29.54
N THR B 228 18.10 -21.40 30.15
CA THR B 228 18.29 -22.48 31.13
C THR B 228 18.02 -23.85 30.51
N SER B 229 16.81 -24.03 29.97
CA SER B 229 16.34 -25.31 29.48
C SER B 229 15.70 -25.16 28.10
N ARG B 230 16.06 -26.07 27.20
CA ARG B 230 15.47 -26.10 25.85
C ARG B 230 14.31 -27.09 25.78
N ASN B 231 13.96 -27.67 26.94
CA ASN B 231 12.80 -28.55 27.05
C ASN B 231 11.50 -27.76 27.10
N ALA B 232 11.59 -26.50 27.52
CA ALA B 232 10.44 -25.60 27.62
C ALA B 232 9.96 -25.12 26.26
N VAL B 233 8.65 -24.84 26.15
CA VAL B 233 8.06 -24.23 24.96
C VAL B 233 7.96 -22.72 25.20
N VAL B 234 8.58 -21.95 24.30
CA VAL B 234 8.55 -20.49 24.36
C VAL B 234 7.44 -19.98 23.45
N VAL B 235 6.58 -19.13 23.99
CA VAL B 235 5.49 -18.52 23.23
C VAL B 235 5.76 -17.02 23.17
N ASN B 236 5.72 -16.46 21.96
CA ASN B 236 5.93 -15.04 21.74
C ASN B 236 5.05 -14.54 20.59
N SER B 237 4.98 -13.21 20.43
CA SER B 237 4.06 -12.60 19.48
C SER B 237 4.60 -11.29 18.89
N PHE B 238 4.00 -10.89 17.77
CA PHE B 238 4.24 -9.58 17.17
C PHE B 238 3.21 -8.55 17.64
N SER B 239 2.26 -9.01 18.47
CA SER B 239 1.11 -8.21 18.87
C SER B 239 1.40 -7.03 19.77
N LYS B 240 2.35 -7.18 20.68
CA LYS B 240 2.51 -6.19 21.74
C LYS B 240 3.71 -5.29 21.55
N TYR B 241 4.90 -5.88 21.46
CA TYR B 241 6.10 -5.08 21.28
C TYR B 241 6.12 -4.41 19.91
N TYR B 242 5.77 -5.17 18.87
CA TYR B 242 5.73 -4.65 17.51
C TYR B 242 4.37 -4.09 17.09
N ALA B 243 3.43 -4.05 18.04
CA ALA B 243 2.08 -3.48 17.85
C ALA B 243 1.32 -3.98 16.61
N MET B 244 1.56 -5.24 16.25
CA MET B 244 0.93 -5.88 15.08
C MET B 244 -0.26 -6.75 15.51
N THR B 245 -1.00 -6.22 16.46
CA THR B 245 -2.09 -6.91 17.17
C THR B 245 -3.14 -7.58 16.27
N GLY B 246 -3.66 -6.85 15.29
CA GLY B 246 -4.67 -7.37 14.35
C GLY B 246 -4.12 -8.16 13.18
N TRP B 247 -2.79 -8.23 13.07
CA TRP B 247 -2.11 -8.98 12.01
C TRP B 247 -2.11 -10.48 12.30
N ARG B 248 -2.42 -10.84 13.55
CA ARG B 248 -2.50 -12.23 14.04
C ARG B 248 -1.26 -13.06 13.69
N LEU B 249 -0.11 -12.61 14.21
CA LEU B 249 1.15 -13.29 13.94
C LEU B 249 2.01 -13.42 15.19
N GLY B 250 2.51 -14.63 15.41
CA GLY B 250 3.43 -14.93 16.51
C GLY B 250 4.33 -16.10 16.18
N TRP B 251 5.13 -16.52 17.16
CA TRP B 251 6.00 -17.69 16.99
C TRP B 251 6.19 -18.52 18.25
N LEU B 252 6.63 -19.76 18.03
CA LEU B 252 7.03 -20.67 19.10
C LEU B 252 8.49 -21.06 18.93
N LEU B 253 9.20 -21.22 20.05
CA LEU B 253 10.44 -21.98 20.06
C LEU B 253 10.07 -23.40 20.52
N VAL B 254 10.16 -24.35 19.59
CA VAL B 254 9.69 -25.72 19.83
C VAL B 254 10.89 -26.63 20.12
N PRO B 255 10.83 -27.38 21.24
CA PRO B 255 11.82 -28.43 21.55
C PRO B 255 11.84 -29.49 20.44
N THR B 256 13.03 -30.04 20.18
CA THR B 256 13.27 -30.98 19.07
C THR B 256 12.26 -32.14 19.04
N VAL B 257 11.96 -32.69 20.21
CA VAL B 257 11.05 -33.83 20.36
C VAL B 257 9.61 -33.51 19.93
N LEU B 258 9.21 -32.25 20.07
CA LEU B 258 7.83 -31.82 19.77
C LEU B 258 7.62 -31.24 18.37
N ARG B 259 8.70 -31.12 17.60
CA ARG B 259 8.67 -30.48 16.28
C ARG B 259 7.79 -31.18 15.25
N ARG B 260 7.85 -32.51 15.21
CA ARG B 260 7.03 -33.31 14.29
C ARG B 260 5.54 -33.14 14.63
N ALA B 261 5.22 -33.21 15.92
CA ALA B 261 3.85 -33.06 16.40
C ALA B 261 3.28 -31.68 16.08
N VAL B 262 4.07 -30.63 16.30
CA VAL B 262 3.67 -29.24 16.03
C VAL B 262 3.44 -29.01 14.54
N ASP B 263 4.35 -29.54 13.72
CA ASP B 263 4.25 -29.48 12.25
C ASP B 263 2.95 -30.10 11.72
N CYS B 264 2.63 -31.29 12.20
CA CYS B 264 1.43 -32.02 11.76
C CYS B 264 0.14 -31.33 12.20
N LEU B 265 0.13 -30.83 13.44
CA LEU B 265 -1.03 -30.13 14.00
C LEU B 265 -1.30 -28.81 13.28
N THR B 266 -0.25 -28.01 13.04
CA THR B 266 -0.40 -26.69 12.44
C THR B 266 -0.94 -26.74 11.00
N GLY B 267 -0.47 -27.71 10.22
CA GLY B 267 -0.92 -27.93 8.85
C GLY B 267 -2.38 -28.31 8.76
N ASN B 268 -2.83 -29.15 9.69
CA ASN B 268 -4.23 -29.58 9.75
C ASN B 268 -5.15 -28.51 10.33
N PHE B 269 -4.72 -27.85 11.40
CA PHE B 269 -5.55 -26.89 12.12
C PHE B 269 -5.63 -25.49 11.50
N THR B 270 -4.52 -25.03 10.91
CA THR B 270 -4.42 -23.65 10.40
C THR B 270 -4.01 -23.55 8.92
N ILE B 271 -3.47 -24.64 8.38
CA ILE B 271 -2.76 -24.70 7.08
C ILE B 271 -1.44 -23.91 7.10
N CYS B 272 -1.53 -22.60 7.34
CA CYS B 272 -0.38 -21.72 7.51
C CYS B 272 -0.81 -20.43 8.24
N PRO B 273 0.15 -19.67 8.82
CA PRO B 273 -0.16 -18.35 9.38
C PRO B 273 -0.47 -17.30 8.28
N PRO B 274 -1.09 -16.15 8.63
CA PRO B 274 -1.37 -15.11 7.63
C PRO B 274 -0.12 -14.69 6.85
N VAL B 275 -0.17 -14.89 5.53
CA VAL B 275 1.00 -14.79 4.66
C VAL B 275 1.45 -13.34 4.44
N LEU B 276 0.49 -12.44 4.30
CA LEU B 276 0.80 -11.00 4.21
C LEU B 276 1.46 -10.51 5.50
N SER B 277 0.97 -11.00 6.64
CA SER B 277 1.56 -10.70 7.95
C SER B 277 2.99 -11.24 8.07
N GLN B 278 3.21 -12.45 7.57
CA GLN B 278 4.53 -13.11 7.53
C GLN B 278 5.56 -12.29 6.74
N ILE B 279 5.22 -11.96 5.48
CA ILE B 279 6.10 -11.21 4.58
C ILE B 279 6.43 -9.85 5.18
N ALA B 280 5.41 -9.18 5.71
CA ALA B 280 5.55 -7.87 6.33
C ALA B 280 6.40 -7.87 7.60
N ALA B 281 6.29 -8.94 8.40
CA ALA B 281 6.97 -9.01 9.70
C ALA B 281 8.50 -9.18 9.62
N VAL B 282 9.00 -9.62 8.47
CA VAL B 282 10.45 -9.64 8.21
C VAL B 282 11.05 -8.23 8.41
N SER B 283 10.32 -7.21 7.98
CA SER B 283 10.72 -5.81 8.14
C SER B 283 10.58 -5.24 9.57
N ALA B 284 10.06 -6.05 10.51
CA ALA B 284 10.01 -5.66 11.92
C ALA B 284 11.40 -5.63 12.55
N PHE B 285 12.33 -6.39 11.96
CA PHE B 285 13.68 -6.53 12.49
C PHE B 285 14.68 -5.53 11.88
N THR B 286 14.14 -4.49 11.25
CA THR B 286 14.94 -3.37 10.73
C THR B 286 15.23 -2.38 11.87
N PRO B 287 16.30 -1.56 11.74
CA PRO B 287 16.57 -0.49 12.73
C PRO B 287 15.43 0.53 12.87
N GLU B 288 14.78 0.88 11.77
CA GLU B 288 13.68 1.86 11.78
C GLU B 288 12.45 1.35 12.54
N ALA B 289 12.08 0.09 12.33
CA ALA B 289 10.95 -0.53 13.03
C ALA B 289 11.20 -0.65 14.53
N THR B 290 12.42 -1.04 14.88
CA THR B 290 12.87 -1.15 16.28
C THR B 290 12.84 0.20 17.00
N ALA B 291 13.23 1.27 16.28
CA ALA B 291 13.18 2.63 16.81
C ALA B 291 11.74 3.08 17.12
N GLU B 292 10.81 2.73 16.22
CA GLU B 292 9.39 3.04 16.39
C GLU B 292 8.77 2.24 17.55
N ALA B 293 9.17 0.97 17.67
CA ALA B 293 8.75 0.11 18.77
C ALA B 293 9.24 0.63 20.12
N ASP B 294 10.53 0.98 20.19
CA ASP B 294 11.14 1.57 21.38
C ASP B 294 10.56 2.96 21.70
N GLY B 295 10.19 3.68 20.64
CA GLY B 295 9.49 4.97 20.75
C GLY B 295 8.16 4.85 21.48
N ASN B 296 7.41 3.79 21.16
CA ASN B 296 6.17 3.46 21.87
C ASN B 296 6.42 3.19 23.35
N LEU B 297 7.48 2.43 23.65
CA LEU B 297 7.88 2.13 25.02
C LEU B 297 8.23 3.38 25.83
N ALA B 298 8.93 4.33 25.20
CA ALA B 298 9.27 5.62 25.80
C ALA B 298 8.00 6.38 26.21
N SER B 299 7.00 6.35 25.34
CA SER B 299 5.69 6.95 25.59
C SER B 299 4.98 6.24 26.76
N TYR B 300 5.14 4.92 26.84
CA TYR B 300 4.56 4.13 27.92
C TYR B 300 5.22 4.45 29.27
N ALA B 301 6.54 4.60 29.26
CA ALA B 301 7.32 4.90 30.47
C ALA B 301 6.88 6.22 31.13
N ILE B 302 6.71 7.24 30.30
CA ILE B 302 6.18 8.54 30.70
C ILE B 302 4.78 8.33 31.32
N ASN B 303 3.94 7.59 30.61
CA ASN B 303 2.59 7.27 31.05
C ASN B 303 2.56 6.52 32.37
N ARG B 304 3.49 5.56 32.53
CA ARG B 304 3.63 4.77 33.75
C ARG B 304 3.91 5.68 34.95
N SER B 305 4.92 6.54 34.81
CA SER B 305 5.31 7.47 35.87
C SER B 305 4.15 8.35 36.33
N LEU B 306 3.43 8.94 35.37
CA LEU B 306 2.26 9.75 35.66
C LEU B 306 1.18 8.96 36.40
N LEU B 307 0.94 7.72 35.95
CA LEU B 307 -0.09 6.87 36.54
C LEU B 307 0.21 6.44 37.96
N LEU B 308 1.42 5.91 38.18
CA LEU B 308 1.86 5.46 39.51
C LEU B 308 1.83 6.60 40.52
N ASP B 309 2.45 7.73 40.16
CA ASP B 309 2.51 8.92 41.02
C ASP B 309 1.12 9.47 41.30
N GLY B 310 0.26 9.48 40.28
CA GLY B 310 -1.12 9.91 40.42
C GLY B 310 -1.94 9.00 41.33
N LEU B 311 -1.71 7.69 41.21
CA LEU B 311 -2.46 6.71 41.99
C LEU B 311 -2.21 6.85 43.50
N ARG B 312 -0.96 7.08 43.89
CA ARG B 312 -0.59 7.28 45.29
C ARG B 312 -1.32 8.49 45.90
N ARG B 313 -1.33 9.59 45.16
CA ARG B 313 -1.97 10.84 45.55
C ARG B 313 -3.47 10.68 45.83
N ILE B 314 -4.15 9.88 45.01
CA ILE B 314 -5.60 9.67 45.17
C ILE B 314 -5.90 8.58 46.21
N GLY B 315 -4.87 7.82 46.59
CA GLY B 315 -4.98 6.86 47.71
C GLY B 315 -4.89 5.38 47.37
N ILE B 316 -4.55 5.06 46.13
CA ILE B 316 -4.36 3.68 45.69
C ILE B 316 -2.85 3.39 45.61
N ASP B 317 -2.30 2.81 46.66
CA ASP B 317 -0.83 2.68 46.80
C ASP B 317 -0.30 1.25 46.83
N ARG B 318 -1.21 0.27 46.96
CA ARG B 318 -0.83 -1.16 46.95
C ARG B 318 -0.97 -1.74 45.55
N LEU B 319 0.17 -1.82 44.84
CA LEU B 319 0.18 -2.25 43.44
C LEU B 319 1.17 -3.38 43.19
N ALA B 320 0.81 -4.26 42.26
CA ALA B 320 1.74 -5.25 41.69
C ALA B 320 2.89 -4.54 40.98
N PRO B 321 4.14 -5.02 41.15
CA PRO B 321 5.30 -4.35 40.53
C PRO B 321 5.16 -4.20 39.01
N THR B 322 5.01 -2.95 38.56
CA THR B 322 4.89 -2.63 37.13
C THR B 322 6.27 -2.69 36.46
N ASP B 323 6.67 -3.91 36.11
CA ASP B 323 8.00 -4.17 35.55
C ASP B 323 8.04 -4.07 34.04
N GLY B 324 6.91 -4.42 33.42
CA GLY B 324 6.77 -4.48 31.99
C GLY B 324 5.32 -4.47 31.57
N ALA B 325 5.08 -4.88 30.32
CA ALA B 325 3.77 -4.76 29.67
C ALA B 325 3.30 -3.29 29.68
N PHE B 326 2.00 -3.06 29.79
CA PHE B 326 1.47 -1.71 29.95
C PHE B 326 0.25 -1.71 30.89
N TYR B 327 0.39 -2.41 32.01
CA TYR B 327 -0.67 -2.53 33.01
C TYR B 327 -0.22 -2.22 34.42
N VAL B 328 -1.12 -1.58 35.18
CA VAL B 328 -1.01 -1.47 36.62
C VAL B 328 -2.11 -2.32 37.25
N TYR B 329 -1.70 -3.25 38.11
CA TYR B 329 -2.64 -4.10 38.83
C TYR B 329 -2.79 -3.56 40.24
N ALA B 330 -3.95 -2.97 40.50
CA ALA B 330 -4.18 -2.14 41.68
C ALA B 330 -5.12 -2.78 42.69
N ASP B 331 -4.69 -2.80 43.95
CA ASP B 331 -5.53 -3.25 45.06
C ASP B 331 -6.51 -2.14 45.45
N VAL B 332 -7.78 -2.33 45.12
CA VAL B 332 -8.81 -1.33 45.41
C VAL B 332 -9.72 -1.74 46.57
N SER B 333 -9.29 -2.67 47.42
CA SER B 333 -10.19 -3.29 48.43
C SER B 333 -10.74 -2.28 49.45
N ASP B 334 -9.91 -1.32 49.85
CA ASP B 334 -10.29 -0.24 50.77
C ASP B 334 -11.52 0.55 50.28
N PHE B 335 -11.62 0.72 48.97
CA PHE B 335 -12.69 1.49 48.39
C PHE B 335 -13.92 0.66 48.03
N THR B 336 -13.77 -0.66 47.94
CA THR B 336 -14.88 -1.56 47.53
C THR B 336 -14.72 -3.03 47.90
N SER B 337 -15.85 -3.65 48.26
CA SER B 337 -15.95 -5.10 48.44
C SER B 337 -15.98 -5.84 47.10
N ASP B 338 -16.61 -5.24 46.09
CA ASP B 338 -16.70 -5.83 44.74
C ASP B 338 -16.13 -4.90 43.68
N SER B 339 -15.08 -5.36 43.02
CA SER B 339 -14.39 -4.62 41.96
C SER B 339 -15.21 -4.45 40.69
N LEU B 340 -16.04 -5.45 40.37
CA LEU B 340 -16.91 -5.40 39.18
C LEU B 340 -17.89 -4.22 39.28
N ALA B 341 -18.48 -4.04 40.46
CA ALA B 341 -19.38 -2.91 40.75
C ALA B 341 -18.65 -1.57 40.65
N PHE B 342 -17.45 -1.52 41.23
CA PHE B 342 -16.58 -0.33 41.23
C PHE B 342 -16.36 0.21 39.82
N CYS B 343 -15.90 -0.67 38.93
CA CYS B 343 -15.62 -0.32 37.52
C CYS B 343 -16.85 0.12 36.74
N SER B 344 -17.97 -0.58 36.94
CA SER B 344 -19.24 -0.23 36.30
C SER B 344 -19.69 1.18 36.70
N LYS B 345 -19.58 1.49 37.99
CA LYS B 345 -19.98 2.80 38.54
C LYS B 345 -19.12 3.94 37.99
N LEU B 346 -17.79 3.76 38.01
CA LEU B 346 -16.84 4.76 37.51
C LEU B 346 -17.10 5.15 36.05
N LEU B 347 -17.40 4.16 35.22
CA LEU B 347 -17.78 4.37 33.83
C LEU B 347 -19.08 5.17 33.73
N ALA B 348 -20.09 4.74 34.49
CA ALA B 348 -21.39 5.43 34.54
C ALA B 348 -21.28 6.87 35.05
N ASP B 349 -20.40 7.08 36.03
CA ASP B 349 -20.24 8.38 36.67
C ASP B 349 -19.24 9.32 35.97
N THR B 350 -18.04 8.84 35.69
CA THR B 350 -16.97 9.68 35.14
C THR B 350 -16.69 9.43 33.66
N GLY B 351 -16.98 8.22 33.20
CA GLY B 351 -16.66 7.79 31.84
C GLY B 351 -15.27 7.17 31.68
N VAL B 352 -14.51 7.10 32.77
CA VAL B 352 -13.22 6.43 32.80
C VAL B 352 -13.46 4.92 32.81
N ALA B 353 -12.85 4.23 31.85
CA ALA B 353 -13.02 2.77 31.70
C ALA B 353 -11.78 2.00 32.16
N ILE B 354 -11.99 1.15 33.15
CA ILE B 354 -10.96 0.26 33.71
C ILE B 354 -11.48 -1.18 33.79
N ALA B 355 -10.56 -2.15 33.81
CA ALA B 355 -10.90 -3.57 33.82
C ALA B 355 -10.96 -4.16 35.24
N PRO B 356 -12.07 -4.86 35.58
CA PRO B 356 -12.19 -5.51 36.88
C PRO B 356 -11.30 -6.76 36.99
N GLY B 357 -10.75 -6.97 38.18
CA GLY B 357 -9.86 -8.10 38.44
C GLY B 357 -10.49 -9.48 38.39
N ILE B 358 -11.82 -9.54 38.45
CA ILE B 358 -12.58 -10.81 38.39
C ILE B 358 -12.28 -11.62 37.12
N ASP B 359 -12.08 -10.90 36.02
CA ASP B 359 -11.73 -11.47 34.71
C ASP B 359 -10.42 -12.25 34.72
N PHE B 360 -9.52 -11.89 35.63
CA PHE B 360 -8.18 -12.48 35.72
C PHE B 360 -8.05 -13.44 36.89
N ASP B 361 -8.85 -13.21 37.93
CA ASP B 361 -8.86 -14.02 39.14
C ASP B 361 -10.30 -14.18 39.63
N THR B 362 -10.82 -15.40 39.55
CA THR B 362 -12.19 -15.69 40.01
C THR B 362 -12.31 -15.66 41.54
N ALA B 363 -11.27 -16.14 42.23
CA ALA B 363 -11.27 -16.22 43.69
C ALA B 363 -11.01 -14.88 44.39
N ARG B 364 -9.93 -14.20 44.01
CA ARG B 364 -9.46 -13.00 44.72
C ARG B 364 -9.55 -11.68 43.95
N GLY B 365 -10.01 -11.73 42.71
CA GLY B 365 -10.02 -10.57 41.81
C GLY B 365 -10.94 -9.42 42.17
N GLY B 366 -11.94 -9.69 43.01
CA GLY B 366 -12.92 -8.68 43.43
C GLY B 366 -12.32 -7.57 44.28
N SER B 367 -11.09 -7.76 44.72
CA SER B 367 -10.32 -6.73 45.42
C SER B 367 -9.45 -5.92 44.45
N PHE B 368 -9.43 -6.31 43.18
CA PHE B 368 -8.42 -5.81 42.25
C PHE B 368 -8.94 -5.17 40.96
N VAL B 369 -8.09 -4.36 40.34
CA VAL B 369 -8.40 -3.58 39.14
C VAL B 369 -7.18 -3.52 38.25
N ARG B 370 -7.40 -3.55 36.93
CA ARG B 370 -6.31 -3.42 35.95
C ARG B 370 -6.46 -2.16 35.12
N ILE B 371 -5.44 -1.32 35.15
CA ILE B 371 -5.41 -0.04 34.43
C ILE B 371 -4.33 -0.09 33.35
N SER B 372 -4.73 0.27 32.11
CA SER B 372 -3.83 0.25 30.96
C SER B 372 -3.31 1.65 30.65
N PHE B 373 -2.01 1.76 30.41
CA PHE B 373 -1.38 3.05 30.11
C PHE B 373 -0.73 3.13 28.72
N ALA B 374 -1.28 2.38 27.77
CA ALA B 374 -0.76 2.33 26.40
C ALA B 374 -1.36 3.40 25.47
N GLY B 375 -2.30 4.19 25.99
CA GLY B 375 -2.91 5.29 25.23
C GLY B 375 -2.12 6.59 25.33
N PRO B 376 -2.75 7.73 24.93
CA PRO B 376 -2.10 9.04 25.11
C PRO B 376 -2.01 9.48 26.57
N SER B 377 -1.00 10.30 26.89
CA SER B 377 -0.79 10.83 28.24
C SER B 377 -1.98 11.68 28.75
N GLY B 378 -2.62 12.40 27.82
CA GLY B 378 -3.84 13.15 28.09
C GLY B 378 -4.91 12.30 28.77
N ASP B 379 -5.14 11.12 28.23
CA ASP B 379 -6.07 10.13 28.80
C ASP B 379 -5.74 9.80 30.26
N ILE B 380 -4.47 9.48 30.52
CA ILE B 380 -3.98 9.21 31.88
C ILE B 380 -4.26 10.41 32.80
N GLU B 381 -3.83 11.59 32.35
CA GLU B 381 -3.95 12.83 33.13
C GLU B 381 -5.40 13.19 33.45
N GLU B 382 -6.27 13.10 32.43
CA GLU B 382 -7.70 13.38 32.58
C GLU B 382 -8.39 12.35 33.47
N ALA B 383 -8.00 11.09 33.30
CA ALA B 383 -8.53 9.98 34.12
C ALA B 383 -8.20 10.22 35.59
N LEU B 384 -6.96 10.62 35.88
CA LEU B 384 -6.54 10.92 37.24
C LEU B 384 -7.34 12.06 37.88
N ARG B 385 -7.64 13.10 37.10
CA ARG B 385 -8.47 14.22 37.56
C ARG B 385 -9.88 13.74 37.95
N ARG B 386 -10.45 12.87 37.12
CA ARG B 386 -11.82 12.41 37.31
C ARG B 386 -12.00 11.44 38.46
N ILE B 387 -11.05 10.52 38.63
CA ILE B 387 -11.05 9.55 39.76
C ILE B 387 -10.86 10.30 41.08
N GLY B 388 -9.93 11.25 41.10
CA GLY B 388 -9.67 12.10 42.26
C GLY B 388 -10.86 12.87 42.82
N SER B 389 -11.76 13.31 41.93
CA SER B 389 -12.99 14.01 42.32
C SER B 389 -14.10 13.04 42.75
N TRP B 390 -14.09 11.85 42.15
CA TRP B 390 -15.15 10.86 42.31
C TRP B 390 -14.95 9.94 43.52
N LEU B 391 -13.71 9.48 43.72
CA LEU B 391 -13.39 8.48 44.75
C LEU B 391 -13.69 8.85 46.22
N PRO B 392 -13.38 10.09 46.67
CA PRO B 392 -13.66 10.45 48.07
C PRO B 392 -15.14 10.35 48.50
N SER B 393 -16.06 10.45 47.55
CA SER B 393 -17.50 10.31 47.85
C SER B 393 -18.03 8.88 47.60
N GLN B 394 -17.11 7.91 47.68
CA GLN B 394 -17.42 6.47 47.57
C GLN B 394 -17.14 5.75 48.89
N ASP C 9 29.37 24.58 -27.25
CA ASP C 9 28.80 25.33 -28.38
C ASP C 9 27.87 26.45 -27.89
N ARG C 10 26.68 26.48 -28.45
CA ARG C 10 25.69 27.54 -28.17
C ARG C 10 24.80 27.22 -26.96
N VAL C 11 24.76 28.20 -26.05
CA VAL C 11 23.80 28.21 -24.93
C VAL C 11 22.95 29.45 -25.11
N ALA C 12 21.63 29.29 -24.99
CA ALA C 12 20.68 30.41 -25.12
C ALA C 12 20.95 31.48 -24.05
N LEU C 13 20.79 32.75 -24.45
CA LEU C 13 20.97 33.89 -23.55
C LEU C 13 19.90 33.93 -22.47
N ARG C 14 18.66 33.62 -22.86
CA ARG C 14 17.51 33.53 -21.94
C ARG C 14 17.65 32.44 -20.88
N ALA C 15 18.42 31.40 -21.20
CA ALA C 15 18.74 30.31 -20.27
C ALA C 15 19.65 30.78 -19.13
N GLY C 16 20.46 31.79 -19.40
CA GLY C 16 21.35 32.40 -18.39
C GLY C 16 20.60 33.19 -17.34
N VAL C 17 19.77 32.49 -16.57
CA VAL C 17 19.04 33.07 -15.44
C VAL C 17 19.74 32.69 -14.13
N PRO C 18 19.51 33.47 -13.04
CA PRO C 18 20.00 33.06 -11.71
C PRO C 18 19.38 31.72 -11.27
N PRO C 19 20.13 30.92 -10.49
CA PRO C 19 19.53 29.71 -9.88
C PRO C 19 18.50 30.04 -8.78
N PHE C 20 17.71 29.04 -8.41
CA PHE C 20 16.73 29.16 -7.35
C PHE C 20 17.45 29.10 -6.03
N MET C 23 17.55 26.21 -3.05
CA MET C 23 18.05 24.88 -3.41
C MET C 23 19.55 24.69 -3.07
N ASP C 24 20.35 25.70 -3.41
CA ASP C 24 21.80 25.73 -3.15
C ASP C 24 22.14 25.68 -1.66
N VAL C 25 21.36 26.37 -0.85
CA VAL C 25 21.48 26.33 0.61
C VAL C 25 21.14 24.93 1.14
N TRP C 26 20.13 24.30 0.54
CA TRP C 26 19.71 22.93 0.90
C TRP C 26 20.82 21.91 0.69
N LEU C 27 21.60 22.09 -0.37
CA LEU C 27 22.80 21.28 -0.64
C LEU C 27 23.86 21.45 0.44
N ALA C 28 24.10 22.71 0.84
CA ALA C 28 25.07 23.05 1.88
C ALA C 28 24.74 22.41 3.23
N ALA C 29 23.45 22.43 3.59
CA ALA C 29 22.94 21.80 4.80
C ALA C 29 23.19 20.28 4.80
N ALA C 30 22.91 19.64 3.66
CA ALA C 30 23.07 18.20 3.47
C ALA C 30 24.49 17.71 3.77
N GLU C 31 25.48 18.48 3.33
CA GLU C 31 26.90 18.20 3.56
C GLU C 31 27.26 18.18 5.05
N ARG C 32 26.66 19.09 5.83
CA ARG C 32 26.89 19.17 7.29
C ARG C 32 26.48 17.89 8.02
N GLN C 33 25.36 17.30 7.62
CA GLN C 33 24.90 16.02 8.21
C GLN C 33 25.84 14.87 7.87
N ARG C 34 26.29 14.79 6.61
CA ARG C 34 27.24 13.77 6.16
C ARG C 34 28.63 13.88 6.83
N THR C 35 29.12 15.11 7.00
CA THR C 35 30.46 15.36 7.57
C THR C 35 30.48 15.51 9.10
N HIS C 36 29.45 16.13 9.68
CA HIS C 36 29.42 16.46 11.12
C HIS C 36 28.28 15.79 11.89
N GLY C 37 27.11 15.68 11.25
CA GLY C 37 25.93 15.03 11.84
C GLY C 37 25.18 15.80 12.90
N ASP C 38 25.45 17.11 13.00
CA ASP C 38 24.85 17.99 14.00
C ASP C 38 23.87 19.00 13.41
N LEU C 39 23.29 18.67 12.25
CA LEU C 39 22.44 19.60 11.51
C LEU C 39 21.09 19.86 12.17
N VAL C 40 20.84 21.14 12.44
CA VAL C 40 19.50 21.64 12.72
C VAL C 40 19.11 22.48 11.50
N ASN C 41 18.06 22.06 10.82
CA ASN C 41 17.66 22.71 9.56
C ASN C 41 16.44 23.61 9.71
N LEU C 42 16.67 24.91 9.54
CA LEU C 42 15.61 25.92 9.54
C LEU C 42 15.63 26.71 8.22
N SER C 43 16.15 26.07 7.17
CA SER C 43 16.33 26.71 5.87
C SER C 43 15.38 26.18 4.79
N ALA C 44 14.54 25.21 5.14
CA ALA C 44 13.69 24.51 4.17
C ALA C 44 12.49 25.36 3.74
N GLY C 45 12.11 25.21 2.46
CA GLY C 45 10.94 25.89 1.91
C GLY C 45 9.78 24.93 1.73
N GLN C 46 9.67 23.96 2.63
CA GLN C 46 8.67 22.91 2.58
C GLN C 46 8.33 22.39 3.97
N PRO C 47 7.12 21.79 4.14
CA PRO C 47 6.80 21.12 5.39
C PRO C 47 7.67 19.90 5.64
N SER C 48 7.89 19.57 6.91
CA SER C 48 8.58 18.35 7.32
C SER C 48 7.64 17.14 7.26
N ALA C 49 6.34 17.41 7.39
CA ALA C 49 5.29 16.40 7.26
C ALA C 49 5.05 16.05 5.79
N GLY C 50 4.58 14.83 5.56
CA GLY C 50 4.17 14.39 4.22
C GLY C 50 2.68 14.56 4.01
N ALA C 51 2.17 13.94 2.94
CA ALA C 51 0.76 13.97 2.58
C ALA C 51 -0.12 13.37 3.69
N PRO C 52 -1.37 13.87 3.85
CA PRO C 52 -2.25 13.28 4.86
C PRO C 52 -2.60 11.84 4.52
N GLU C 53 -2.88 11.04 5.54
CA GLU C 53 -3.15 9.60 5.37
C GLU C 53 -4.29 9.24 4.40
N PRO C 54 -5.40 10.03 4.36
CA PRO C 54 -6.42 9.74 3.33
C PRO C 54 -5.93 9.91 1.89
N VAL C 55 -5.02 10.86 1.68
CA VAL C 55 -4.39 11.09 0.37
C VAL C 55 -3.51 9.88 0.00
N ARG C 56 -2.69 9.46 0.95
CA ARG C 56 -1.82 8.29 0.77
C ARG C 56 -2.60 7.00 0.53
N ALA C 57 -3.71 6.84 1.26
CA ALA C 57 -4.61 5.69 1.11
C ALA C 57 -5.26 5.65 -0.27
N ALA C 58 -5.67 6.81 -0.77
CA ALA C 58 -6.29 6.92 -2.09
C ALA C 58 -5.29 6.57 -3.20
N ALA C 59 -4.03 6.99 -3.04
CA ALA C 59 -2.97 6.65 -3.97
C ALA C 59 -2.65 5.15 -3.97
N ALA C 60 -2.57 4.58 -2.77
CA ALA C 60 -2.32 3.14 -2.57
C ALA C 60 -3.39 2.27 -3.22
N ALA C 61 -4.65 2.68 -3.10
CA ALA C 61 -5.79 2.03 -3.74
C ALA C 61 -5.78 2.20 -5.26
N ALA C 62 -5.43 3.41 -5.72
CA ALA C 62 -5.37 3.72 -7.15
C ALA C 62 -4.33 2.90 -7.91
N LEU C 63 -3.22 2.58 -7.23
CA LEU C 63 -2.17 1.71 -7.78
C LEU C 63 -2.68 0.29 -8.13
N HIS C 64 -3.74 -0.13 -7.45
CA HIS C 64 -4.40 -1.40 -7.72
C HIS C 64 -5.57 -1.25 -8.71
N LEU C 65 -6.35 -0.17 -8.56
CA LEU C 65 -7.61 -0.01 -9.30
C LEU C 65 -7.53 0.78 -10.61
N ASN C 66 -6.50 1.62 -10.76
CA ASN C 66 -6.40 2.51 -11.90
C ASN C 66 -5.16 2.26 -12.76
N GLN C 67 -5.36 2.32 -14.08
CA GLN C 67 -4.30 2.18 -15.09
C GLN C 67 -3.24 3.27 -14.96
N LEU C 68 -3.67 4.45 -14.50
CA LEU C 68 -2.86 5.66 -14.41
C LEU C 68 -2.30 6.09 -15.78
N GLY C 69 -3.19 6.09 -16.78
CA GLY C 69 -2.90 6.70 -18.08
C GLY C 69 -3.04 8.21 -18.00
N TYR C 70 -2.87 8.88 -19.14
CA TYR C 70 -3.11 10.33 -19.23
C TYR C 70 -4.54 10.66 -18.87
N SER C 71 -4.71 11.68 -18.04
CA SER C 71 -6.03 12.24 -17.79
C SER C 71 -6.32 13.30 -18.85
N VAL C 72 -7.54 13.84 -18.84
CA VAL C 72 -7.86 15.03 -19.63
C VAL C 72 -6.96 16.18 -19.19
N ALA C 73 -6.54 17.00 -20.15
CA ALA C 73 -5.53 18.05 -19.94
C ALA C 73 -5.78 18.96 -18.73
N LEU C 74 -7.03 19.38 -18.56
CA LEU C 74 -7.41 20.32 -17.50
C LEU C 74 -7.49 19.69 -16.11
N GLY C 75 -7.43 18.36 -16.06
CA GLY C 75 -7.52 17.62 -14.81
C GLY C 75 -8.83 16.89 -14.64
N ILE C 76 -8.81 15.84 -13.82
CA ILE C 76 -9.98 14.99 -13.58
C ILE C 76 -11.16 15.78 -12.98
N PRO C 77 -12.40 15.52 -13.45
CA PRO C 77 -13.59 16.22 -12.96
C PRO C 77 -13.74 16.21 -11.44
N GLU C 78 -13.46 15.06 -10.82
CA GLU C 78 -13.62 14.86 -9.37
C GLU C 78 -12.79 15.84 -8.54
N LEU C 79 -11.55 16.05 -8.96
CA LEU C 79 -10.64 16.98 -8.27
C LEU C 79 -11.02 18.43 -8.51
N ARG C 80 -11.44 18.73 -9.75
CA ARG C 80 -11.94 20.05 -10.12
C ARG C 80 -13.20 20.41 -9.32
N ASP C 81 -14.13 19.45 -9.22
CA ASP C 81 -15.36 19.59 -8.43
C ASP C 81 -15.06 19.83 -6.95
N ALA C 82 -14.09 19.09 -6.41
CA ALA C 82 -13.70 19.17 -5.00
C ALA C 82 -13.07 20.53 -4.64
N ILE C 83 -12.23 21.05 -5.53
CA ILE C 83 -11.60 22.37 -5.35
C ILE C 83 -12.63 23.49 -5.39
N ALA C 84 -13.50 23.46 -6.40
CA ALA C 84 -14.61 24.41 -6.55
C ALA C 84 -15.52 24.44 -5.31
N ALA C 85 -15.84 23.25 -4.78
CA ALA C 85 -16.68 23.10 -3.59
C ALA C 85 -15.98 23.58 -2.30
N ASP C 86 -14.65 23.54 -2.29
CA ASP C 86 -13.85 23.97 -1.14
C ASP C 86 -13.88 25.49 -0.97
N TYR C 87 -13.90 26.22 -2.09
CA TYR C 87 -14.03 27.68 -2.09
C TYR C 87 -15.34 28.15 -1.48
N GLN C 88 -16.41 27.38 -1.74
CA GLN C 88 -17.72 27.64 -1.14
C GLN C 88 -17.75 27.25 0.34
N ARG C 89 -17.46 25.98 0.62
CA ARG C 89 -17.59 25.39 1.97
C ARG C 89 -16.74 26.06 3.04
N ARG C 90 -15.55 26.54 2.65
CA ARG C 90 -14.63 27.14 3.59
C ARG C 90 -14.55 28.67 3.54
N HIS C 91 -14.77 29.26 2.36
CA HIS C 91 -14.55 30.70 2.16
C HIS C 91 -15.73 31.47 1.53
N GLY C 92 -16.84 30.77 1.29
CA GLY C 92 -18.09 31.39 0.83
C GLY C 92 -18.08 32.10 -0.50
N ILE C 93 -17.20 31.66 -1.41
CA ILE C 93 -17.16 32.18 -2.78
C ILE C 93 -17.57 31.08 -3.75
N THR C 94 -18.47 31.42 -4.68
CA THR C 94 -18.99 30.48 -5.67
C THR C 94 -18.04 30.41 -6.86
N VAL C 95 -17.46 29.24 -7.08
CA VAL C 95 -16.53 29.00 -8.19
C VAL C 95 -17.07 27.83 -9.02
N GLU C 96 -17.21 28.06 -10.32
CA GLU C 96 -17.60 27.02 -11.26
C GLU C 96 -16.43 26.04 -11.49
N PRO C 97 -16.70 24.72 -11.56
CA PRO C 97 -15.65 23.73 -11.84
C PRO C 97 -14.79 24.04 -13.08
N ASP C 98 -15.39 24.65 -14.10
CA ASP C 98 -14.69 25.04 -15.34
C ASP C 98 -13.64 26.14 -15.15
N ALA C 99 -13.78 26.91 -14.06
CA ALA C 99 -12.79 27.92 -13.68
C ALA C 99 -11.48 27.29 -13.18
N VAL C 100 -11.60 26.09 -12.59
CA VAL C 100 -10.46 25.36 -12.03
C VAL C 100 -9.72 24.62 -13.14
N VAL C 101 -8.40 24.80 -13.18
CA VAL C 101 -7.51 24.06 -14.07
C VAL C 101 -6.42 23.44 -13.20
N ILE C 102 -6.29 22.12 -13.25
CA ILE C 102 -5.29 21.40 -12.47
C ILE C 102 -3.93 21.52 -13.17
N THR C 103 -2.87 21.75 -12.39
CA THR C 103 -1.52 22.00 -12.90
C THR C 103 -0.47 21.17 -12.17
N THR C 104 0.70 20.99 -12.81
CA THR C 104 1.84 20.29 -12.21
C THR C 104 2.54 21.22 -11.21
N GLY C 105 1.98 21.29 -10.00
CA GLY C 105 2.38 22.26 -8.99
C GLY C 105 1.95 23.66 -9.36
N SER C 106 2.16 24.61 -8.45
CA SER C 106 1.96 26.02 -8.75
C SER C 106 3.03 26.52 -9.73
N SER C 107 4.22 25.92 -9.68
CA SER C 107 5.30 26.16 -10.65
C SER C 107 4.86 25.92 -12.09
N GLY C 108 4.10 24.84 -12.31
CA GLY C 108 3.48 24.56 -13.61
C GLY C 108 2.39 25.56 -13.92
N GLY C 109 1.65 25.96 -12.88
CA GLY C 109 0.60 26.98 -12.99
C GLY C 109 1.11 28.34 -13.40
N PHE C 110 2.26 28.75 -12.85
CA PHE C 110 2.91 30.01 -13.22
C PHE C 110 3.37 30.02 -14.68
N LEU C 111 3.91 28.89 -15.15
CA LEU C 111 4.29 28.74 -16.56
C LEU C 111 3.10 28.98 -17.49
N LEU C 112 1.96 28.38 -17.15
CA LEU C 112 0.74 28.55 -17.93
C LEU C 112 0.21 29.97 -17.84
N ALA C 113 0.15 30.51 -16.62
CA ALA C 113 -0.34 31.87 -16.36
C ALA C 113 0.48 32.92 -17.10
N PHE C 114 1.81 32.81 -17.07
CA PHE C 114 2.69 33.78 -17.71
C PHE C 114 2.65 33.72 -19.24
N LEU C 115 2.54 32.51 -19.79
CA LEU C 115 2.44 32.31 -21.24
C LEU C 115 1.08 32.74 -21.81
N ALA C 116 0.02 32.53 -21.04
CA ALA C 116 -1.35 32.88 -21.46
C ALA C 116 -1.63 34.39 -21.34
N CYS C 117 -1.05 35.02 -20.32
CA CYS C 117 -1.34 36.43 -20.01
C CYS C 117 -0.40 37.43 -20.66
N PHE C 118 0.87 37.06 -20.81
CA PHE C 118 1.89 38.01 -21.23
C PHE C 118 2.67 37.57 -22.47
N ASP C 119 2.95 38.54 -23.34
CA ASP C 119 3.88 38.37 -24.45
C ASP C 119 5.29 38.76 -24.01
N ALA C 120 6.29 38.38 -24.80
CA ALA C 120 7.67 38.79 -24.56
C ALA C 120 7.78 40.32 -24.62
N GLY C 121 8.46 40.90 -23.64
CA GLY C 121 8.64 42.34 -23.54
C GLY C 121 7.65 43.04 -22.62
N ASP C 122 6.62 42.31 -22.18
CA ASP C 122 5.61 42.86 -21.25
C ASP C 122 6.18 43.13 -19.87
N ARG C 123 5.74 44.25 -19.28
CA ARG C 123 6.20 44.67 -17.97
C ARG C 123 5.34 44.05 -16.89
N VAL C 124 5.97 43.22 -16.06
CA VAL C 124 5.30 42.54 -14.95
C VAL C 124 5.98 42.92 -13.64
N ALA C 125 5.19 43.40 -12.69
CA ALA C 125 5.67 43.87 -11.40
C ALA C 125 5.47 42.87 -10.26
N MET C 126 6.38 42.92 -9.28
CA MET C 126 6.35 42.05 -8.10
C MET C 126 7.13 42.66 -6.94
N ALA C 127 6.74 42.29 -5.72
CA ALA C 127 7.39 42.77 -4.51
C ALA C 127 8.79 42.21 -4.35
N SER C 128 9.67 43.03 -3.80
CA SER C 128 11.00 42.61 -3.35
C SER C 128 11.17 43.06 -1.89
N PRO C 129 11.42 42.13 -0.96
CA PRO C 129 11.71 40.71 -1.24
C PRO C 129 10.50 39.88 -1.63
N GLY C 130 10.76 38.80 -2.38
CA GLY C 130 9.74 37.86 -2.82
C GLY C 130 10.31 36.53 -3.23
N TYR C 131 9.45 35.67 -3.75
CA TYR C 131 9.83 34.36 -4.24
C TYR C 131 10.67 34.53 -5.52
N PRO C 132 11.94 34.06 -5.50
CA PRO C 132 12.89 34.31 -6.60
C PRO C 132 12.44 33.78 -7.97
N CYS C 133 11.68 32.68 -7.97
CA CYS C 133 11.32 31.98 -9.20
C CYS C 133 10.39 32.76 -10.15
N TYR C 134 9.55 33.65 -9.61
CA TYR C 134 8.72 34.52 -10.47
C TYR C 134 9.59 35.34 -11.42
N ARG C 135 10.62 35.99 -10.87
CA ARG C 135 11.57 36.79 -11.63
C ARG C 135 12.24 35.93 -12.71
N ASN C 136 12.72 34.76 -12.30
CA ASN C 136 13.51 33.87 -13.16
C ASN C 136 12.70 33.21 -14.27
N ILE C 137 11.44 32.85 -13.99
CA ILE C 137 10.53 32.32 -15.01
C ILE C 137 10.20 33.40 -16.02
N LEU C 138 9.77 34.58 -15.53
CA LEU C 138 9.41 35.71 -16.38
C LEU C 138 10.56 36.21 -17.25
N SER C 139 11.77 36.25 -16.68
CA SER C 139 12.98 36.62 -17.42
C SER C 139 13.28 35.65 -18.56
N ALA C 140 13.22 34.36 -18.26
CA ALA C 140 13.45 33.30 -19.26
C ALA C 140 12.39 33.28 -20.34
N LEU C 141 11.15 33.65 -19.98
CA LEU C 141 10.05 33.75 -20.95
C LEU C 141 10.01 35.10 -21.69
N GLY C 142 11.05 35.91 -21.48
CA GLY C 142 11.26 37.16 -22.24
C GLY C 142 10.49 38.38 -21.78
N CYS C 143 9.91 38.31 -20.59
CA CYS C 143 9.19 39.45 -19.99
C CYS C 143 10.15 40.42 -19.28
N GLU C 144 9.69 41.65 -19.07
CA GLU C 144 10.42 42.65 -18.33
C GLU C 144 9.92 42.67 -16.89
N VAL C 145 10.83 42.33 -15.95
CA VAL C 145 10.49 42.25 -14.53
C VAL C 145 10.71 43.60 -13.84
N VAL C 146 9.64 44.10 -13.22
CA VAL C 146 9.68 45.37 -12.49
C VAL C 146 9.64 45.08 -10.98
N GLU C 147 10.79 45.23 -10.33
CA GLU C 147 10.87 45.05 -8.86
C GLU C 147 10.22 46.24 -8.17
N ILE C 148 9.39 45.96 -7.18
CA ILE C 148 8.84 46.98 -6.29
C ILE C 148 9.45 46.73 -4.91
N PRO C 149 10.45 47.55 -4.52
CA PRO C 149 11.04 47.38 -3.18
C PRO C 149 10.02 47.69 -2.09
N CYS C 150 9.84 46.73 -1.19
CA CYS C 150 8.89 46.84 -0.10
C CYS C 150 9.58 46.64 1.23
N GLY C 151 9.11 47.37 2.24
CA GLY C 151 9.74 47.38 3.55
C GLY C 151 8.71 47.41 4.68
N PRO C 152 9.18 47.64 5.93
CA PRO C 152 8.32 47.68 7.12
C PRO C 152 7.17 48.68 7.03
N GLN C 153 7.40 49.81 6.33
CA GLN C 153 6.40 50.86 6.13
C GLN C 153 5.09 50.33 5.54
N THR C 154 5.20 49.48 4.52
CA THR C 154 4.03 48.96 3.82
C THR C 154 3.78 47.47 4.07
N ARG C 155 4.24 46.95 5.21
CA ARG C 155 4.04 45.53 5.58
C ARG C 155 4.68 44.51 4.61
N PHE C 156 5.70 44.96 3.88
CA PHE C 156 6.50 44.15 2.94
C PHE C 156 5.70 43.70 1.73
N GLN C 157 4.55 44.34 1.56
CA GLN C 157 3.60 44.04 0.51
C GLN C 157 3.32 45.32 -0.27
N PRO C 158 3.10 45.19 -1.60
CA PRO C 158 2.74 46.32 -2.46
C PRO C 158 1.39 46.93 -2.09
N THR C 159 1.16 48.16 -2.53
CA THR C 159 -0.14 48.83 -2.40
C THR C 159 -0.60 49.30 -3.78
N ALA C 160 -1.91 49.56 -3.92
CA ALA C 160 -2.51 50.14 -5.13
C ALA C 160 -1.82 51.44 -5.55
N GLN C 161 -1.65 52.33 -4.57
CA GLN C 161 -0.93 53.61 -4.72
C GLN C 161 0.48 53.41 -5.26
N MET C 162 1.20 52.45 -4.67
CA MET C 162 2.55 52.09 -5.12
C MET C 162 2.57 51.63 -6.57
N LEU C 163 1.55 50.86 -6.96
CA LEU C 163 1.38 50.43 -8.34
C LEU C 163 1.07 51.61 -9.25
N ALA C 164 0.19 52.50 -8.77
CA ALA C 164 -0.24 53.68 -9.53
C ALA C 164 0.93 54.58 -9.95
N GLU C 165 1.94 54.67 -9.08
CA GLU C 165 3.11 55.52 -9.29
C GLU C 165 4.10 54.99 -10.35
N ILE C 166 3.97 53.71 -10.72
CA ILE C 166 4.93 53.07 -11.63
C ILE C 166 4.80 53.58 -13.07
N ASP C 167 5.94 53.92 -13.66
CA ASP C 167 6.04 54.42 -15.03
C ASP C 167 7.32 53.88 -15.67
N PRO C 168 7.28 53.35 -16.91
CA PRO C 168 6.08 53.26 -17.78
C PRO C 168 5.02 52.25 -17.30
N PRO C 169 3.81 52.25 -17.90
CA PRO C 169 2.73 51.34 -17.46
C PRO C 169 3.10 49.86 -17.43
N LEU C 170 2.37 49.12 -16.59
CA LEU C 170 2.56 47.68 -16.43
C LEU C 170 1.51 46.90 -17.21
N ARG C 171 1.88 45.68 -17.61
CA ARG C 171 0.94 44.72 -18.19
C ARG C 171 0.45 43.72 -17.15
N GLY C 172 1.28 43.44 -16.15
CA GLY C 172 0.98 42.48 -15.09
C GLY C 172 1.50 42.82 -13.70
N VAL C 173 0.82 42.30 -12.69
CA VAL C 173 1.24 42.39 -11.29
C VAL C 173 1.11 41.01 -10.63
N VAL C 174 2.19 40.58 -9.97
CA VAL C 174 2.17 39.35 -9.17
C VAL C 174 2.25 39.71 -7.68
N VAL C 175 1.23 39.26 -6.93
CA VAL C 175 1.21 39.38 -5.47
C VAL C 175 1.13 38.01 -4.81
N ALA C 176 1.74 37.88 -3.62
CA ALA C 176 1.72 36.64 -2.85
C ALA C 176 1.32 36.93 -1.40
N SER C 177 0.28 36.25 -0.93
CA SER C 177 -0.24 36.43 0.42
C SER C 177 -0.80 35.10 0.93
N PRO C 178 -0.21 34.50 1.98
CA PRO C 178 1.06 34.92 2.60
C PRO C 178 2.24 34.74 1.66
N ALA C 179 3.30 35.52 1.87
CA ALA C 179 4.46 35.53 0.97
C ALA C 179 5.66 34.75 1.51
N ASN C 180 6.44 34.19 0.58
CA ASN C 180 7.80 33.73 0.83
C ASN C 180 8.67 34.93 0.40
N PRO C 181 9.53 35.48 1.27
CA PRO C 181 9.98 34.87 2.54
C PRO C 181 9.47 35.51 3.84
N THR C 182 8.61 36.52 3.72
CA THR C 182 8.22 37.35 4.86
C THR C 182 7.21 36.65 5.77
N GLY C 183 6.26 35.95 5.15
CA GLY C 183 5.11 35.39 5.84
C GLY C 183 3.98 36.38 6.02
N THR C 184 4.14 37.60 5.51
CA THR C 184 3.12 38.64 5.68
C THR C 184 1.96 38.38 4.74
N VAL C 185 0.75 38.68 5.20
CA VAL C 185 -0.43 38.67 4.33
C VAL C 185 -0.82 40.09 3.92
N ILE C 186 -1.24 40.26 2.67
CA ILE C 186 -1.87 41.50 2.23
C ILE C 186 -3.25 41.54 2.90
N PRO C 187 -3.55 42.63 3.64
CA PRO C 187 -4.88 42.81 4.24
C PRO C 187 -6.01 42.81 3.18
N PRO C 188 -7.18 42.23 3.52
CA PRO C 188 -8.28 42.07 2.54
C PRO C 188 -8.61 43.34 1.75
N GLU C 189 -8.67 44.48 2.44
CA GLU C 189 -8.95 45.79 1.84
C GLU C 189 -7.90 46.16 0.79
N GLU C 190 -6.61 45.98 1.13
CA GLU C 190 -5.51 46.34 0.24
C GLU C 190 -5.45 45.47 -1.01
N LEU C 191 -5.67 44.16 -0.85
CA LEU C 191 -5.73 43.23 -1.97
C LEU C 191 -6.88 43.56 -2.93
N ALA C 192 -8.05 43.87 -2.34
CA ALA C 192 -9.23 44.31 -3.10
C ALA C 192 -8.92 45.59 -3.88
N ALA C 193 -8.25 46.53 -3.22
CA ALA C 193 -7.82 47.79 -3.83
C ALA C 193 -6.87 47.51 -5.00
N ILE C 194 -5.86 46.66 -4.76
CA ILE C 194 -4.92 46.20 -5.79
C ILE C 194 -5.67 45.53 -6.95
N ALA C 195 -6.63 44.67 -6.61
CA ALA C 195 -7.46 43.98 -7.60
C ALA C 195 -8.28 44.97 -8.44
N SER C 196 -8.92 45.92 -7.76
CA SER C 196 -9.74 46.94 -8.41
C SER C 196 -8.92 47.83 -9.33
N TRP C 197 -7.75 48.28 -8.83
CA TRP C 197 -6.82 49.10 -9.60
C TRP C 197 -6.46 48.42 -10.92
N CYS C 198 -6.09 47.15 -10.84
CA CYS C 198 -5.71 46.34 -11.99
C CYS C 198 -6.76 46.34 -13.10
N ASP C 199 -8.02 46.09 -12.72
CA ASP C 199 -9.16 46.13 -13.65
C ASP C 199 -9.24 47.48 -14.37
N ALA C 200 -9.23 48.55 -13.58
CA ALA C 200 -9.31 49.92 -14.09
C ALA C 200 -8.14 50.26 -15.01
N SER C 201 -6.95 49.78 -14.67
CA SER C 201 -5.72 50.08 -15.40
C SER C 201 -5.44 49.10 -16.55
N ASP C 202 -6.35 48.14 -16.75
CA ASP C 202 -6.21 47.05 -17.74
C ASP C 202 -4.90 46.25 -17.56
N VAL C 203 -4.58 45.96 -16.29
CA VAL C 203 -3.38 45.21 -15.90
C VAL C 203 -3.82 43.86 -15.35
N ARG C 204 -3.14 42.79 -15.76
CA ARG C 204 -3.46 41.45 -15.30
C ARG C 204 -2.88 41.16 -13.92
N LEU C 205 -3.73 40.71 -12.99
CA LEU C 205 -3.26 40.33 -11.66
C LEU C 205 -3.07 38.82 -11.51
N ILE C 206 -1.87 38.45 -11.06
CA ILE C 206 -1.56 37.07 -10.72
C ILE C 206 -1.48 36.99 -9.19
N SER C 207 -2.47 36.34 -8.60
CA SER C 207 -2.56 36.22 -7.14
C SER C 207 -2.05 34.85 -6.68
N ASP C 208 -0.84 34.85 -6.12
CA ASP C 208 -0.27 33.67 -5.49
C ASP C 208 -0.93 33.49 -4.13
N GLU C 209 -1.69 32.41 -4.02
CA GLU C 209 -2.47 32.10 -2.82
C GLU C 209 -2.06 30.72 -2.28
N VAL C 210 -0.81 30.34 -2.57
CA VAL C 210 -0.22 29.05 -2.25
C VAL C 210 -0.21 28.72 -0.74
N TYR C 211 0.03 29.73 0.09
CA TYR C 211 0.11 29.54 1.54
C TYR C 211 -1.20 29.74 2.31
N HIS C 212 -2.29 29.93 1.58
CA HIS C 212 -3.63 29.98 2.17
C HIS C 212 -3.90 28.73 2.99
N GLY C 213 -4.53 28.91 4.15
CA GLY C 213 -4.75 27.83 5.11
C GLY C 213 -3.71 27.79 6.21
N LEU C 214 -2.56 28.40 5.95
CA LEU C 214 -1.48 28.49 6.92
C LEU C 214 -1.35 29.93 7.41
N VAL C 215 -2.22 30.28 8.36
CA VAL C 215 -2.30 31.62 8.95
C VAL C 215 -2.35 31.56 10.47
N TYR C 216 -1.81 32.58 11.12
CA TYR C 216 -1.68 32.58 12.58
C TYR C 216 -2.68 33.52 13.25
N GLN C 217 -2.98 33.27 14.52
CA GLN C 217 -3.96 34.07 15.27
C GLN C 217 -3.54 35.54 15.41
N GLY C 218 -4.48 36.43 15.13
CA GLY C 218 -4.25 37.88 15.27
C GLY C 218 -3.62 38.54 14.05
N ALA C 219 -3.36 37.74 13.02
CA ALA C 219 -2.89 38.20 11.73
C ALA C 219 -4.10 38.72 10.97
N PRO C 220 -3.89 39.62 9.96
CA PRO C 220 -4.97 39.95 9.00
C PRO C 220 -5.51 38.68 8.33
N GLN C 221 -6.80 38.68 8.02
CA GLN C 221 -7.45 37.53 7.39
C GLN C 221 -6.98 37.41 5.95
N THR C 222 -6.98 36.21 5.42
CA THR C 222 -6.61 35.99 4.03
C THR C 222 -7.87 36.05 3.19
N SER C 223 -7.70 36.40 1.93
CA SER C 223 -8.80 36.54 0.99
C SER C 223 -8.38 36.14 -0.41
N CYS C 224 -9.35 35.63 -1.18
CA CYS C 224 -9.13 35.28 -2.57
C CYS C 224 -9.35 36.51 -3.44
N ALA C 225 -8.51 36.66 -4.46
CA ALA C 225 -8.63 37.74 -5.44
C ALA C 225 -9.99 37.76 -6.12
N TRP C 226 -10.59 36.59 -6.29
CA TRP C 226 -11.92 36.43 -6.90
C TRP C 226 -13.10 36.91 -6.04
N GLN C 227 -12.82 37.33 -4.81
CA GLN C 227 -13.81 38.02 -3.99
C GLN C 227 -14.08 39.43 -4.53
N THR C 228 -13.07 40.03 -5.15
CA THR C 228 -13.18 41.38 -5.74
C THR C 228 -13.34 41.30 -7.25
N SER C 229 -12.37 40.67 -7.92
CA SER C 229 -12.31 40.64 -9.38
C SER C 229 -12.04 39.24 -9.89
N ARG C 230 -12.79 38.83 -10.91
CA ARG C 230 -12.58 37.53 -11.56
C ARG C 230 -11.68 37.65 -12.79
N ASN C 231 -11.14 38.85 -13.01
CA ASN C 231 -10.18 39.09 -14.08
C ASN C 231 -8.80 38.60 -13.70
N ALA C 232 -8.53 38.51 -12.39
CA ALA C 232 -7.25 38.04 -11.86
C ALA C 232 -7.08 36.53 -12.02
N VAL C 233 -5.82 36.09 -12.16
CA VAL C 233 -5.47 34.67 -12.16
C VAL C 233 -5.04 34.27 -10.75
N VAL C 234 -5.72 33.26 -10.20
CA VAL C 234 -5.41 32.74 -8.87
C VAL C 234 -4.51 31.52 -9.03
N VAL C 235 -3.39 31.51 -8.32
CA VAL C 235 -2.47 30.39 -8.32
C VAL C 235 -2.47 29.80 -6.90
N ASN C 236 -2.65 28.48 -6.83
CA ASN C 236 -2.63 27.76 -5.56
C ASN C 236 -2.03 26.37 -5.74
N SER C 237 -1.75 25.70 -4.62
CA SER C 237 -1.04 24.42 -4.64
C SER C 237 -1.47 23.48 -3.51
N PHE C 238 -1.15 22.20 -3.69
CA PHE C 238 -1.29 21.19 -2.64
C PHE C 238 0.00 21.03 -1.83
N SER C 239 1.03 21.79 -2.21
CA SER C 239 2.37 21.61 -1.67
C SER C 239 2.55 22.02 -0.22
N LYS C 240 1.88 23.08 0.21
CA LYS C 240 2.19 23.66 1.51
C LYS C 240 1.16 23.36 2.58
N TYR C 241 -0.10 23.72 2.34
CA TYR C 241 -1.14 23.46 3.31
C TYR C 241 -1.41 21.96 3.46
N TYR C 242 -1.48 21.27 2.32
CA TYR C 242 -1.72 19.83 2.31
C TYR C 242 -0.45 18.99 2.30
N ALA C 243 0.70 19.65 2.43
CA ALA C 243 2.02 19.01 2.51
C ALA C 243 2.33 17.95 1.43
N MET C 244 1.78 18.16 0.23
CA MET C 244 1.95 17.25 -0.90
C MET C 244 3.03 17.76 -1.85
N THR C 245 4.09 18.28 -1.26
CA THR C 245 5.17 18.99 -1.94
C THR C 245 5.81 18.26 -3.13
N GLY C 246 6.18 16.99 -2.94
CA GLY C 246 6.78 16.17 -4.01
C GLY C 246 5.80 15.52 -4.97
N TRP C 247 4.50 15.69 -4.71
CA TRP C 247 3.44 15.16 -5.57
C TRP C 247 3.25 16.00 -6.83
N ARG C 248 3.80 17.22 -6.81
CA ARG C 248 3.76 18.20 -7.92
C ARG C 248 2.33 18.43 -8.44
N LEU C 249 1.48 18.92 -7.55
CA LEU C 249 0.09 19.18 -7.92
C LEU C 249 -0.41 20.51 -7.38
N GLY C 250 -1.04 21.27 -8.26
CA GLY C 250 -1.67 22.55 -7.90
C GLY C 250 -2.83 22.87 -8.83
N TRP C 251 -3.39 24.07 -8.66
CA TRP C 251 -4.48 24.53 -9.54
C TRP C 251 -4.46 26.02 -9.81
N LEU C 252 -5.17 26.40 -10.88
CA LEU C 252 -5.42 27.79 -11.22
C LEU C 252 -6.92 28.06 -11.25
N LEU C 253 -7.32 29.24 -10.81
CA LEU C 253 -8.63 29.79 -11.17
C LEU C 253 -8.41 30.69 -12.38
N VAL C 254 -8.93 30.25 -13.53
CA VAL C 254 -8.68 30.92 -14.81
C VAL C 254 -9.90 31.75 -15.21
N PRO C 255 -9.67 33.06 -15.53
CA PRO C 255 -10.72 33.92 -16.10
C PRO C 255 -11.23 33.35 -17.42
N THR C 256 -12.52 33.53 -17.68
CA THR C 256 -13.22 32.96 -18.85
C THR C 256 -12.48 33.20 -20.17
N VAL C 257 -11.98 34.42 -20.35
CA VAL C 257 -11.29 34.85 -21.57
C VAL C 257 -9.98 34.07 -21.82
N LEU C 258 -9.33 33.62 -20.74
CA LEU C 258 -8.03 32.94 -20.82
C LEU C 258 -8.11 31.41 -20.85
N ARG C 259 -9.32 30.86 -20.70
CA ARG C 259 -9.52 29.42 -20.59
C ARG C 259 -9.09 28.61 -21.81
N ARG C 260 -9.42 29.11 -23.01
CA ARG C 260 -9.02 28.47 -24.26
C ARG C 260 -7.49 28.43 -24.39
N ALA C 261 -6.85 29.57 -24.10
CA ALA C 261 -5.38 29.68 -24.16
C ALA C 261 -4.69 28.74 -23.18
N VAL C 262 -5.20 28.67 -21.95
CA VAL C 262 -4.64 27.80 -20.90
C VAL C 262 -4.79 26.32 -21.27
N ASP C 263 -5.97 25.95 -21.78
CA ASP C 263 -6.26 24.59 -22.25
C ASP C 263 -5.28 24.13 -23.34
N CYS C 264 -5.05 24.97 -24.34
CA CYS C 264 -4.17 24.65 -25.46
C CYS C 264 -2.71 24.54 -25.03
N LEU C 265 -2.27 25.45 -24.15
CA LEU C 265 -0.91 25.46 -23.64
C LEU C 265 -0.61 24.23 -22.77
N THR C 266 -1.53 23.91 -21.85
CA THR C 266 -1.32 22.80 -20.92
C THR C 266 -1.20 21.43 -21.59
N GLY C 267 -2.05 21.20 -22.60
CA GLY C 267 -2.02 19.96 -23.38
C GLY C 267 -0.73 19.77 -24.15
N ASN C 268 -0.20 20.87 -24.71
CA ASN C 268 1.05 20.82 -25.45
C ASN C 268 2.27 20.74 -24.55
N PHE C 269 2.28 21.53 -23.48
CA PHE C 269 3.44 21.64 -22.58
C PHE C 269 3.59 20.53 -21.55
N THR C 270 2.46 20.01 -21.03
CA THR C 270 2.47 19.02 -19.94
C THR C 270 1.69 17.73 -20.25
N ILE C 271 0.84 17.78 -21.28
CA ILE C 271 -0.20 16.75 -21.57
C ILE C 271 -1.29 16.70 -20.50
N CYS C 272 -0.90 16.39 -19.26
CA CYS C 272 -1.79 16.42 -18.09
C CYS C 272 -0.94 16.47 -16.81
N PRO C 273 -1.54 16.87 -15.66
CA PRO C 273 -0.84 16.80 -14.36
C PRO C 273 -0.65 15.35 -13.88
N PRO C 274 0.23 15.10 -12.90
CA PRO C 274 0.43 13.74 -12.37
C PRO C 274 -0.88 13.10 -11.91
N VAL C 275 -1.23 11.98 -12.55
CA VAL C 275 -2.55 11.37 -12.44
C VAL C 275 -2.77 10.68 -11.08
N LEU C 276 -1.73 10.02 -10.57
CA LEU C 276 -1.78 9.43 -9.23
C LEU C 276 -1.97 10.53 -8.17
N SER C 277 -1.30 11.66 -8.36
CA SER C 277 -1.44 12.83 -7.48
C SER C 277 -2.86 13.41 -7.55
N GLN C 278 -3.43 13.47 -8.75
CA GLN C 278 -4.81 13.93 -8.98
C GLN C 278 -5.85 13.08 -8.25
N ILE C 279 -5.80 11.76 -8.47
CA ILE C 279 -6.74 10.81 -7.86
C ILE C 279 -6.64 10.88 -6.33
N ALA C 280 -5.41 10.91 -5.83
CA ALA C 280 -5.14 10.98 -4.40
C ALA C 280 -5.61 12.28 -3.74
N ALA C 281 -5.47 13.39 -4.47
CA ALA C 281 -5.79 14.72 -3.92
C ALA C 281 -7.27 15.00 -3.69
N VAL C 282 -8.14 14.22 -4.33
CA VAL C 282 -9.58 14.25 -4.06
C VAL C 282 -9.85 14.00 -2.56
N SER C 283 -9.09 13.06 -1.98
CA SER C 283 -9.17 12.75 -0.55
C SER C 283 -8.55 13.79 0.40
N ALA C 284 -7.95 14.85 -0.15
CA ALA C 284 -7.46 15.97 0.67
C ALA C 284 -8.60 16.77 1.28
N PHE C 285 -9.78 16.71 0.65
CA PHE C 285 -10.93 17.49 1.06
C PHE C 285 -11.87 16.72 2.00
N THR C 286 -11.35 15.65 2.59
CA THR C 286 -12.04 14.88 3.63
C THR C 286 -11.85 15.58 4.99
N PRO C 287 -12.76 15.33 5.97
CA PRO C 287 -12.55 15.84 7.34
C PRO C 287 -11.26 15.38 8.01
N GLU C 288 -10.87 14.12 7.77
CA GLU C 288 -9.65 13.55 8.36
C GLU C 288 -8.37 14.22 7.85
N ALA C 289 -8.30 14.45 6.53
CA ALA C 289 -7.15 15.12 5.91
C ALA C 289 -7.01 16.57 6.37
N THR C 290 -8.15 17.26 6.48
CA THR C 290 -8.22 18.64 6.96
C THR C 290 -7.75 18.75 8.42
N ALA C 291 -8.12 17.76 9.24
CA ALA C 291 -7.68 17.69 10.64
C ALA C 291 -6.17 17.53 10.77
N GLU C 292 -5.59 16.69 9.90
CA GLU C 292 -4.15 16.46 9.85
C GLU C 292 -3.39 17.68 9.36
N ALA C 293 -3.96 18.37 8.37
CA ALA C 293 -3.41 19.62 7.84
C ALA C 293 -3.42 20.72 8.90
N ASP C 294 -4.55 20.89 9.58
CA ASP C 294 -4.70 21.84 10.68
C ASP C 294 -3.83 21.47 11.88
N GLY C 295 -3.64 20.17 12.09
CA GLY C 295 -2.72 19.64 13.09
C GLY C 295 -1.29 20.08 12.88
N ASN C 296 -0.84 20.07 11.62
CA ASN C 296 0.46 20.61 11.23
C ASN C 296 0.57 22.10 11.56
N LEU C 297 -0.48 22.86 11.26
CA LEU C 297 -0.55 24.28 11.56
C LEU C 297 -0.43 24.58 13.06
N ALA C 298 -1.10 23.77 13.87
CA ALA C 298 -1.03 23.86 15.34
C ALA C 298 0.40 23.70 15.84
N SER C 299 1.11 22.73 15.25
CA SER C 299 2.52 22.50 15.52
C SER C 299 3.39 23.68 15.09
N TYR C 300 3.03 24.31 13.97
CA TYR C 300 3.74 25.49 13.47
C TYR C 300 3.53 26.69 14.40
N ALA C 301 2.30 26.87 14.89
CA ALA C 301 1.95 27.98 15.77
C ALA C 301 2.77 27.97 17.07
N ILE C 302 2.89 26.78 17.67
CA ILE C 302 3.73 26.52 18.83
C ILE C 302 5.18 26.89 18.49
N ASN C 303 5.65 26.41 17.34
CA ASN C 303 7.00 26.66 16.84
C ASN C 303 7.25 28.15 16.61
N ARG C 304 6.25 28.85 16.06
CA ARG C 304 6.31 30.29 15.81
C ARG C 304 6.55 31.05 17.11
N SER C 305 5.70 30.78 18.11
CA SER C 305 5.80 31.42 19.43
C SER C 305 7.18 31.25 20.05
N LEU C 306 7.69 30.01 20.06
CA LEU C 306 9.02 29.73 20.58
C LEU C 306 10.10 30.50 19.83
N LEU C 307 9.98 30.56 18.51
CA LEU C 307 10.98 31.24 17.66
C LEU C 307 10.99 32.75 17.85
N LEU C 308 9.83 33.38 17.78
CA LEU C 308 9.69 34.83 17.96
C LEU C 308 10.20 35.28 19.33
N ASP C 309 9.71 34.61 20.39
CA ASP C 309 10.11 34.91 21.77
C ASP C 309 11.60 34.68 21.98
N GLY C 310 12.13 33.60 21.41
CA GLY C 310 13.56 33.30 21.45
C GLY C 310 14.41 34.34 20.73
N LEU C 311 13.92 34.80 19.58
CA LEU C 311 14.67 35.77 18.77
C LEU C 311 14.87 37.12 19.48
N ARG C 312 13.84 37.59 20.17
CA ARG C 312 13.91 38.83 20.96
C ARG C 312 14.98 38.76 22.05
N ARG C 313 15.00 37.63 22.77
CA ARG C 313 15.95 37.36 23.84
C ARG C 313 17.40 37.40 23.38
N ILE C 314 17.67 36.87 22.18
CA ILE C 314 19.04 36.85 21.64
C ILE C 314 19.40 38.18 20.96
N GLY C 315 18.39 39.02 20.70
CA GLY C 315 18.61 40.39 20.21
C GLY C 315 18.16 40.71 18.80
N ILE C 316 17.45 39.79 18.16
CA ILE C 316 16.90 39.98 16.82
C ILE C 316 15.40 40.29 16.95
N ASP C 317 15.07 41.58 16.93
CA ASP C 317 13.70 42.03 17.23
C ASP C 317 12.97 42.75 16.08
N ARG C 318 13.70 43.06 15.01
CA ARG C 318 13.09 43.69 13.82
C ARG C 318 12.73 42.62 12.78
N LEU C 319 11.45 42.25 12.76
CA LEU C 319 10.98 41.15 11.90
C LEU C 319 9.78 41.57 11.06
N ALA C 320 9.71 41.02 9.85
CA ALA C 320 8.51 41.10 9.00
C ALA C 320 7.35 40.38 9.70
N PRO C 321 6.13 40.95 9.67
CA PRO C 321 4.98 40.34 10.35
C PRO C 321 4.73 38.89 9.93
N THR C 322 4.96 37.96 10.86
CA THR C 322 4.72 36.53 10.62
C THR C 322 3.23 36.22 10.71
N ASP C 323 2.54 36.46 9.60
CA ASP C 323 1.08 36.30 9.52
C ASP C 323 0.66 34.90 9.10
N GLY C 324 1.51 34.29 8.27
CA GLY C 324 1.23 32.99 7.69
C GLY C 324 2.49 32.35 7.15
N ALA C 325 2.31 31.35 6.30
CA ALA C 325 3.39 30.47 5.84
C ALA C 325 4.08 29.81 7.03
N PHE C 326 5.39 29.57 6.94
CA PHE C 326 6.17 29.08 8.07
C PHE C 326 7.58 29.69 8.08
N TYR C 327 7.63 31.01 7.86
CA TYR C 327 8.89 31.75 7.82
C TYR C 327 8.91 32.97 8.71
N VAL C 328 10.07 33.23 9.30
CA VAL C 328 10.38 34.51 9.94
C VAL C 328 11.44 35.21 9.09
N TYR C 329 11.12 36.43 8.66
CA TYR C 329 12.05 37.23 7.89
C TYR C 329 12.69 38.26 8.83
N ALA C 330 13.97 38.03 9.13
CA ALA C 330 14.64 38.70 10.24
C ALA C 330 15.71 39.67 9.78
N ASP C 331 15.66 40.88 10.32
CA ASP C 331 16.68 41.90 10.08
C ASP C 331 17.91 41.62 10.94
N VAL C 332 18.98 41.15 10.31
CA VAL C 332 20.21 40.80 11.02
C VAL C 332 21.33 41.82 10.84
N SER C 333 21.01 43.05 10.42
CA SER C 333 22.03 44.02 9.99
C SER C 333 23.02 44.42 11.09
N ASP C 334 22.52 44.54 12.32
CA ASP C 334 23.33 44.85 13.51
C ASP C 334 24.49 43.87 13.72
N PHE C 335 24.24 42.60 13.38
CA PHE C 335 25.22 41.56 13.58
C PHE C 335 26.14 41.35 12.38
N THR C 336 25.73 41.83 11.20
CA THR C 336 26.51 41.62 9.95
C THR C 336 26.21 42.58 8.81
N SER C 337 27.26 42.95 8.08
CA SER C 337 27.14 43.68 6.82
C SER C 337 26.65 42.79 5.68
N ASP C 338 27.08 41.52 5.67
CA ASP C 338 26.69 40.55 4.65
C ASP C 338 26.00 39.33 5.27
N SER C 339 24.74 39.12 4.88
CA SER C 339 23.92 38.01 5.38
C SER C 339 24.39 36.64 4.86
N LEU C 340 24.92 36.61 3.64
CA LEU C 340 25.42 35.37 3.03
C LEU C 340 26.57 34.78 3.86
N ALA C 341 27.49 35.65 4.27
CA ALA C 341 28.62 35.27 5.14
C ALA C 341 28.14 34.77 6.50
N PHE C 342 27.17 35.50 7.08
CA PHE C 342 26.57 35.18 8.37
C PHE C 342 26.06 33.73 8.42
N CYS C 343 25.21 33.38 7.45
CA CYS C 343 24.61 32.05 7.33
C CYS C 343 25.63 30.93 7.12
N SER C 344 26.62 31.19 6.26
CA SER C 344 27.69 30.23 6.00
C SER C 344 28.49 29.92 7.27
N LYS C 345 28.80 30.96 8.04
CA LYS C 345 29.55 30.83 9.29
C LYS C 345 28.80 30.04 10.36
N LEU C 346 27.51 30.38 10.56
CA LEU C 346 26.65 29.70 11.55
C LEU C 346 26.56 28.19 11.31
N LEU C 347 26.43 27.80 10.05
CA LEU C 347 26.43 26.40 9.65
C LEU C 347 27.77 25.74 9.96
N ALA C 348 28.87 26.40 9.58
CA ALA C 348 30.22 25.91 9.84
C ALA C 348 30.52 25.80 11.35
N ASP C 349 30.01 26.76 12.11
CA ASP C 349 30.27 26.83 13.55
C ASP C 349 29.30 26.01 14.43
N THR C 350 28.01 26.18 14.23
CA THR C 350 27.00 25.55 15.08
C THR C 350 26.27 24.38 14.41
N GLY C 351 26.19 24.42 13.08
CA GLY C 351 25.43 23.44 12.31
C GLY C 351 23.96 23.81 12.10
N VAL C 352 23.54 24.95 12.63
CA VAL C 352 22.22 25.50 12.39
C VAL C 352 22.18 26.10 10.98
N ALA C 353 21.21 25.65 10.18
CA ALA C 353 21.08 26.08 8.78
C ALA C 353 19.93 27.05 8.59
N ILE C 354 20.25 28.25 8.12
CA ILE C 354 19.27 29.31 7.79
C ILE C 354 19.53 29.87 6.38
N ALA C 355 18.49 30.44 5.78
CA ALA C 355 18.58 30.97 4.41
C ALA C 355 18.93 32.46 4.36
N PRO C 356 19.95 32.83 3.56
CA PRO C 356 20.30 34.25 3.39
C PRO C 356 19.29 35.02 2.56
N GLY C 357 19.05 36.27 2.92
CA GLY C 357 18.08 37.12 2.24
C GLY C 357 18.41 37.52 0.81
N ILE C 358 19.68 37.34 0.42
CA ILE C 358 20.16 37.67 -0.94
C ILE C 358 19.40 36.91 -2.02
N ASP C 359 19.02 35.66 -1.72
CA ASP C 359 18.24 34.79 -2.59
C ASP C 359 16.86 35.36 -2.95
N PHE C 360 16.33 36.18 -2.07
CA PHE C 360 14.99 36.75 -2.22
C PHE C 360 15.01 38.21 -2.63
N ASP C 361 16.10 38.90 -2.27
CA ASP C 361 16.28 40.31 -2.59
C ASP C 361 17.76 40.55 -2.93
N THR C 362 18.01 40.88 -4.19
CA THR C 362 19.38 41.16 -4.65
C THR C 362 19.91 42.51 -4.13
N ALA C 363 19.03 43.51 -4.04
CA ALA C 363 19.40 44.85 -3.60
C ALA C 363 19.58 44.98 -2.09
N ARG C 364 18.57 44.54 -1.32
CA ARG C 364 18.52 44.80 0.13
C ARG C 364 18.65 43.56 1.03
N GLY C 365 18.73 42.38 0.41
CA GLY C 365 18.72 41.10 1.14
C GLY C 365 19.88 40.78 2.06
N GLY C 366 21.01 41.46 1.85
CA GLY C 366 22.24 41.26 2.62
C GLY C 366 22.12 41.68 4.08
N SER C 367 21.02 42.38 4.40
CA SER C 367 20.68 42.73 5.78
C SER C 367 19.74 41.71 6.40
N PHE C 368 19.29 40.74 5.61
CA PHE C 368 18.17 39.89 6.01
C PHE C 368 18.42 38.38 5.99
N VAL C 369 17.59 37.67 6.74
CA VAL C 369 17.69 36.22 6.93
C VAL C 369 16.28 35.63 6.99
N ARG C 370 16.13 34.41 6.45
CA ARG C 370 14.86 33.68 6.51
C ARG C 370 15.00 32.40 7.33
N ILE C 371 14.19 32.30 8.38
CA ILE C 371 14.19 31.14 9.28
C ILE C 371 12.86 30.38 9.14
N SER C 372 12.96 29.07 8.93
CA SER C 372 11.79 28.21 8.77
C SER C 372 11.46 27.47 10.05
N PHE C 373 10.19 27.45 10.42
CA PHE C 373 9.74 26.78 11.65
C PHE C 373 8.77 25.63 11.43
N ALA C 374 8.89 24.97 10.27
CA ALA C 374 8.03 23.86 9.90
C ALA C 374 8.54 22.48 10.37
N GLY C 375 9.69 22.45 11.04
CA GLY C 375 10.25 21.24 11.61
C GLY C 375 9.70 20.89 12.99
N PRO C 376 10.35 19.96 13.70
CA PRO C 376 10.01 19.70 15.12
C PRO C 376 10.42 20.86 16.04
N SER C 377 9.70 21.01 17.16
CA SER C 377 9.99 22.03 18.18
C SER C 377 11.39 21.91 18.78
N GLY C 378 11.86 20.67 18.94
CA GLY C 378 13.22 20.36 19.37
C GLY C 378 14.27 21.11 18.56
N ASP C 379 14.14 21.06 17.23
CA ASP C 379 14.99 21.80 16.29
C ASP C 379 15.03 23.30 16.60
N ILE C 380 13.86 23.91 16.74
CA ILE C 380 13.74 25.33 17.12
C ILE C 380 14.47 25.61 18.44
N GLU C 381 14.15 24.81 19.46
CA GLU C 381 14.71 24.95 20.81
C GLU C 381 16.23 24.82 20.85
N GLU C 382 16.74 23.78 20.17
CA GLU C 382 18.18 23.52 20.08
C GLU C 382 18.91 24.59 19.28
N ALA C 383 18.26 25.04 18.20
CA ALA C 383 18.79 26.13 17.35
C ALA C 383 18.95 27.40 18.18
N LEU C 384 17.93 27.73 18.98
CA LEU C 384 17.99 28.89 19.85
C LEU C 384 19.12 28.83 20.86
N ARG C 385 19.38 27.64 21.43
CA ARG C 385 20.51 27.44 22.35
C ARG C 385 21.85 27.70 21.68
N ARG C 386 21.98 27.23 20.44
CA ARG C 386 23.24 27.32 19.70
C ARG C 386 23.55 28.74 19.20
N ILE C 387 22.53 29.45 18.71
CA ILE C 387 22.68 30.85 18.26
C ILE C 387 23.00 31.75 19.44
N GLY C 388 22.32 31.54 20.57
CA GLY C 388 22.55 32.28 21.82
C GLY C 388 23.98 32.24 22.35
N SER C 389 24.67 31.10 22.16
CA SER C 389 26.07 30.94 22.57
C SER C 389 27.03 31.54 21.54
N TRP C 390 26.63 31.48 20.28
CA TRP C 390 27.48 31.83 19.13
C TRP C 390 27.46 33.33 18.80
N LEU C 391 26.27 33.92 18.80
CA LEU C 391 26.04 35.30 18.34
C LEU C 391 26.81 36.41 19.10
N PRO C 392 26.87 36.37 20.46
CA PRO C 392 27.58 37.45 21.17
C PRO C 392 29.06 37.61 20.84
N SER C 393 29.70 36.55 20.35
CA SER C 393 31.11 36.60 19.94
C SER C 393 31.28 36.85 18.43
N GLN C 394 30.27 37.48 17.83
CA GLN C 394 30.28 37.90 16.42
C GLN C 394 30.25 39.43 16.29
N ASP D 9 -10.11 42.61 -22.80
CA ASP D 9 -9.44 41.55 -21.98
C ASP D 9 -8.28 40.96 -22.78
N ARG D 10 -7.06 41.10 -22.24
CA ARG D 10 -5.84 40.75 -22.98
C ARG D 10 -5.43 39.28 -22.84
N VAL D 11 -5.23 38.65 -24.00
CA VAL D 11 -4.65 37.30 -24.09
C VAL D 11 -3.39 37.45 -24.92
N ALA D 12 -2.29 36.82 -24.48
CA ALA D 12 -1.02 36.85 -25.20
C ALA D 12 -1.15 36.23 -26.59
N LEU D 13 -0.44 36.83 -27.55
CA LEU D 13 -0.43 36.34 -28.94
C LEU D 13 0.25 34.98 -29.05
N ARG D 14 1.34 34.80 -28.30
CA ARG D 14 2.09 33.55 -28.23
C ARG D 14 1.27 32.37 -27.65
N ALA D 15 0.30 32.71 -26.81
CA ALA D 15 -0.64 31.75 -26.23
C ALA D 15 -1.58 31.16 -27.28
N GLY D 16 -1.86 31.93 -28.32
CA GLY D 16 -2.71 31.50 -29.44
C GLY D 16 -2.04 30.46 -30.32
N VAL D 17 -1.76 29.29 -29.73
CA VAL D 17 -1.21 28.13 -30.44
C VAL D 17 -2.32 27.13 -30.74
N PRO D 18 -2.14 26.26 -31.77
CA PRO D 18 -3.09 25.15 -31.98
C PRO D 18 -3.13 24.21 -30.77
N PRO D 19 -4.30 23.58 -30.49
CA PRO D 19 -4.35 22.52 -29.47
C PRO D 19 -3.62 21.23 -29.90
N PHE D 20 -3.35 20.38 -28.91
CA PHE D 20 -2.77 19.06 -29.18
C PHE D 20 -3.69 18.09 -29.93
N MET D 23 -5.69 14.62 -28.53
CA MET D 23 -6.58 14.93 -27.40
C MET D 23 -8.04 15.18 -27.83
N ASP D 24 -8.21 15.95 -28.91
CA ASP D 24 -9.53 16.29 -29.48
C ASP D 24 -10.30 15.06 -29.97
N VAL D 25 -9.58 14.11 -30.58
CA VAL D 25 -10.14 12.82 -30.99
C VAL D 25 -10.59 12.01 -29.79
N TRP D 26 -9.78 12.07 -28.71
CA TRP D 26 -10.08 11.36 -27.45
C TRP D 26 -11.40 11.83 -26.82
N LEU D 27 -11.69 13.13 -26.93
CA LEU D 27 -12.96 13.72 -26.51
C LEU D 27 -14.13 13.17 -27.32
N ALA D 28 -13.95 13.10 -28.64
CA ALA D 28 -14.96 12.58 -29.57
C ALA D 28 -15.34 11.13 -29.26
N ALA D 29 -14.34 10.31 -28.98
CA ALA D 29 -14.51 8.91 -28.60
C ALA D 29 -15.34 8.78 -27.31
N ALA D 30 -15.00 9.60 -26.31
CA ALA D 30 -15.67 9.62 -25.00
C ALA D 30 -17.19 9.82 -25.11
N GLU D 31 -17.60 10.72 -25.99
CA GLU D 31 -19.02 11.01 -26.26
C GLU D 31 -19.79 9.80 -26.80
N ARG D 32 -19.14 9.00 -27.64
CA ARG D 32 -19.74 7.78 -28.21
C ARG D 32 -20.12 6.76 -27.14
N GLN D 33 -19.27 6.59 -26.13
CA GLN D 33 -19.56 5.69 -25.00
C GLN D 33 -20.74 6.19 -24.16
N GLY D 37 -22.83 4.35 -28.80
CA GLY D 37 -22.45 3.19 -29.59
C GLY D 37 -21.60 2.16 -28.87
N ASP D 38 -20.87 1.37 -29.66
CA ASP D 38 -20.01 0.29 -29.18
C ASP D 38 -18.57 0.66 -29.53
N LEU D 39 -17.93 1.43 -28.65
CA LEU D 39 -16.62 2.03 -28.94
C LEU D 39 -15.47 1.04 -29.00
N VAL D 40 -14.81 1.02 -30.16
CA VAL D 40 -13.54 0.35 -30.35
C VAL D 40 -12.53 1.47 -30.58
N ASN D 41 -11.56 1.59 -29.67
CA ASN D 41 -10.62 2.71 -29.70
C ASN D 41 -9.24 2.33 -30.20
N LEU D 42 -8.90 2.89 -31.37
CA LEU D 42 -7.57 2.73 -31.98
C LEU D 42 -6.94 4.10 -32.21
N SER D 43 -7.36 5.08 -31.42
CA SER D 43 -6.93 6.48 -31.56
C SER D 43 -5.98 6.95 -30.44
N ALA D 44 -5.71 6.08 -29.47
CA ALA D 44 -4.93 6.44 -28.28
C ALA D 44 -3.44 6.61 -28.55
N GLY D 45 -2.82 7.57 -27.86
CA GLY D 45 -1.39 7.82 -27.96
C GLY D 45 -0.65 7.32 -26.72
N GLN D 46 -1.15 6.24 -26.15
CA GLN D 46 -0.63 5.68 -24.90
C GLN D 46 -0.88 4.17 -24.82
N PRO D 47 -0.06 3.44 -24.02
CA PRO D 47 -0.34 2.03 -23.75
C PRO D 47 -1.64 1.84 -22.98
N SER D 48 -2.29 0.69 -23.19
CA SER D 48 -3.47 0.31 -22.43
C SER D 48 -3.07 -0.29 -21.08
N ALA D 49 -1.85 -0.82 -21.00
CA ALA D 49 -1.27 -1.31 -19.75
C ALA D 49 -0.79 -0.16 -18.86
N GLY D 50 -0.77 -0.41 -17.55
CA GLY D 50 -0.21 0.52 -16.59
C GLY D 50 1.24 0.21 -16.26
N ALA D 51 1.75 0.83 -15.19
CA ALA D 51 3.11 0.64 -14.71
C ALA D 51 3.37 -0.82 -14.32
N PRO D 52 4.62 -1.30 -14.49
CA PRO D 52 4.91 -2.68 -14.05
C PRO D 52 4.77 -2.83 -12.55
N GLU D 53 4.45 -4.04 -12.10
CA GLU D 53 4.20 -4.33 -10.68
C GLU D 53 5.34 -3.96 -9.71
N PRO D 54 6.63 -4.17 -10.11
CA PRO D 54 7.72 -3.70 -9.23
C PRO D 54 7.73 -2.19 -9.01
N VAL D 55 7.34 -1.42 -10.04
CA VAL D 55 7.23 0.04 -9.96
C VAL D 55 6.11 0.41 -8.98
N ARG D 56 4.95 -0.23 -9.14
CA ARG D 56 3.79 0.00 -8.27
C ARG D 56 4.08 -0.38 -6.81
N ALA D 57 4.81 -1.49 -6.63
CA ALA D 57 5.21 -1.96 -5.29
C ALA D 57 6.15 -0.98 -4.60
N ALA D 58 7.10 -0.42 -5.37
CA ALA D 58 8.05 0.57 -4.85
C ALA D 58 7.34 1.85 -4.42
N ALA D 59 6.33 2.27 -5.18
CA ALA D 59 5.51 3.44 -4.85
C ALA D 59 4.68 3.20 -3.59
N ALA D 60 4.07 2.02 -3.51
CA ALA D 60 3.26 1.62 -2.36
C ALA D 60 4.06 1.61 -1.05
N ALA D 61 5.30 1.12 -1.13
CA ALA D 61 6.24 1.11 0.00
C ALA D 61 6.70 2.53 0.36
N ALA D 62 6.98 3.34 -0.66
CA ALA D 62 7.44 4.73 -0.48
C ALA D 62 6.42 5.61 0.22
N LEU D 63 5.12 5.35 -0.01
CA LEU D 63 4.04 6.05 0.66
C LEU D 63 4.06 5.88 2.19
N HIS D 64 4.64 4.76 2.63
CA HIS D 64 4.82 4.48 4.04
C HIS D 64 6.18 4.94 4.58
N LEU D 65 7.23 4.75 3.77
CA LEU D 65 8.61 4.98 4.21
C LEU D 65 9.21 6.37 3.94
N ASN D 66 8.65 7.07 2.95
CA ASN D 66 9.21 8.35 2.53
C ASN D 66 8.23 9.51 2.71
N GLN D 67 8.77 10.64 3.17
CA GLN D 67 8.04 11.90 3.36
C GLN D 67 7.46 12.44 2.04
N LEU D 68 8.16 12.14 0.95
CA LEU D 68 7.85 12.65 -0.39
C LEU D 68 7.89 14.17 -0.45
N GLY D 69 8.94 14.75 0.13
CA GLY D 69 9.27 16.17 -0.05
C GLY D 69 9.94 16.39 -1.39
N TYR D 70 10.35 17.63 -1.65
CA TYR D 70 11.12 17.97 -2.85
C TYR D 70 12.42 17.18 -2.89
N SER D 71 12.72 16.60 -4.05
CA SER D 71 14.03 16.01 -4.29
C SER D 71 14.97 17.11 -4.80
N VAL D 72 16.25 16.77 -4.95
CA VAL D 72 17.19 17.64 -5.66
C VAL D 72 16.70 17.85 -7.10
N ALA D 73 16.89 19.06 -7.61
CA ALA D 73 16.31 19.50 -8.90
C ALA D 73 16.54 18.53 -10.07
N LEU D 74 17.76 18.02 -10.18
CA LEU D 74 18.15 17.16 -11.30
C LEU D 74 17.64 15.72 -11.18
N GLY D 75 17.10 15.38 -10.02
CA GLY D 75 16.54 14.05 -9.77
C GLY D 75 17.40 13.23 -8.83
N ILE D 76 16.77 12.25 -8.17
CA ILE D 76 17.44 11.41 -7.18
C ILE D 76 18.61 10.61 -7.78
N PRO D 77 19.75 10.51 -7.04
CA PRO D 77 20.94 9.79 -7.53
C PRO D 77 20.64 8.37 -8.00
N GLU D 78 19.80 7.64 -7.25
CA GLU D 78 19.48 6.23 -7.53
C GLU D 78 18.88 6.02 -8.93
N LEU D 79 17.96 6.91 -9.31
CA LEU D 79 17.31 6.85 -10.62
C LEU D 79 18.26 7.26 -11.74
N ARG D 80 19.07 8.29 -11.48
CA ARG D 80 20.10 8.73 -12.40
C ARG D 80 21.14 7.66 -12.67
N ASP D 81 21.59 6.99 -11.60
CA ASP D 81 22.52 5.86 -11.66
C ASP D 81 21.94 4.70 -12.47
N ALA D 82 20.66 4.39 -12.24
CA ALA D 82 19.96 3.30 -12.91
C ALA D 82 19.81 3.52 -14.42
N ILE D 83 19.49 4.75 -14.81
CA ILE D 83 19.35 5.14 -16.22
C ILE D 83 20.70 5.06 -16.94
N ALA D 84 21.74 5.64 -16.33
CA ALA D 84 23.12 5.58 -16.85
C ALA D 84 23.60 4.14 -17.06
N ALA D 85 23.31 3.28 -16.08
CA ALA D 85 23.67 1.86 -16.14
C ALA D 85 22.88 1.07 -17.19
N ASP D 86 21.68 1.55 -17.52
CA ASP D 86 20.81 0.92 -18.52
C ASP D 86 21.35 1.10 -19.94
N TYR D 87 21.95 2.27 -20.20
CA TYR D 87 22.60 2.56 -21.49
C TYR D 87 23.78 1.63 -21.77
N GLN D 88 24.52 1.29 -20.70
CA GLN D 88 25.61 0.33 -20.77
C GLN D 88 25.09 -1.11 -20.93
N ARG D 89 24.28 -1.56 -19.96
CA ARG D 89 23.80 -2.93 -19.86
C ARG D 89 23.00 -3.43 -21.07
N ARG D 90 22.24 -2.53 -21.68
CA ARG D 90 21.38 -2.89 -22.81
C ARG D 90 21.91 -2.45 -24.18
N HIS D 91 22.65 -1.34 -24.23
CA HIS D 91 23.05 -0.74 -25.52
C HIS D 91 24.54 -0.44 -25.68
N GLY D 92 25.33 -0.79 -24.67
CA GLY D 92 26.80 -0.72 -24.72
C GLY D 92 27.42 0.67 -24.90
N ILE D 93 26.72 1.70 -24.44
CA ILE D 93 27.23 3.07 -24.45
C ILE D 93 27.46 3.54 -23.01
N THR D 94 28.64 4.12 -22.75
CA THR D 94 29.00 4.61 -21.43
C THR D 94 28.45 6.02 -21.22
N VAL D 95 27.55 6.16 -20.24
CA VAL D 95 26.95 7.44 -19.90
C VAL D 95 27.22 7.71 -18.42
N GLU D 96 27.78 8.88 -18.14
CA GLU D 96 28.00 9.34 -16.76
C GLU D 96 26.66 9.74 -16.13
N PRO D 97 26.45 9.40 -14.83
CA PRO D 97 25.22 9.81 -14.12
C PRO D 97 24.90 11.31 -14.21
N ASP D 98 25.95 12.15 -14.24
CA ASP D 98 25.81 13.61 -14.36
C ASP D 98 25.21 14.08 -15.69
N ALA D 99 25.32 13.24 -16.72
CA ALA D 99 24.71 13.49 -18.03
C ALA D 99 23.18 13.38 -17.97
N VAL D 100 22.69 12.53 -17.07
CA VAL D 100 21.26 12.27 -16.91
C VAL D 100 20.63 13.38 -16.05
N VAL D 101 19.54 13.95 -16.56
CA VAL D 101 18.70 14.90 -15.82
C VAL D 101 17.27 14.37 -15.85
N ILE D 102 16.70 14.16 -14.68
CA ILE D 102 15.31 13.66 -14.56
C ILE D 102 14.34 14.83 -14.79
N THR D 103 13.28 14.56 -15.55
CA THR D 103 12.31 15.58 -15.97
C THR D 103 10.86 15.12 -15.74
N THR D 104 9.93 16.08 -15.67
CA THR D 104 8.50 15.81 -15.55
C THR D 104 7.95 15.39 -16.93
N GLY D 105 8.14 14.11 -17.25
CA GLY D 105 7.87 13.58 -18.59
C GLY D 105 8.88 14.09 -19.61
N SER D 106 8.77 13.58 -20.83
CA SER D 106 9.56 14.11 -21.94
C SER D 106 9.06 15.50 -22.34
N SER D 107 7.76 15.75 -22.12
CA SER D 107 7.15 17.09 -22.28
C SER D 107 7.85 18.16 -21.45
N GLY D 108 8.19 17.81 -20.21
CA GLY D 108 8.98 18.68 -19.34
C GLY D 108 10.42 18.81 -19.85
N GLY D 109 10.93 17.69 -20.38
CA GLY D 109 12.26 17.62 -20.97
C GLY D 109 12.43 18.52 -22.19
N PHE D 110 11.40 18.55 -23.05
CA PHE D 110 11.38 19.42 -24.24
C PHE D 110 11.37 20.90 -23.87
N LEU D 111 10.61 21.26 -22.83
CA LEU D 111 10.59 22.62 -22.30
C LEU D 111 11.99 23.08 -21.88
N LEU D 112 12.71 22.21 -21.16
CA LEU D 112 14.07 22.48 -20.71
C LEU D 112 15.04 22.54 -21.88
N ALA D 113 14.95 21.55 -22.77
CA ALA D 113 15.81 21.47 -23.95
C ALA D 113 15.68 22.70 -24.86
N PHE D 114 14.44 23.12 -25.12
CA PHE D 114 14.20 24.26 -26.02
C PHE D 114 14.63 25.59 -25.41
N LEU D 115 14.41 25.77 -24.11
CA LEU D 115 14.84 26.98 -23.39
C LEU D 115 16.36 27.09 -23.23
N ALA D 116 17.02 25.95 -23.02
CA ALA D 116 18.48 25.91 -22.83
C ALA D 116 19.24 26.05 -24.14
N CYS D 117 18.69 25.50 -25.22
CA CYS D 117 19.38 25.45 -26.51
C CYS D 117 19.10 26.63 -27.44
N PHE D 118 17.87 27.14 -27.40
CA PHE D 118 17.42 28.13 -28.38
C PHE D 118 16.90 29.42 -27.76
N ASP D 119 17.25 30.54 -28.41
CA ASP D 119 16.67 31.84 -28.11
C ASP D 119 15.45 32.07 -28.99
N ALA D 120 14.63 33.06 -28.64
CA ALA D 120 13.48 33.45 -29.45
C ALA D 120 13.96 33.92 -30.83
N GLY D 121 13.29 33.43 -31.87
CA GLY D 121 13.64 33.74 -33.26
C GLY D 121 14.53 32.72 -33.94
N ASP D 122 15.06 31.76 -33.18
CA ASP D 122 15.89 30.69 -33.73
C ASP D 122 15.10 29.73 -34.60
N ARG D 123 15.73 29.30 -35.69
CA ARG D 123 15.12 28.39 -36.64
C ARG D 123 15.37 26.94 -36.21
N VAL D 124 14.28 26.24 -35.90
CA VAL D 124 14.33 24.83 -35.51
C VAL D 124 13.51 24.00 -36.49
N ALA D 125 14.14 22.98 -37.05
CA ALA D 125 13.54 22.10 -38.06
C ALA D 125 13.04 20.77 -37.49
N MET D 126 11.99 20.24 -38.13
CA MET D 126 11.37 18.96 -37.75
C MET D 126 10.62 18.35 -38.93
N ALA D 127 10.53 17.02 -38.92
CA ALA D 127 9.80 16.28 -39.95
C ALA D 127 8.30 16.51 -39.87
N SER D 128 7.67 16.53 -41.03
CA SER D 128 6.22 16.55 -41.16
C SER D 128 5.82 15.41 -42.11
N PRO D 129 5.00 14.44 -41.67
CA PRO D 129 4.30 14.47 -40.37
C PRO D 129 5.18 14.18 -39.15
N GLY D 130 4.74 14.69 -38.01
CA GLY D 130 5.42 14.47 -36.74
C GLY D 130 4.53 14.76 -35.55
N TYR D 131 5.11 14.69 -34.36
CA TYR D 131 4.42 14.97 -33.12
C TYR D 131 4.09 16.46 -33.06
N PRO D 132 2.78 16.81 -32.99
CA PRO D 132 2.32 18.20 -33.06
C PRO D 132 2.89 19.14 -31.99
N CYS D 133 3.16 18.60 -30.80
CA CYS D 133 3.56 19.39 -29.64
C CYS D 133 4.93 20.08 -29.76
N TYR D 134 5.86 19.50 -30.54
CA TYR D 134 7.15 20.17 -30.78
C TYR D 134 6.94 21.54 -31.42
N ARG D 135 6.12 21.58 -32.48
CA ARG D 135 5.76 22.81 -33.18
C ARG D 135 5.14 23.83 -32.21
N ASN D 136 4.17 23.36 -31.43
CA ASN D 136 3.39 24.22 -30.54
C ASN D 136 4.15 24.75 -29.35
N ILE D 137 5.06 23.95 -28.78
CA ILE D 137 5.95 24.40 -27.70
C ILE D 137 6.93 25.44 -28.24
N LEU D 138 7.60 25.12 -29.35
CA LEU D 138 8.57 26.01 -29.98
C LEU D 138 7.96 27.34 -30.43
N SER D 139 6.76 27.29 -30.99
CA SER D 139 6.01 28.49 -31.39
C SER D 139 5.70 29.40 -30.19
N ALA D 140 5.20 28.80 -29.12
CA ALA D 140 4.86 29.52 -27.89
C ALA D 140 6.11 30.11 -27.21
N LEU D 141 7.24 29.41 -27.33
CA LEU D 141 8.51 29.89 -26.79
C LEU D 141 9.24 30.86 -27.74
N GLY D 142 8.57 31.26 -28.82
CA GLY D 142 9.05 32.31 -29.72
C GLY D 142 10.06 31.90 -30.79
N CYS D 143 10.23 30.60 -30.98
CA CYS D 143 11.11 30.07 -32.03
C CYS D 143 10.41 30.03 -33.40
N GLU D 144 11.22 29.96 -34.46
CA GLU D 144 10.73 29.80 -35.82
C GLU D 144 10.79 28.32 -36.19
N VAL D 145 9.62 27.74 -36.46
CA VAL D 145 9.48 26.32 -36.79
C VAL D 145 9.60 26.10 -38.30
N VAL D 146 10.57 25.27 -38.69
CA VAL D 146 10.80 24.92 -40.09
C VAL D 146 10.33 23.49 -40.35
N GLU D 147 9.18 23.35 -41.00
CA GLU D 147 8.66 22.03 -41.38
C GLU D 147 9.49 21.46 -42.53
N ILE D 148 9.88 20.19 -42.40
CA ILE D 148 10.51 19.44 -43.49
C ILE D 148 9.52 18.37 -43.91
N PRO D 149 8.81 18.58 -45.05
CA PRO D 149 7.86 17.57 -45.52
C PRO D 149 8.57 16.28 -45.91
N CYS D 150 8.13 15.18 -45.33
CA CYS D 150 8.70 13.87 -45.60
C CYS D 150 7.62 12.91 -46.07
N GLY D 151 7.98 12.04 -47.00
CA GLY D 151 7.05 11.06 -47.53
C GLY D 151 7.69 9.73 -47.82
N PRO D 152 6.92 8.80 -48.45
CA PRO D 152 7.39 7.44 -48.78
C PRO D 152 8.69 7.39 -49.57
N GLN D 153 8.90 8.37 -50.44
CA GLN D 153 10.14 8.49 -51.25
C GLN D 153 11.41 8.40 -50.42
N THR D 154 11.45 9.10 -49.28
CA THR D 154 12.59 8.97 -48.34
C THR D 154 12.21 8.14 -47.08
N ARG D 155 12.91 8.33 -45.97
CA ARG D 155 12.67 7.49 -44.79
C ARG D 155 11.30 7.71 -44.09
N PHE D 156 10.62 8.84 -44.40
CA PHE D 156 9.75 9.58 -43.46
C PHE D 156 10.56 10.11 -42.24
N GLN D 157 11.89 9.98 -42.31
CA GLN D 157 12.80 10.70 -41.47
C GLN D 157 13.73 11.53 -42.35
N PRO D 158 14.06 12.77 -41.91
CA PRO D 158 14.97 13.65 -42.65
C PRO D 158 16.38 13.10 -42.75
N THR D 159 17.15 13.63 -43.71
CA THR D 159 18.55 13.31 -43.88
C THR D 159 19.39 14.59 -43.86
N ALA D 160 20.70 14.43 -43.68
CA ALA D 160 21.68 15.53 -43.69
C ALA D 160 21.57 16.41 -44.94
N GLN D 161 21.54 15.74 -46.11
CA GLN D 161 21.35 16.38 -47.42
C GLN D 161 20.07 17.22 -47.46
N MET D 162 18.96 16.63 -46.98
CA MET D 162 17.68 17.33 -46.89
C MET D 162 17.77 18.58 -46.02
N LEU D 163 18.51 18.48 -44.92
CA LEU D 163 18.76 19.62 -44.04
C LEU D 163 19.62 20.67 -44.74
N ALA D 164 20.65 20.21 -45.46
CA ALA D 164 21.60 21.06 -46.17
C ALA D 164 20.91 21.99 -47.17
N GLU D 165 19.85 21.48 -47.81
CA GLU D 165 19.09 22.20 -48.83
C GLU D 165 18.19 23.33 -48.30
N ILE D 166 17.95 23.34 -46.99
CA ILE D 166 17.17 24.41 -46.34
C ILE D 166 17.96 25.73 -46.29
N ASP D 167 17.29 26.81 -46.67
CA ASP D 167 17.84 28.17 -46.53
C ASP D 167 16.79 29.15 -45.98
N PRO D 168 17.15 30.00 -45.00
CA PRO D 168 18.50 30.04 -44.36
C PRO D 168 18.70 29.03 -43.21
N LEU D 170 19.72 26.83 -40.12
CA LEU D 170 19.00 26.39 -38.93
C LEU D 170 19.87 26.47 -37.69
N ARG D 171 19.23 26.68 -36.54
CA ARG D 171 19.90 26.62 -35.23
C ARG D 171 19.69 25.26 -34.56
N GLY D 172 18.57 24.63 -34.87
CA GLY D 172 18.19 23.33 -34.30
C GLY D 172 17.47 22.36 -35.21
N VAL D 173 17.62 21.07 -34.92
CA VAL D 173 16.87 20.01 -35.59
C VAL D 173 16.31 19.04 -34.54
N VAL D 174 15.02 18.74 -34.66
CA VAL D 174 14.35 17.74 -33.82
C VAL D 174 14.01 16.51 -34.66
N VAL D 175 14.55 15.35 -34.27
CA VAL D 175 14.24 14.07 -34.90
C VAL D 175 13.64 13.09 -33.88
N ALA D 176 12.74 12.24 -34.34
CA ALA D 176 12.09 11.24 -33.49
C ALA D 176 12.15 9.86 -34.15
N SER D 177 12.71 8.90 -33.41
CA SER D 177 12.88 7.54 -33.91
C SER D 177 12.74 6.55 -32.73
N PRO D 178 11.71 5.70 -32.70
CA PRO D 178 10.57 5.70 -33.64
C PRO D 178 9.70 6.95 -33.47
N ALA D 179 9.00 7.33 -34.53
CA ALA D 179 8.21 8.56 -34.54
C ALA D 179 6.70 8.35 -34.34
N ASN D 180 6.06 9.34 -33.72
CA ASN D 180 4.61 9.50 -33.77
C ASN D 180 4.42 10.50 -34.92
N PRO D 181 3.62 10.17 -35.95
CA PRO D 181 2.65 9.06 -35.98
C PRO D 181 2.99 7.86 -36.87
N THR D 182 4.15 7.89 -37.50
CA THR D 182 4.50 6.91 -38.53
C THR D 182 4.89 5.55 -37.96
N GLY D 183 5.62 5.58 -36.84
CA GLY D 183 6.24 4.39 -36.27
C GLY D 183 7.57 4.03 -36.89
N THR D 184 8.02 4.84 -37.86
CA THR D 184 9.25 4.56 -38.60
C THR D 184 10.45 4.92 -37.73
N VAL D 185 11.52 4.14 -37.83
CA VAL D 185 12.79 4.48 -37.20
C VAL D 185 13.76 5.03 -38.26
N ILE D 186 14.52 6.05 -37.87
CA ILE D 186 15.65 6.51 -38.67
C ILE D 186 16.72 5.41 -38.58
N PRO D 187 17.17 4.88 -39.74
CA PRO D 187 18.23 3.84 -39.74
C PRO D 187 19.52 4.35 -39.09
N PRO D 188 20.26 3.47 -38.36
CA PRO D 188 21.43 3.90 -37.57
C PRO D 188 22.43 4.77 -38.35
N GLU D 189 22.72 4.37 -39.60
CA GLU D 189 23.62 5.13 -40.49
C GLU D 189 23.11 6.55 -40.75
N GLU D 190 21.83 6.68 -41.06
CA GLU D 190 21.21 7.98 -41.37
C GLU D 190 21.17 8.92 -40.16
N LEU D 191 20.83 8.38 -38.99
CA LEU D 191 20.83 9.15 -37.74
C LEU D 191 22.23 9.65 -37.39
N ALA D 192 23.23 8.77 -37.55
CA ALA D 192 24.65 9.12 -37.38
C ALA D 192 25.05 10.24 -38.33
N ALA D 193 24.62 10.11 -39.59
CA ALA D 193 24.87 11.12 -40.63
C ALA D 193 24.23 12.45 -40.24
N ILE D 194 22.97 12.40 -39.82
CA ILE D 194 22.23 13.57 -39.30
C ILE D 194 22.95 14.18 -38.10
N ALA D 195 23.41 13.32 -37.18
CA ALA D 195 24.16 13.74 -36.00
C ALA D 195 25.47 14.45 -36.41
N SER D 196 26.21 13.81 -37.32
CA SER D 196 27.48 14.35 -37.82
C SER D 196 27.31 15.67 -38.55
N TRP D 197 26.30 15.75 -39.41
CA TRP D 197 25.94 16.96 -40.16
C TRP D 197 25.75 18.14 -39.21
N CYS D 198 24.94 17.92 -38.17
CA CYS D 198 24.63 18.91 -37.14
C CYS D 198 25.88 19.52 -36.51
N ASP D 199 26.81 18.68 -36.09
CA ASP D 199 28.09 19.11 -35.52
C ASP D 199 28.84 20.02 -36.49
N ALA D 200 28.99 19.55 -37.73
CA ALA D 200 29.68 20.29 -38.79
C ALA D 200 29.01 21.63 -39.09
N SER D 201 27.69 21.65 -39.07
CA SER D 201 26.89 22.83 -39.42
C SER D 201 26.61 23.74 -38.22
N ASP D 202 27.15 23.37 -37.05
CA ASP D 202 26.93 24.08 -35.77
C ASP D 202 25.42 24.21 -35.42
N VAL D 203 24.69 23.12 -35.65
CA VAL D 203 23.25 23.04 -35.39
C VAL D 203 23.02 22.08 -34.22
N ARG D 204 22.16 22.47 -33.28
CA ARG D 204 21.84 21.61 -32.14
C ARG D 204 20.83 20.52 -32.51
N LEU D 205 21.16 19.27 -32.19
CA LEU D 205 20.24 18.16 -32.42
C LEU D 205 19.46 17.76 -31.16
N ILE D 206 18.15 17.70 -31.30
CA ILE D 206 17.26 17.19 -30.25
C ILE D 206 16.75 15.84 -30.74
N SER D 207 17.23 14.77 -30.09
CA SER D 207 16.90 13.41 -30.47
C SER D 207 15.81 12.84 -29.55
N ASP D 208 14.58 12.79 -30.06
CA ASP D 208 13.47 12.16 -29.36
C ASP D 208 13.63 10.65 -29.49
N GLU D 209 13.88 10.01 -28.36
CA GLU D 209 14.12 8.58 -28.29
C GLU D 209 13.11 7.91 -27.34
N VAL D 210 11.93 8.55 -27.24
CA VAL D 210 10.84 8.18 -26.33
C VAL D 210 10.31 6.76 -26.57
N TYR D 211 10.24 6.35 -27.82
CA TYR D 211 9.69 5.03 -28.19
C TYR D 211 10.71 3.90 -28.28
N HIS D 212 11.96 4.18 -27.91
CA HIS D 212 13.01 3.16 -27.80
C HIS D 212 12.54 2.02 -26.89
N GLY D 213 12.85 0.79 -27.29
CA GLY D 213 12.38 -0.40 -26.60
C GLY D 213 11.11 -0.99 -27.19
N LEU D 214 10.38 -0.18 -27.96
CA LEU D 214 9.24 -0.64 -28.72
C LEU D 214 9.58 -0.69 -30.21
N VAL D 215 10.23 -1.80 -30.58
CA VAL D 215 10.65 -2.05 -31.98
C VAL D 215 10.21 -3.44 -32.44
N TYR D 216 9.95 -3.56 -33.74
CA TYR D 216 9.40 -4.79 -34.30
C TYR D 216 10.48 -5.55 -35.11
N GLN D 217 10.27 -6.86 -35.28
CA GLN D 217 11.26 -7.76 -35.87
C GLN D 217 11.56 -7.40 -37.32
N GLY D 218 12.86 -7.31 -37.66
CA GLY D 218 13.32 -6.66 -38.89
C GLY D 218 13.36 -5.15 -38.84
N ALA D 219 12.41 -4.50 -39.50
CA ALA D 219 12.47 -3.04 -39.75
C ALA D 219 13.52 -2.17 -38.98
N PRO D 220 14.44 -1.54 -39.74
CA PRO D 220 15.60 -0.86 -39.29
C PRO D 220 16.26 -1.34 -38.07
N GLN D 221 16.67 -0.44 -37.18
CA GLN D 221 17.25 -0.72 -35.86
C GLN D 221 17.44 0.63 -35.13
N THR D 222 17.31 0.62 -33.82
CA THR D 222 17.32 1.87 -33.07
C THR D 222 18.74 2.11 -32.58
N SER D 223 19.07 3.38 -32.40
CA SER D 223 20.37 3.81 -31.92
C SER D 223 20.22 5.13 -31.17
N CYS D 224 21.11 5.35 -30.19
CA CYS D 224 21.15 6.60 -29.46
C CYS D 224 22.03 7.59 -30.22
N ALA D 225 21.61 8.86 -30.24
CA ALA D 225 22.37 9.95 -30.84
C ALA D 225 23.80 10.07 -30.27
N TRP D 226 23.94 9.71 -28.99
CA TRP D 226 25.23 9.74 -28.29
C TRP D 226 26.22 8.65 -28.70
N GLN D 227 25.79 7.75 -29.58
CA GLN D 227 26.71 6.80 -30.23
C GLN D 227 27.61 7.52 -31.24
N THR D 228 27.09 8.59 -31.84
CA THR D 228 27.84 9.39 -32.81
C THR D 228 28.36 10.68 -32.19
N SER D 229 27.45 11.50 -31.65
CA SER D 229 27.78 12.82 -31.12
C SER D 229 27.16 13.04 -29.76
N ARG D 230 27.95 13.58 -28.85
CA ARG D 230 27.48 13.94 -27.50
C ARG D 230 27.06 15.40 -27.42
N ASN D 231 27.07 16.08 -28.57
CA ASN D 231 26.60 17.45 -28.68
C ASN D 231 25.08 17.52 -28.72
N ALA D 232 24.45 16.42 -29.15
CA ALA D 232 23.00 16.32 -29.24
C ALA D 232 22.33 16.16 -27.88
N VAL D 233 21.11 16.66 -27.76
CA VAL D 233 20.28 16.45 -26.56
C VAL D 233 19.36 15.26 -26.81
N VAL D 234 19.44 14.27 -25.91
CA VAL D 234 18.61 13.07 -25.99
C VAL D 234 17.41 13.25 -25.07
N VAL D 235 16.22 13.02 -25.61
CA VAL D 235 14.98 13.10 -24.85
C VAL D 235 14.37 11.70 -24.80
N ASN D 236 14.03 11.25 -23.58
CA ASN D 236 13.42 9.94 -23.38
C ASN D 236 12.42 10.00 -22.23
N SER D 237 11.62 8.93 -22.08
CA SER D 237 10.52 8.91 -21.13
C SER D 237 10.25 7.52 -20.56
N PHE D 238 9.55 7.49 -19.42
CA PHE D 238 9.02 6.26 -18.84
C PHE D 238 7.60 5.99 -19.32
N SER D 239 7.05 6.88 -20.14
CA SER D 239 5.65 6.85 -20.54
C SER D 239 5.26 5.71 -21.46
N LYS D 240 6.14 5.33 -22.37
CA LYS D 240 5.73 4.42 -23.43
C LYS D 240 6.26 3.00 -23.25
N TYR D 241 7.57 2.84 -23.15
CA TYR D 241 8.13 1.51 -22.97
C TYR D 241 7.77 0.93 -21.60
N TYR D 242 7.89 1.76 -20.57
CA TYR D 242 7.57 1.34 -19.21
C TYR D 242 6.12 1.61 -18.79
N ALA D 243 5.32 2.09 -19.74
CA ALA D 243 3.88 2.35 -19.55
C ALA D 243 3.51 3.19 -18.31
N MET D 244 4.40 4.11 -17.94
CA MET D 244 4.21 4.97 -16.77
C MET D 244 3.72 6.35 -17.19
N THR D 245 2.79 6.33 -18.14
CA THR D 245 2.27 7.50 -18.84
C THR D 245 1.76 8.64 -17.93
N GLY D 246 0.91 8.30 -16.95
CA GLY D 246 0.36 9.28 -16.00
C GLY D 246 1.26 9.64 -14.82
N TRP D 247 2.41 8.97 -14.73
CA TRP D 247 3.38 9.22 -13.66
C TRP D 247 4.22 10.48 -13.94
N ARG D 248 4.16 10.95 -15.18
CA ARG D 248 4.87 12.16 -15.66
C ARG D 248 6.35 12.16 -15.31
N LEU D 249 7.07 11.16 -15.83
CA LEU D 249 8.49 11.04 -15.57
C LEU D 249 9.28 10.68 -16.82
N GLY D 250 10.37 11.41 -17.03
CA GLY D 250 11.29 11.17 -18.13
C GLY D 250 12.69 11.65 -17.80
N TRP D 251 13.59 11.57 -18.79
CA TRP D 251 14.95 12.06 -18.61
C TRP D 251 15.56 12.66 -19.87
N LEU D 252 16.61 13.45 -19.65
CA LEU D 252 17.45 14.00 -20.72
C LEU D 252 18.89 13.53 -20.55
N LEU D 253 19.56 13.27 -21.66
CA LEU D 253 21.02 13.22 -21.67
C LEU D 253 21.49 14.60 -22.14
N VAL D 254 22.09 15.34 -21.20
CA VAL D 254 22.47 16.73 -21.43
C VAL D 254 23.97 16.85 -21.72
N PRO D 255 24.33 17.51 -22.84
CA PRO D 255 25.73 17.84 -23.14
C PRO D 255 26.35 18.70 -22.04
N THR D 256 27.64 18.50 -21.77
CA THR D 256 28.35 19.16 -20.66
C THR D 256 28.14 20.68 -20.63
N VAL D 257 28.20 21.31 -21.80
CA VAL D 257 28.06 22.76 -21.94
C VAL D 257 26.68 23.29 -21.50
N LEU D 258 25.66 22.45 -21.63
CA LEU D 258 24.27 22.85 -21.34
C LEU D 258 23.78 22.49 -19.93
N ARG D 259 24.62 21.78 -19.17
CA ARG D 259 24.24 21.25 -17.85
C ARG D 259 23.89 22.31 -16.81
N ARG D 260 24.69 23.39 -16.76
CA ARG D 260 24.44 24.50 -15.85
C ARG D 260 23.10 25.18 -16.18
N ALA D 261 22.87 25.43 -17.47
CA ALA D 261 21.63 26.05 -17.95
C ALA D 261 20.39 25.21 -17.62
N VAL D 262 20.49 23.90 -17.85
CA VAL D 262 19.39 22.96 -17.59
C VAL D 262 19.07 22.88 -16.08
N ASP D 263 20.12 22.83 -15.27
CA ASP D 263 20.02 22.81 -13.80
C ASP D 263 19.27 24.04 -13.25
N CYS D 264 19.65 25.23 -13.74
CA CYS D 264 19.05 26.48 -13.28
C CYS D 264 17.59 26.62 -13.73
N LEU D 265 17.30 26.20 -14.96
CA LEU D 265 15.95 26.26 -15.51
C LEU D 265 15.01 25.31 -14.80
N THR D 266 15.44 24.07 -14.58
CA THR D 266 14.59 23.03 -13.96
C THR D 266 14.17 23.37 -12.53
N GLY D 267 15.10 23.91 -11.75
CA GLY D 267 14.84 24.34 -10.37
C GLY D 267 13.83 25.46 -10.28
N ASN D 268 13.92 26.41 -11.22
CA ASN D 268 12.99 27.54 -11.26
C ASN D 268 11.62 27.16 -11.84
N PHE D 269 11.62 26.38 -12.91
CA PHE D 269 10.40 26.03 -13.64
C PHE D 269 9.57 24.91 -13.03
N THR D 270 10.23 23.90 -12.43
CA THR D 270 9.56 22.70 -11.93
C THR D 270 9.86 22.38 -10.46
N ILE D 271 10.92 23.00 -9.91
CA ILE D 271 11.54 22.64 -8.61
C ILE D 271 12.20 21.25 -8.64
N CYS D 272 11.40 20.21 -8.89
CA CYS D 272 11.87 18.84 -9.08
C CYS D 272 10.80 18.00 -9.80
N PRO D 273 11.18 16.85 -10.39
CA PRO D 273 10.18 15.93 -10.97
C PRO D 273 9.35 15.23 -9.88
N PRO D 274 8.20 14.61 -10.23
CA PRO D 274 7.39 13.88 -9.23
C PRO D 274 8.20 12.84 -8.47
N VAL D 275 8.28 13.04 -7.14
CA VAL D 275 9.20 12.29 -6.28
C VAL D 275 8.77 10.83 -6.07
N LEU D 276 7.47 10.60 -5.93
CA LEU D 276 6.92 9.25 -5.86
C LEU D 276 7.20 8.48 -7.16
N SER D 277 7.07 9.16 -8.29
CA SER D 277 7.40 8.60 -9.60
C SER D 277 8.89 8.26 -9.72
N GLN D 278 9.74 9.14 -9.21
CA GLN D 278 11.19 8.94 -9.17
C GLN D 278 11.61 7.71 -8.39
N ILE D 279 11.15 7.61 -7.13
CA ILE D 279 11.46 6.50 -6.23
C ILE D 279 10.99 5.17 -6.85
N ALA D 280 9.77 5.19 -7.38
CA ALA D 280 9.16 4.01 -8.01
C ALA D 280 9.88 3.56 -9.28
N ALA D 281 10.37 4.51 -10.08
CA ALA D 281 10.98 4.22 -11.38
C ALA D 281 12.35 3.52 -11.30
N VAL D 282 13.01 3.59 -10.15
CA VAL D 282 14.23 2.81 -9.89
C VAL D 282 13.95 1.30 -10.10
N SER D 283 12.77 0.85 -9.67
CA SER D 283 12.33 -0.53 -9.85
C SER D 283 11.92 -0.91 -11.28
N ALA D 284 11.92 0.05 -12.21
CA ALA D 284 11.67 -0.24 -13.63
C ALA D 284 12.83 -1.03 -14.26
N PHE D 285 14.01 -0.91 -13.67
CA PHE D 285 15.22 -1.54 -14.21
C PHE D 285 15.50 -2.91 -13.59
N THR D 286 14.48 -3.49 -12.96
CA THR D 286 14.52 -4.86 -12.45
C THR D 286 14.23 -5.85 -13.60
N PRO D 287 14.67 -7.13 -13.47
CA PRO D 287 14.32 -8.16 -14.46
C PRO D 287 12.80 -8.38 -14.63
N GLU D 288 12.06 -8.32 -13.52
CA GLU D 288 10.60 -8.53 -13.54
C GLU D 288 9.85 -7.43 -14.30
N ALA D 289 10.24 -6.17 -14.08
CA ALA D 289 9.64 -5.02 -14.77
C ALA D 289 9.93 -5.05 -16.27
N THR D 290 11.16 -5.41 -16.63
CA THR D 290 11.61 -5.55 -18.02
C THR D 290 10.83 -6.66 -18.75
N ALA D 291 10.57 -7.76 -18.04
CA ALA D 291 9.77 -8.87 -18.58
C ALA D 291 8.33 -8.44 -18.89
N GLU D 292 7.75 -7.65 -17.99
CA GLU D 292 6.38 -7.12 -18.15
C GLU D 292 6.31 -6.11 -19.29
N ALA D 293 7.35 -5.28 -19.42
CA ALA D 293 7.48 -4.31 -20.51
C ALA D 293 7.60 -5.00 -21.87
N ASP D 294 8.48 -6.01 -21.94
CA ASP D 294 8.66 -6.82 -23.14
C ASP D 294 7.42 -7.67 -23.45
N GLY D 295 6.71 -8.08 -22.40
CA GLY D 295 5.43 -8.76 -22.53
C GLY D 295 4.39 -7.92 -23.25
N ASN D 296 4.34 -6.63 -22.92
CA ASN D 296 3.49 -5.66 -23.63
C ASN D 296 3.85 -5.56 -25.11
N LEU D 297 5.15 -5.51 -25.40
CA LEU D 297 5.66 -5.48 -26.77
C LEU D 297 5.26 -6.71 -27.58
N ALA D 298 5.32 -7.89 -26.95
CA ALA D 298 4.89 -9.15 -27.57
C ALA D 298 3.42 -9.10 -27.97
N SER D 299 2.59 -8.52 -27.10
CA SER D 299 1.18 -8.29 -27.37
C SER D 299 0.97 -7.30 -28.53
N TYR D 300 1.84 -6.28 -28.60
CA TYR D 300 1.80 -5.31 -29.69
C TYR D 300 2.17 -5.93 -31.04
N ALA D 301 3.20 -6.80 -31.02
CA ALA D 301 3.68 -7.47 -32.23
C ALA D 301 2.59 -8.32 -32.89
N ILE D 302 1.89 -9.09 -32.07
CA ILE D 302 0.72 -9.87 -32.47
C ILE D 302 -0.32 -8.94 -33.09
N ASN D 303 -0.62 -7.84 -32.38
CA ASN D 303 -1.57 -6.83 -32.81
C ASN D 303 -1.17 -6.18 -34.14
N ARG D 304 0.13 -5.90 -34.29
CA ARG D 304 0.69 -5.32 -35.51
C ARG D 304 0.42 -6.23 -36.71
N SER D 305 0.79 -7.50 -36.58
CA SER D 305 0.59 -8.50 -37.64
C SER D 305 -0.86 -8.58 -38.09
N LEU D 306 -1.79 -8.68 -37.13
CA LEU D 306 -3.21 -8.70 -37.42
C LEU D 306 -3.66 -7.45 -38.17
N LEU D 307 -3.18 -6.28 -37.71
CA LEU D 307 -3.57 -4.99 -38.30
C LEU D 307 -3.07 -4.80 -39.72
N LEU D 308 -1.77 -5.04 -39.95
CA LEU D 308 -1.15 -4.91 -41.27
C LEU D 308 -1.82 -5.84 -42.28
N ASP D 309 -1.93 -7.12 -41.94
CA ASP D 309 -2.55 -8.14 -42.79
C ASP D 309 -4.02 -7.81 -43.08
N GLY D 310 -4.72 -7.35 -42.05
CA GLY D 310 -6.11 -6.92 -42.17
C GLY D 310 -6.28 -5.71 -43.07
N LEU D 311 -5.35 -4.76 -42.97
CA LEU D 311 -5.41 -3.51 -43.75
C LEU D 311 -5.32 -3.76 -45.25
N ARG D 312 -4.42 -4.67 -45.65
CA ARG D 312 -4.25 -5.05 -47.06
C ARG D 312 -5.53 -5.59 -47.66
N ARG D 313 -6.18 -6.51 -46.92
CA ARG D 313 -7.49 -7.07 -47.31
C ARG D 313 -8.57 -6.00 -47.51
N ILE D 316 -6.06 -1.54 -48.39
CA ILE D 316 -5.26 -0.34 -48.09
C ILE D 316 -3.87 -0.79 -47.65
N ASP D 317 -2.92 -0.77 -48.60
CA ASP D 317 -1.62 -1.41 -48.42
C ASP D 317 -0.41 -0.48 -48.47
N ARG D 318 -0.64 0.81 -48.77
CA ARG D 318 0.41 1.83 -48.75
C ARG D 318 0.48 2.52 -47.38
N LEU D 319 1.42 2.08 -46.56
CA LEU D 319 1.60 2.57 -45.20
C LEU D 319 3.05 2.93 -44.92
N ALA D 320 3.25 3.85 -43.98
CA ALA D 320 4.56 4.18 -43.43
C ALA D 320 5.13 2.93 -42.71
N PRO D 321 6.44 2.65 -42.86
CA PRO D 321 7.03 1.46 -42.24
C PRO D 321 6.81 1.40 -40.72
N THR D 322 6.02 0.45 -40.27
CA THR D 322 5.74 0.24 -38.84
C THR D 322 6.94 -0.46 -38.17
N ASP D 323 7.95 0.32 -37.83
CA ASP D 323 9.21 -0.18 -37.29
C ASP D 323 9.20 -0.27 -35.77
N ALA D 325 7.14 1.95 -32.12
CA ALA D 325 5.98 2.55 -31.44
C ALA D 325 4.79 1.58 -31.47
N PHE D 326 3.58 2.12 -31.55
CA PHE D 326 2.37 1.30 -31.72
C PHE D 326 1.36 1.96 -32.64
N TYR D 327 1.86 2.48 -33.76
CA TYR D 327 1.04 3.18 -34.76
C TYR D 327 1.24 2.67 -36.17
N VAL D 328 0.14 2.64 -36.92
CA VAL D 328 0.17 2.49 -38.37
C VAL D 328 -0.27 3.82 -38.99
N TYR D 329 0.57 4.38 -39.85
CA TYR D 329 0.25 5.60 -40.56
C TYR D 329 -0.16 5.24 -41.98
N ASP D 331 -2.54 5.36 -44.22
CA ASP D 331 -2.08 6.11 -45.38
C ASP D 331 -3.16 6.48 -46.37
N VAL D 332 -4.42 6.18 -46.04
CA VAL D 332 -5.53 6.19 -47.01
C VAL D 332 -6.10 7.52 -47.60
N SER D 333 -6.37 7.51 -48.89
CA SER D 333 -6.69 8.71 -49.69
C SER D 333 -7.85 8.48 -50.69
N ASP D 334 -7.94 7.25 -51.20
CA ASP D 334 -8.98 6.81 -52.12
C ASP D 334 -10.40 7.13 -51.66
N PHE D 335 -10.64 7.01 -50.37
CA PHE D 335 -11.97 7.24 -49.80
C PHE D 335 -12.26 8.70 -49.45
N THR D 336 -11.18 9.47 -49.22
CA THR D 336 -11.29 10.89 -48.77
C THR D 336 -9.87 11.49 -48.57
N SER D 339 -9.50 13.55 -44.65
CA SER D 339 -9.35 12.55 -43.60
C SER D 339 -10.10 12.88 -42.31
N LEU D 340 -10.21 14.17 -41.98
CA LEU D 340 -10.91 14.63 -40.79
C LEU D 340 -12.37 14.21 -40.81
N ALA D 341 -13.01 14.41 -41.96
CA ALA D 341 -14.41 14.00 -42.18
C ALA D 341 -14.58 12.49 -42.11
N PHE D 342 -13.64 11.77 -42.74
CA PHE D 342 -13.61 10.30 -42.77
C PHE D 342 -13.68 9.71 -41.36
N CYS D 343 -12.75 10.15 -40.49
CA CYS D 343 -12.66 9.67 -39.09
C CYS D 343 -13.90 10.00 -38.26
N SER D 344 -14.42 11.22 -38.42
CA SER D 344 -15.63 11.64 -37.71
C SER D 344 -16.82 10.76 -38.06
N LYS D 345 -16.97 10.47 -39.36
CA LYS D 345 -18.07 9.65 -39.87
C LYS D 345 -18.01 8.21 -39.36
N LEU D 346 -16.82 7.59 -39.45
CA LEU D 346 -16.60 6.21 -39.01
C LEU D 346 -16.95 6.00 -37.53
N LEU D 347 -16.58 6.96 -36.69
CA LEU D 347 -16.95 6.94 -35.27
C LEU D 347 -18.47 7.05 -35.10
N ALA D 348 -19.08 8.00 -35.80
CA ALA D 348 -20.53 8.22 -35.76
C ALA D 348 -21.31 7.02 -36.28
N ASP D 349 -20.77 6.33 -37.30
CA ASP D 349 -21.41 5.18 -37.90
C ASP D 349 -21.04 3.91 -37.12
N THR D 350 -19.79 3.49 -37.20
CA THR D 350 -19.37 2.18 -36.70
C THR D 350 -18.98 2.17 -35.23
N GLY D 351 -18.52 3.32 -34.74
CA GLY D 351 -17.97 3.42 -33.39
C GLY D 351 -16.48 3.15 -33.28
N VAL D 352 -15.85 2.79 -34.40
CA VAL D 352 -14.39 2.59 -34.44
C VAL D 352 -13.73 3.97 -34.47
N ALA D 353 -12.82 4.20 -33.52
CA ALA D 353 -12.16 5.50 -33.36
C ALA D 353 -10.71 5.46 -33.84
N ILE D 354 -10.42 6.30 -34.83
CA ILE D 354 -9.06 6.48 -35.39
C ILE D 354 -8.72 7.97 -35.46
N ALA D 355 -7.41 8.28 -35.47
CA ALA D 355 -6.93 9.66 -35.48
C ALA D 355 -6.67 10.20 -36.89
N PRO D 356 -7.21 11.40 -37.21
CA PRO D 356 -6.97 12.03 -38.51
C PRO D 356 -5.57 12.58 -38.64
N GLY D 357 -4.99 12.46 -39.84
CA GLY D 357 -3.62 12.91 -40.10
C GLY D 357 -3.38 14.42 -40.05
N ILE D 358 -4.47 15.20 -40.10
CA ILE D 358 -4.40 16.67 -40.04
C ILE D 358 -3.71 17.17 -38.77
N ASP D 359 -3.94 16.47 -37.66
CA ASP D 359 -3.32 16.75 -36.35
C ASP D 359 -1.80 16.70 -36.37
N PHE D 360 -1.25 15.89 -37.28
CA PHE D 360 0.19 15.66 -37.36
C PHE D 360 0.83 16.38 -38.54
N ASP D 361 0.03 16.63 -39.57
CA ASP D 361 0.47 17.32 -40.78
C ASP D 361 -0.65 18.23 -41.26
N THR D 362 -0.40 19.54 -41.19
CA THR D 362 -1.38 20.54 -41.65
C THR D 362 -1.50 20.59 -43.18
N ALA D 363 -0.37 20.41 -43.87
CA ALA D 363 -0.32 20.48 -45.34
C ALA D 363 -0.85 19.21 -46.03
N ARG D 364 -0.32 18.05 -45.64
CA ARG D 364 -0.57 16.79 -46.37
C ARG D 364 -1.39 15.74 -45.60
N GLY D 365 -1.74 16.04 -44.35
CA GLY D 365 -2.39 15.08 -43.45
C GLY D 365 -3.81 14.63 -43.81
N GLY D 366 -4.49 15.40 -44.66
CA GLY D 366 -5.87 15.11 -45.07
C GLY D 366 -5.99 13.88 -45.94
N PHE D 368 -4.28 11.22 -44.85
CA PHE D 368 -3.69 10.23 -43.94
C PHE D 368 -4.47 9.97 -42.64
N VAL D 369 -4.20 8.82 -42.04
CA VAL D 369 -4.88 8.35 -40.83
C VAL D 369 -3.88 7.61 -39.94
N ARG D 370 -4.03 7.75 -38.63
CA ARG D 370 -3.18 7.04 -37.67
C ARG D 370 -3.99 6.06 -36.82
N ILE D 371 -3.59 4.79 -36.87
CA ILE D 371 -4.27 3.72 -36.15
C ILE D 371 -3.35 3.14 -35.08
N SER D 372 -3.87 3.04 -33.85
CA SER D 372 -3.11 2.55 -32.70
C SER D 372 -3.45 1.10 -32.40
N PHE D 373 -2.41 0.29 -32.17
CA PHE D 373 -2.60 -1.13 -31.86
C PHE D 373 -2.09 -1.56 -30.48
N ALA D 374 -2.14 -0.63 -29.52
CA ALA D 374 -1.67 -0.89 -28.16
C ALA D 374 -2.75 -1.45 -27.22
N GLY D 375 -3.97 -1.62 -27.74
CA GLY D 375 -5.08 -2.21 -26.98
C GLY D 375 -5.10 -3.72 -27.02
N PRO D 376 -6.22 -4.34 -26.58
CA PRO D 376 -6.40 -5.80 -26.71
C PRO D 376 -6.62 -6.24 -28.17
N SER D 377 -6.21 -7.47 -28.48
CA SER D 377 -6.30 -8.04 -29.85
C SER D 377 -7.74 -8.11 -30.37
N GLY D 378 -8.68 -8.39 -29.47
CA GLY D 378 -10.12 -8.37 -29.76
C GLY D 378 -10.56 -7.08 -30.44
N ASP D 379 -10.13 -5.94 -29.87
CA ASP D 379 -10.38 -4.61 -30.43
C ASP D 379 -9.89 -4.49 -31.88
N ILE D 380 -8.64 -4.89 -32.12
CA ILE D 380 -8.06 -4.90 -33.47
C ILE D 380 -8.91 -5.75 -34.42
N GLU D 381 -9.19 -6.99 -34.00
CA GLU D 381 -9.94 -7.96 -34.80
C GLU D 381 -11.36 -7.48 -35.14
N GLU D 382 -12.05 -6.96 -34.13
CA GLU D 382 -13.40 -6.43 -34.28
C GLU D 382 -13.43 -5.16 -35.15
N ALA D 383 -12.40 -4.31 -35.02
CA ALA D 383 -12.28 -3.08 -35.73
C ALA D 383 -12.55 -3.10 -37.21
N LEU D 384 -11.92 -4.04 -37.91
CA LEU D 384 -12.09 -4.08 -39.39
C LEU D 384 -13.53 -4.42 -39.79
N ARG D 385 -14.06 -3.66 -40.74
CA ARG D 385 -15.47 -3.76 -41.15
C ARG D 385 -15.61 -3.18 -42.54
#